data_3U07
#
_entry.id   3U07
#
_cell.length_a   51.445
_cell.length_b   96.320
_cell.length_c   100.540
_cell.angle_alpha   60.610
_cell.angle_beta   80.870
_cell.angle_gamma   86.550
#
_symmetry.space_group_name_H-M   'P 1'
#
loop_
_entity.id
_entity.type
_entity.pdbx_description
1 polymer 'uncharacterized protein VPA0106'
2 water water
#
_entity_poly.entity_id   1
_entity_poly.type   'polypeptide(L)'
_entity_poly.pdbx_seq_one_letter_code
;(MSE)KQKLLVTLLGLSALGASPVFAANTNVDLAEDAYIYGYSIDEAYKFFYHTAVENNYPLNEFQNRRALADDSYTAHP
TINNDTLHL(MSE)GWLDVAAEPVIVSVPD(MSE)DEGRYWILHT(MSE)D(MSE)GHYTNAAFSSRTRGTKGGQF
(MSE)FAAQDWQGEVPASVDEVVRVDSNLVKL(MSE)GRI(MSE)AVNDEDAKVALNY(MSE)DQWNIRTLSEYLGKNGP
KPVQRTYPDPKKSTWLERVNFVLCDGS(MSE)GNADKQWLDKYQSIGVEPCKTDFTPEQLKLAKVGEKKG(MSE)EHLVE
LAPK(MSE)TDARTLLGTRDTLGDAPRDIFAEGTYLGQWGLPPIEASYRKSDFDSIGQKLDGSKHDYV(MSE)RFKAPNV
SEFWSVTIYGNDNRL(MSE)AKNDLNRHSRGDRT(MSE)KADKDGYYTIY(MSE)SANEKGRADDPNFLPVPEKPFYAI
(MSE)RFYGADDAIQSGEYQ(MSE)PEIKVVKLEHHHHHH
;
_entity_poly.pdbx_strand_id   A,B,C
#
# COMPACT_ATOMS: atom_id res chain seq x y z
N THR A 25 10.48 -4.19 33.01
CA THR A 25 10.92 -5.43 33.74
C THR A 25 9.70 -6.13 34.30
N ASN A 26 9.35 -5.81 35.54
CA ASN A 26 8.15 -6.40 36.14
C ASN A 26 7.00 -5.49 35.68
N VAL A 27 7.35 -4.27 35.29
CA VAL A 27 6.38 -3.30 34.79
C VAL A 27 5.97 -3.76 33.39
N ASP A 28 6.95 -4.28 32.63
CA ASP A 28 6.68 -4.78 31.29
C ASP A 28 5.76 -6.00 31.39
N LEU A 29 6.07 -6.89 32.33
CA LEU A 29 5.28 -8.10 32.51
C LEU A 29 3.86 -7.72 32.93
N ALA A 30 3.75 -6.77 33.85
CA ALA A 30 2.45 -6.31 34.33
C ALA A 30 1.60 -5.76 33.18
N GLU A 31 2.23 -5.05 32.24
CA GLU A 31 1.51 -4.50 31.11
C GLU A 31 0.96 -5.64 30.24
N ASP A 32 1.81 -6.62 29.96
CA ASP A 32 1.38 -7.74 29.15
C ASP A 32 0.32 -8.56 29.88
N ALA A 33 0.46 -8.68 31.21
CA ALA A 33 -0.51 -9.44 31.99
C ALA A 33 -1.88 -8.80 31.85
N TYR A 34 -1.95 -7.48 31.99
CA TYR A 34 -3.23 -6.81 31.86
C TYR A 34 -3.80 -6.94 30.45
N ILE A 35 -2.94 -6.83 29.44
CA ILE A 35 -3.41 -6.93 28.05
C ILE A 35 -4.00 -8.32 27.78
N TYR A 36 -3.42 -9.36 28.38
CA TYR A 36 -3.97 -10.71 28.23
C TYR A 36 -5.33 -10.76 28.93
N GLY A 37 -5.39 -10.19 30.13
CA GLY A 37 -6.63 -10.19 30.91
C GLY A 37 -7.73 -9.29 30.40
N TYR A 38 -7.34 -8.27 29.64
CA TYR A 38 -8.30 -7.29 29.11
C TYR A 38 -9.54 -7.90 28.45
N SER A 39 -9.34 -8.81 27.51
CA SER A 39 -10.47 -9.41 26.82
C SER A 39 -11.43 -10.11 27.79
N ILE A 40 -10.88 -10.83 28.76
CA ILE A 40 -11.70 -11.51 29.76
C ILE A 40 -12.38 -10.49 30.66
N ASP A 41 -11.63 -9.49 31.11
CA ASP A 41 -12.19 -8.48 31.98
C ASP A 41 -13.35 -7.73 31.34
N GLU A 42 -13.16 -7.29 30.10
CA GLU A 42 -14.22 -6.56 29.42
C GLU A 42 -15.45 -7.43 29.14
N ALA A 43 -15.23 -8.71 28.85
CA ALA A 43 -16.36 -9.61 28.61
C ALA A 43 -17.15 -9.74 29.91
N TYR A 44 -16.42 -9.88 31.02
CA TYR A 44 -17.08 -9.97 32.32
C TYR A 44 -17.88 -8.70 32.62
N LYS A 45 -17.24 -7.54 32.47
CA LYS A 45 -17.93 -6.27 32.74
C LYS A 45 -19.22 -6.19 31.93
N PHE A 46 -19.14 -6.59 30.66
CA PHE A 46 -20.30 -6.55 29.79
C PHE A 46 -21.38 -7.50 30.33
N PHE A 47 -20.98 -8.68 30.74
CA PHE A 47 -21.92 -9.66 31.29
C PHE A 47 -22.55 -9.11 32.57
N TYR A 48 -21.73 -8.47 33.41
CA TYR A 48 -22.21 -7.92 34.67
C TYR A 48 -23.22 -6.82 34.44
N HIS A 49 -22.88 -5.88 33.58
CA HIS A 49 -23.75 -4.76 33.30
C HIS A 49 -25.03 -5.12 32.56
N THR A 50 -25.06 -6.29 31.93
CA THR A 50 -26.27 -6.72 31.23
C THR A 50 -27.03 -7.77 32.03
N ALA A 51 -26.56 -9.01 31.98
CA ALA A 51 -27.21 -10.12 32.67
C ALA A 51 -27.29 -10.04 34.19
N VAL A 52 -26.20 -9.66 34.86
CA VAL A 52 -26.22 -9.62 36.32
C VAL A 52 -27.09 -8.53 36.93
N GLU A 53 -26.89 -7.27 36.55
CA GLU A 53 -27.70 -6.23 37.16
C GLU A 53 -29.09 -6.02 36.56
N ASN A 54 -29.45 -6.87 35.60
CA ASN A 54 -30.79 -6.81 35.00
C ASN A 54 -31.43 -8.16 35.31
N ASN A 55 -30.69 -8.96 36.08
CA ASN A 55 -31.11 -10.28 36.50
C ASN A 55 -31.69 -11.10 35.37
N TYR A 56 -30.91 -11.29 34.32
CA TYR A 56 -31.34 -12.08 33.17
C TYR A 56 -31.21 -13.57 33.49
N PRO A 57 -32.29 -14.34 33.28
CA PRO A 57 -32.11 -15.76 33.59
C PRO A 57 -31.16 -16.37 32.57
N LEU A 58 -30.33 -17.30 33.02
CA LEU A 58 -29.38 -17.96 32.14
C LEU A 58 -30.05 -19.12 31.41
N ASN A 59 -29.48 -19.53 30.28
CA ASN A 59 -30.02 -20.63 29.49
C ASN A 59 -31.45 -20.34 29.03
N GLU A 60 -31.68 -19.08 28.64
CA GLU A 60 -32.96 -18.62 28.14
C GLU A 60 -32.71 -17.44 27.23
N PHE A 61 -33.52 -17.30 26.18
CA PHE A 61 -33.39 -16.17 25.26
C PHE A 61 -33.98 -14.99 26.03
N GLN A 62 -33.31 -13.84 25.99
CA GLN A 62 -33.78 -12.66 26.71
C GLN A 62 -35.20 -12.27 26.32
N PRO A 76 -24.51 2.48 18.45
CA PRO A 76 -25.54 1.75 17.70
C PRO A 76 -25.05 1.14 16.38
N THR A 77 -25.60 1.62 15.26
CA THR A 77 -25.26 1.13 13.93
C THR A 77 -25.58 -0.37 13.84
N ILE A 78 -26.84 -0.71 14.11
CA ILE A 78 -27.28 -2.10 14.06
C ILE A 78 -27.90 -2.53 12.74
N ASN A 79 -27.78 -3.82 12.44
CA ASN A 79 -28.28 -4.44 11.21
C ASN A 79 -29.73 -4.15 10.84
N ASN A 80 -29.95 -3.89 9.55
CA ASN A 80 -31.30 -3.67 9.03
C ASN A 80 -31.51 -4.94 8.20
N ASP A 81 -30.57 -5.87 8.35
CA ASP A 81 -30.58 -7.13 7.64
C ASP A 81 -31.23 -8.32 8.36
N THR A 82 -31.09 -8.37 9.69
CA THR A 82 -31.61 -9.51 10.43
C THR A 82 -32.33 -9.25 11.75
N LEU A 83 -33.13 -10.24 12.17
CA LEU A 83 -33.85 -10.19 13.44
C LEU A 83 -32.88 -10.92 14.37
N HIS A 84 -33.01 -10.76 15.68
CA HIS A 84 -32.07 -11.41 16.58
C HIS A 84 -32.64 -12.07 17.83
N LEU A 85 -31.88 -13.04 18.33
CA LEU A 85 -32.20 -13.75 19.55
C LEU A 85 -30.92 -13.71 20.36
N MSE A 86 -31.02 -13.37 21.64
CA MSE A 86 -29.85 -13.28 22.50
C MSE A 86 -30.05 -13.97 23.83
O MSE A 86 -31.18 -14.14 24.29
CB MSE A 86 -29.49 -11.82 22.78
CG MSE A 86 -29.07 -11.01 21.58
SE MSE A 86 -28.81 -9.16 22.06
CE MSE A 86 -30.47 -8.89 23.01
N GLY A 87 -28.94 -14.38 24.44
CA GLY A 87 -29.01 -15.04 25.71
C GLY A 87 -27.63 -15.41 26.19
N TRP A 88 -27.58 -16.02 27.37
CA TRP A 88 -26.34 -16.48 27.95
C TRP A 88 -26.53 -17.92 28.38
N LEU A 89 -25.63 -18.79 27.94
CA LEU A 89 -25.67 -20.19 28.29
C LEU A 89 -24.81 -20.39 29.53
N ASP A 90 -25.18 -21.37 30.35
CA ASP A 90 -24.39 -21.69 31.54
C ASP A 90 -24.33 -23.20 31.52
N VAL A 91 -23.14 -23.74 31.27
CA VAL A 91 -22.97 -25.19 31.20
C VAL A 91 -22.23 -25.76 32.40
N ALA A 92 -22.08 -24.95 33.46
CA ALA A 92 -21.37 -25.38 34.67
C ALA A 92 -21.93 -26.66 35.28
N ALA A 93 -23.24 -26.70 35.53
CA ALA A 93 -23.85 -27.86 36.15
C ALA A 93 -23.97 -29.04 35.20
N GLU A 94 -24.26 -28.74 33.94
CA GLU A 94 -24.42 -29.78 32.93
C GLU A 94 -24.49 -29.14 31.54
N PRO A 95 -24.39 -29.94 30.47
CA PRO A 95 -24.45 -29.42 29.11
C PRO A 95 -25.80 -28.79 28.80
N VAL A 96 -25.83 -28.00 27.74
CA VAL A 96 -27.05 -27.31 27.32
C VAL A 96 -27.18 -27.50 25.82
N ILE A 97 -28.41 -27.72 25.38
CA ILE A 97 -28.69 -27.93 23.98
C ILE A 97 -29.54 -26.82 23.38
N VAL A 98 -29.03 -26.25 22.30
CA VAL A 98 -29.76 -25.20 21.60
C VAL A 98 -30.40 -25.87 20.40
N SER A 99 -31.72 -25.74 20.31
CA SER A 99 -32.46 -26.34 19.20
C SER A 99 -32.73 -25.32 18.11
N VAL A 100 -32.39 -25.68 16.89
CA VAL A 100 -32.60 -24.84 15.72
C VAL A 100 -33.33 -25.66 14.66
N PRO A 101 -34.51 -25.19 14.24
CA PRO A 101 -35.34 -25.87 13.23
C PRO A 101 -34.76 -25.75 11.83
N ASP A 102 -35.10 -26.68 10.95
CA ASP A 102 -34.65 -26.58 9.57
C ASP A 102 -35.33 -25.29 9.08
N MSE A 103 -34.59 -24.46 8.35
CA MSE A 103 -35.12 -23.19 7.86
C MSE A 103 -35.52 -23.31 6.40
O MSE A 103 -35.23 -24.32 5.74
CB MSE A 103 -34.05 -22.10 8.00
CG MSE A 103 -34.49 -20.85 8.76
SE MSE A 103 -34.44 -21.06 10.69
CE MSE A 103 -32.63 -21.69 10.86
N ASP A 104 -36.19 -22.28 5.88
CA ASP A 104 -36.63 -22.28 4.50
C ASP A 104 -35.50 -21.90 3.55
N GLU A 105 -35.49 -22.53 2.38
CA GLU A 105 -34.45 -22.28 1.39
C GLU A 105 -34.18 -20.81 1.11
N GLY A 106 -32.89 -20.47 1.09
CA GLY A 106 -32.50 -19.10 0.82
C GLY A 106 -32.37 -18.15 2.00
N ARG A 107 -33.05 -18.43 3.10
CA ARG A 107 -32.98 -17.54 4.24
C ARG A 107 -31.68 -17.65 5.03
N TYR A 108 -30.99 -16.52 5.19
CA TYR A 108 -29.74 -16.50 5.94
C TYR A 108 -30.06 -16.60 7.43
N TRP A 109 -29.25 -17.36 8.15
CA TRP A 109 -29.41 -17.50 9.59
C TRP A 109 -28.07 -17.92 10.17
N ILE A 110 -27.87 -17.62 11.45
CA ILE A 110 -26.63 -17.99 12.10
C ILE A 110 -26.79 -18.08 13.61
N LEU A 111 -26.19 -19.11 14.20
CA LEU A 111 -26.19 -19.28 15.65
C LEU A 111 -24.72 -19.00 15.99
N HIS A 112 -24.48 -17.95 16.74
CA HIS A 112 -23.12 -17.54 17.08
C HIS A 112 -22.88 -17.51 18.58
N THR A 113 -21.88 -18.25 19.05
CA THR A 113 -21.57 -18.28 20.47
C THR A 113 -20.12 -17.93 20.70
N MSE A 114 -19.85 -17.26 21.83
CA MSE A 114 -18.49 -16.86 22.17
C MSE A 114 -18.28 -17.09 23.66
O MSE A 114 -19.21 -16.99 24.45
CB MSE A 114 -18.27 -15.38 21.84
CG MSE A 114 -18.34 -15.08 20.35
SE MSE A 114 -18.02 -13.21 19.93
CE MSE A 114 -19.77 -12.59 20.44
N ASP A 115 -17.05 -17.42 24.04
CA ASP A 115 -16.77 -17.65 25.44
C ASP A 115 -16.29 -16.38 26.11
N MSE A 116 -16.09 -16.47 27.43
CA MSE A 116 -15.66 -15.33 28.24
C MSE A 116 -14.23 -14.85 27.99
O MSE A 116 -13.76 -13.93 28.65
CB MSE A 116 -15.86 -15.67 29.72
CG MSE A 116 -17.32 -15.91 30.08
SE MSE A 116 -18.42 -14.34 29.76
CE MSE A 116 -17.82 -13.37 31.31
N GLY A 117 -13.54 -15.48 27.05
CA GLY A 117 -12.19 -15.04 26.74
C GLY A 117 -12.23 -14.29 25.43
N HIS A 118 -13.47 -14.07 24.96
CA HIS A 118 -13.81 -13.39 23.71
C HIS A 118 -13.41 -14.15 22.45
N TYR A 119 -13.55 -15.48 22.50
CA TYR A 119 -13.28 -16.34 21.36
C TYR A 119 -14.60 -16.89 20.84
N THR A 120 -14.79 -16.85 19.52
CA THR A 120 -16.00 -17.43 18.97
C THR A 120 -15.77 -18.96 19.07
N ASN A 121 -16.73 -19.69 19.61
CA ASN A 121 -16.56 -21.14 19.73
C ASN A 121 -17.59 -21.92 18.93
N ALA A 122 -18.47 -21.20 18.26
CA ALA A 122 -19.46 -21.84 17.41
C ALA A 122 -20.11 -20.82 16.47
N ALA A 123 -20.28 -21.22 15.22
CA ALA A 123 -20.92 -20.37 14.23
C ALA A 123 -21.63 -21.29 13.25
N PHE A 124 -22.81 -21.78 13.65
CA PHE A 124 -23.60 -22.65 12.80
C PHE A 124 -24.48 -21.74 11.96
N SER A 125 -24.50 -21.95 10.65
CA SER A 125 -25.31 -21.08 9.82
C SER A 125 -25.57 -21.60 8.41
N SER A 126 -26.48 -20.91 7.74
CA SER A 126 -26.88 -21.20 6.37
C SER A 126 -25.67 -21.20 5.44
N ARG A 127 -24.69 -20.36 5.75
CA ARG A 127 -23.49 -20.26 4.93
C ARG A 127 -22.82 -21.62 4.76
N THR A 128 -22.84 -22.43 5.81
CA THR A 128 -22.20 -23.73 5.75
C THR A 128 -23.13 -24.92 5.94
N ARG A 129 -24.40 -24.66 6.25
CA ARG A 129 -25.35 -25.75 6.46
C ARG A 129 -26.59 -25.63 5.57
N GLY A 130 -26.77 -24.48 4.95
CA GLY A 130 -27.95 -24.29 4.13
C GLY A 130 -29.15 -24.19 5.06
N THR A 131 -30.21 -24.93 4.72
CA THR A 131 -31.43 -24.92 5.51
C THR A 131 -31.36 -25.81 6.77
N LYS A 132 -30.34 -26.64 6.86
CA LYS A 132 -30.20 -27.60 7.96
C LYS A 132 -29.88 -27.04 9.34
N GLY A 133 -30.85 -27.13 10.23
CA GLY A 133 -30.67 -26.68 11.60
C GLY A 133 -30.22 -27.90 12.39
N GLY A 134 -30.69 -28.04 13.64
CA GLY A 134 -30.29 -29.19 14.41
C GLY A 134 -30.28 -29.00 15.91
N GLN A 135 -29.81 -30.02 16.62
CA GLN A 135 -29.71 -29.98 18.08
C GLN A 135 -28.23 -29.77 18.38
N PHE A 136 -27.88 -28.59 18.86
CA PHE A 136 -26.49 -28.26 19.14
C PHE A 136 -26.23 -28.25 20.63
N MSE A 137 -25.37 -29.17 21.06
CA MSE A 137 -25.06 -29.27 22.48
C MSE A 137 -23.76 -28.60 22.85
O MSE A 137 -22.73 -28.82 22.21
CB MSE A 137 -25.02 -30.75 22.90
CG MSE A 137 -24.91 -30.96 24.40
SE MSE A 137 -25.00 -32.84 24.95
CE MSE A 137 -23.12 -33.18 24.93
N PHE A 138 -23.82 -27.75 23.87
CA PHE A 138 -22.66 -27.04 24.37
C PHE A 138 -22.34 -27.67 25.72
N ALA A 139 -21.10 -28.14 25.87
CA ALA A 139 -20.69 -28.76 27.12
C ALA A 139 -19.36 -28.21 27.56
N ALA A 140 -19.16 -28.22 28.88
CA ALA A 140 -17.94 -27.75 29.43
C ALA A 140 -16.91 -28.68 28.90
N GLN A 141 -15.77 -28.10 28.72
CA GLN A 141 -14.67 -28.83 28.21
C GLN A 141 -14.35 -30.13 28.96
N ASP A 142 -14.49 -30.13 30.29
CA ASP A 142 -14.20 -31.28 31.19
C ASP A 142 -15.43 -32.20 31.44
N TRP A 143 -16.57 -31.85 30.87
CA TRP A 143 -17.75 -32.65 31.12
C TRP A 143 -17.62 -34.10 30.68
N GLN A 144 -17.84 -35.00 31.62
CA GLN A 144 -17.76 -36.44 31.38
C GLN A 144 -19.20 -36.88 31.13
N GLY A 145 -19.42 -37.71 30.11
CA GLY A 145 -20.76 -38.16 29.82
C GLY A 145 -20.95 -38.46 28.35
N GLU A 146 -21.93 -39.31 28.03
CA GLU A 146 -22.20 -39.67 26.66
C GLU A 146 -23.12 -38.65 26.00
N VAL A 147 -23.12 -38.66 24.67
CA VAL A 147 -23.94 -37.71 23.90
C VAL A 147 -25.20 -38.35 23.34
N PRO A 148 -26.36 -37.72 23.55
CA PRO A 148 -27.60 -38.29 23.02
C PRO A 148 -27.50 -38.51 21.51
N ALA A 149 -28.02 -39.63 21.03
CA ALA A 149 -27.99 -39.93 19.59
C ALA A 149 -28.68 -38.82 18.82
N SER A 150 -29.60 -38.17 19.52
CA SER A 150 -30.42 -37.07 19.04
C SER A 150 -29.64 -35.77 18.71
N VAL A 151 -28.48 -35.61 19.33
CA VAL A 151 -27.67 -34.42 19.14
C VAL A 151 -26.87 -34.43 17.84
N ASP A 152 -26.91 -33.30 17.13
CA ASP A 152 -26.21 -33.17 15.86
C ASP A 152 -24.73 -32.89 16.03
N GLU A 153 -24.41 -31.81 16.74
CA GLU A 153 -23.03 -31.42 16.95
C GLU A 153 -22.81 -31.06 18.41
N VAL A 154 -21.59 -31.26 18.88
CA VAL A 154 -21.23 -30.94 20.26
C VAL A 154 -20.17 -29.85 20.24
N VAL A 155 -20.40 -28.80 21.03
CA VAL A 155 -19.44 -27.70 21.14
C VAL A 155 -18.82 -27.72 22.55
N ARG A 156 -17.52 -27.96 22.62
CA ARG A 156 -16.83 -27.95 23.92
C ARG A 156 -16.45 -26.50 24.20
N VAL A 157 -16.88 -25.97 25.36
CA VAL A 157 -16.56 -24.58 25.68
C VAL A 157 -15.62 -24.47 26.88
N ASP A 158 -14.74 -23.47 26.82
CA ASP A 158 -13.76 -23.27 27.87
C ASP A 158 -14.17 -22.38 29.02
N SER A 159 -15.30 -21.68 28.86
CA SER A 159 -15.84 -20.86 29.95
C SER A 159 -17.24 -21.44 30.18
N ASN A 160 -17.67 -21.55 31.43
CA ASN A 160 -19.00 -22.12 31.69
C ASN A 160 -20.10 -21.19 31.21
N LEU A 161 -19.81 -19.90 31.14
CA LEU A 161 -20.77 -18.92 30.66
C LEU A 161 -20.40 -18.62 29.21
N VAL A 162 -21.37 -18.70 28.31
CA VAL A 162 -21.08 -18.39 26.91
C VAL A 162 -22.17 -17.49 26.35
N LYS A 163 -21.77 -16.44 25.64
CA LYS A 163 -22.73 -15.52 25.08
C LYS A 163 -23.30 -16.09 23.78
N LEU A 164 -24.63 -16.09 23.67
CA LEU A 164 -25.29 -16.62 22.49
C LEU A 164 -26.04 -15.53 21.73
N MSE A 165 -25.89 -15.55 20.41
CA MSE A 165 -26.58 -14.59 19.54
C MSE A 165 -27.04 -15.31 18.29
O MSE A 165 -26.26 -15.99 17.62
CB MSE A 165 -25.63 -13.45 19.14
CG MSE A 165 -26.15 -12.57 17.98
SE MSE A 165 -27.43 -11.20 18.47
CE MSE A 165 -27.30 -10.13 16.85
N GLY A 166 -28.33 -15.17 17.99
CA GLY A 166 -28.87 -15.79 16.80
C GLY A 166 -29.40 -14.70 15.89
N ARG A 167 -29.16 -14.85 14.59
CA ARG A 167 -29.62 -13.86 13.61
C ARG A 167 -30.35 -14.57 12.49
N ILE A 168 -31.54 -14.07 12.17
CA ILE A 168 -32.34 -14.63 11.09
C ILE A 168 -32.76 -13.52 10.12
N MSE A 169 -32.33 -13.65 8.87
CA MSE A 169 -32.62 -12.69 7.81
C MSE A 169 -34.11 -12.53 7.55
O MSE A 169 -34.89 -13.49 7.59
CB MSE A 169 -31.95 -13.13 6.50
CG MSE A 169 -32.46 -12.42 5.23
SE MSE A 169 -32.23 -13.44 3.57
CE MSE A 169 -30.42 -12.94 3.14
N ALA A 170 -34.52 -11.29 7.28
CA ALA A 170 -35.89 -10.92 6.97
C ALA A 170 -35.72 -9.70 6.06
N VAL A 171 -36.15 -9.83 4.81
CA VAL A 171 -35.96 -8.75 3.84
C VAL A 171 -37.10 -7.74 3.70
N ASN A 172 -38.25 -8.05 4.28
CA ASN A 172 -39.39 -7.13 4.29
C ASN A 172 -40.33 -7.50 5.41
N ASP A 173 -41.22 -6.59 5.77
CA ASP A 173 -42.16 -6.81 6.88
C ASP A 173 -42.99 -8.09 6.87
N GLU A 174 -43.38 -8.57 5.70
CA GLU A 174 -44.19 -9.79 5.66
C GLU A 174 -43.29 -11.02 5.75
N ASP A 175 -42.10 -10.91 5.16
CA ASP A 175 -41.12 -11.99 5.19
C ASP A 175 -40.66 -12.17 6.62
N ALA A 176 -40.59 -11.06 7.35
CA ALA A 176 -40.17 -11.07 8.74
C ALA A 176 -41.15 -11.93 9.54
N LYS A 177 -42.41 -11.92 9.15
CA LYS A 177 -43.40 -12.72 9.85
C LYS A 177 -43.09 -14.21 9.63
N VAL A 178 -42.43 -14.52 8.52
CA VAL A 178 -42.06 -15.89 8.23
C VAL A 178 -40.92 -16.27 9.16
N ALA A 179 -39.87 -15.46 9.13
CA ALA A 179 -38.69 -15.68 9.96
C ALA A 179 -39.06 -15.79 11.43
N LEU A 180 -40.02 -14.98 11.85
CA LEU A 180 -40.47 -15.00 13.24
C LEU A 180 -41.08 -16.33 13.63
N ASN A 181 -41.80 -16.95 12.71
CA ASN A 181 -42.41 -18.25 12.98
C ASN A 181 -41.29 -19.27 13.19
N TYR A 182 -40.15 -19.02 12.56
CA TYR A 182 -39.01 -19.93 12.70
C TYR A 182 -38.26 -19.67 14.01
N MSE A 183 -37.98 -18.40 14.31
CA MSE A 183 -37.25 -18.06 15.53
C MSE A 183 -37.97 -18.56 16.77
O MSE A 183 -37.35 -18.89 17.77
CB MSE A 183 -37.07 -16.54 15.65
CG MSE A 183 -37.10 -15.79 14.33
SE MSE A 183 -36.02 -14.20 14.35
CE MSE A 183 -35.72 -14.03 16.25
N ASP A 184 -39.30 -18.61 16.71
CA ASP A 184 -40.10 -19.05 17.84
C ASP A 184 -39.81 -20.50 18.16
N GLN A 185 -39.30 -21.24 17.17
CA GLN A 185 -39.00 -22.64 17.34
C GLN A 185 -37.61 -22.89 17.93
N TRP A 186 -36.77 -21.86 17.95
CA TRP A 186 -35.44 -21.98 18.55
C TRP A 186 -35.71 -22.25 20.03
N ASN A 187 -34.86 -23.05 20.67
CA ASN A 187 -35.09 -23.38 22.07
C ASN A 187 -33.76 -23.62 22.77
N ILE A 188 -33.75 -23.50 24.09
CA ILE A 188 -32.55 -23.76 24.90
C ILE A 188 -33.01 -24.66 26.04
N ARG A 189 -32.35 -25.81 26.18
CA ARG A 189 -32.71 -26.75 27.23
C ARG A 189 -31.46 -27.39 27.83
N THR A 190 -31.48 -27.64 29.14
CA THR A 190 -30.35 -28.31 29.78
C THR A 190 -30.46 -29.77 29.34
N LEU A 191 -29.34 -30.48 29.38
CA LEU A 191 -29.33 -31.88 28.98
C LEU A 191 -30.41 -32.68 29.72
N SER A 192 -30.46 -32.54 31.05
CA SER A 192 -31.44 -33.26 31.83
C SER A 192 -32.85 -32.95 31.36
N GLU A 193 -33.15 -31.67 31.18
CA GLU A 193 -34.47 -31.27 30.70
C GLU A 193 -34.73 -31.91 29.33
N TYR A 194 -33.71 -31.88 28.49
CA TYR A 194 -33.78 -32.44 27.14
C TYR A 194 -34.11 -33.93 27.20
N LEU A 195 -33.51 -34.63 28.16
CA LEU A 195 -33.72 -36.06 28.31
C LEU A 195 -34.89 -36.40 29.22
N GLY A 196 -35.50 -35.38 29.81
CA GLY A 196 -36.63 -35.60 30.71
C GLY A 196 -36.17 -36.29 31.98
N LYS A 197 -34.99 -35.90 32.46
CA LYS A 197 -34.39 -36.51 33.64
C LYS A 197 -34.15 -35.57 34.80
N ASN A 198 -33.93 -36.15 35.98
CA ASN A 198 -33.61 -35.34 37.16
C ASN A 198 -32.20 -34.82 36.88
N GLY A 199 -32.00 -33.52 37.05
CA GLY A 199 -30.69 -32.95 36.80
C GLY A 199 -30.09 -32.24 37.99
N PRO A 200 -28.83 -31.79 37.87
CA PRO A 200 -28.16 -31.10 38.97
C PRO A 200 -28.73 -29.71 39.15
N LYS A 201 -28.61 -29.16 40.35
CA LYS A 201 -29.10 -27.83 40.62
C LYS A 201 -28.19 -26.82 39.92
N PRO A 202 -28.77 -25.80 39.28
CA PRO A 202 -27.96 -24.79 38.58
C PRO A 202 -26.96 -24.15 39.54
N VAL A 203 -25.80 -23.76 39.03
CA VAL A 203 -24.79 -23.13 39.86
C VAL A 203 -25.18 -21.70 40.17
N GLN A 204 -25.01 -21.31 41.43
CA GLN A 204 -25.33 -19.94 41.85
C GLN A 204 -24.01 -19.27 42.16
N ARG A 205 -23.69 -18.20 41.42
CA ARG A 205 -22.44 -17.48 41.59
C ARG A 205 -22.57 -16.22 42.43
N THR A 206 -21.46 -15.81 43.02
CA THR A 206 -21.40 -14.57 43.78
C THR A 206 -20.47 -13.73 42.90
N TYR A 207 -21.04 -12.75 42.24
CA TYR A 207 -20.32 -11.90 41.29
C TYR A 207 -19.59 -10.68 41.83
N PRO A 208 -18.29 -10.55 41.51
CA PRO A 208 -17.51 -9.41 41.98
C PRO A 208 -18.08 -8.15 41.32
N ASP A 209 -18.19 -7.07 42.07
CA ASP A 209 -18.72 -5.82 41.53
C ASP A 209 -17.59 -5.11 40.79
N PRO A 210 -17.78 -4.85 39.48
CA PRO A 210 -16.73 -4.17 38.71
C PRO A 210 -16.35 -2.77 39.21
N LYS A 211 -17.27 -2.08 39.88
CA LYS A 211 -16.96 -0.73 40.35
C LYS A 211 -16.05 -0.65 41.56
N LYS A 212 -15.95 -1.74 42.32
CA LYS A 212 -15.12 -1.75 43.52
C LYS A 212 -14.04 -2.84 43.59
N SER A 213 -13.93 -3.64 42.54
CA SER A 213 -12.93 -4.70 42.50
C SER A 213 -11.76 -4.32 41.59
N THR A 214 -10.70 -5.14 41.59
CA THR A 214 -9.55 -4.90 40.71
C THR A 214 -9.70 -5.82 39.50
N TRP A 215 -8.94 -5.56 38.43
CA TRP A 215 -9.07 -6.44 37.27
C TRP A 215 -8.54 -7.83 37.59
N LEU A 216 -7.61 -7.92 38.53
CA LEU A 216 -7.07 -9.21 38.91
C LEU A 216 -8.16 -10.10 39.50
N GLU A 217 -8.96 -9.58 40.43
CA GLU A 217 -10.01 -10.42 41.00
C GLU A 217 -11.09 -10.79 40.00
N ARG A 218 -11.44 -9.88 39.10
CA ARG A 218 -12.46 -10.18 38.10
C ARG A 218 -11.95 -11.25 37.13
N VAL A 219 -10.75 -11.06 36.60
CA VAL A 219 -10.18 -12.03 35.67
C VAL A 219 -9.98 -13.40 36.35
N ASN A 220 -9.43 -13.43 37.55
CA ASN A 220 -9.21 -14.70 38.25
C ASN A 220 -10.55 -15.38 38.54
N PHE A 221 -11.58 -14.58 38.80
CA PHE A 221 -12.92 -15.12 39.06
C PHE A 221 -13.45 -15.83 37.81
N VAL A 222 -13.36 -15.17 36.66
CA VAL A 222 -13.83 -15.76 35.42
C VAL A 222 -13.00 -16.99 35.04
N LEU A 223 -11.69 -16.88 35.23
CA LEU A 223 -10.76 -17.96 34.93
C LEU A 223 -11.12 -19.22 35.71
N CYS A 224 -11.61 -19.03 36.92
CA CYS A 224 -11.98 -20.13 37.80
C CYS A 224 -13.21 -20.87 37.29
N ASP A 225 -14.16 -20.12 36.74
CA ASP A 225 -15.43 -20.67 36.26
C ASP A 225 -15.34 -21.40 34.93
N GLY A 226 -14.54 -22.45 34.89
CA GLY A 226 -14.39 -23.20 33.66
C GLY A 226 -13.02 -23.81 33.45
N SER A 227 -12.70 -24.06 32.18
CA SER A 227 -11.44 -24.68 31.77
C SER A 227 -10.44 -23.71 31.18
N MSE A 228 -10.70 -22.42 31.29
CA MSE A 228 -9.83 -21.40 30.73
C MSE A 228 -8.38 -21.49 31.22
O MSE A 228 -7.44 -21.18 30.48
CB MSE A 228 -10.40 -20.03 31.04
CG MSE A 228 -10.13 -18.97 30.01
SE MSE A 228 -11.49 -17.62 30.14
CE MSE A 228 -12.50 -18.14 28.63
N GLY A 229 -8.19 -21.91 32.47
CA GLY A 229 -6.83 -21.98 33.03
C GLY A 229 -5.98 -22.89 32.16
N ASN A 230 -6.62 -23.95 31.74
CA ASN A 230 -5.97 -24.93 30.90
C ASN A 230 -5.88 -24.43 29.44
N ALA A 231 -6.94 -23.86 28.90
CA ALA A 231 -6.83 -23.42 27.52
C ALA A 231 -5.83 -22.23 27.35
N ASP A 232 -5.63 -21.45 28.42
CA ASP A 232 -4.74 -20.29 28.34
C ASP A 232 -3.41 -20.50 29.05
N LYS A 233 -3.06 -21.76 29.32
CA LYS A 233 -1.83 -22.07 30.03
C LYS A 233 -0.60 -21.35 29.50
N GLN A 234 -0.44 -21.30 28.19
CA GLN A 234 0.72 -20.64 27.60
C GLN A 234 0.81 -19.19 28.09
N TRP A 235 -0.34 -18.54 28.23
CA TRP A 235 -0.37 -17.15 28.69
C TRP A 235 -0.26 -17.05 30.20
N LEU A 236 -1.01 -17.89 30.91
CA LEU A 236 -1.00 -17.88 32.36
C LEU A 236 0.35 -18.23 32.97
N ASP A 237 1.12 -19.06 32.30
CA ASP A 237 2.43 -19.41 32.84
C ASP A 237 3.34 -18.19 32.89
N LYS A 238 3.13 -17.25 31.97
CA LYS A 238 3.95 -16.04 31.91
C LYS A 238 3.58 -14.98 32.94
N TYR A 239 2.29 -14.85 33.21
CA TYR A 239 1.79 -13.80 34.10
C TYR A 239 1.47 -14.17 35.54
N GLN A 240 1.94 -15.34 35.96
CA GLN A 240 1.69 -15.82 37.32
C GLN A 240 2.19 -14.93 38.44
N SER A 241 3.40 -14.40 38.30
CA SER A 241 3.97 -13.54 39.35
C SER A 241 3.17 -12.25 39.52
N ILE A 242 2.42 -11.88 38.49
CA ILE A 242 1.62 -10.68 38.54
C ILE A 242 0.36 -10.90 39.36
N GLY A 243 -0.02 -12.16 39.54
CA GLY A 243 -1.20 -12.47 40.33
C GLY A 243 -2.39 -12.95 39.51
N VAL A 244 -2.19 -13.14 38.21
CA VAL A 244 -3.26 -13.63 37.33
C VAL A 244 -3.21 -15.14 37.46
N GLU A 245 -4.27 -15.71 38.02
CA GLU A 245 -4.31 -17.15 38.26
C GLU A 245 -5.75 -17.55 38.59
N PRO A 246 -6.25 -18.65 38.00
CA PRO A 246 -7.63 -19.13 38.23
C PRO A 246 -8.03 -19.39 39.67
N CYS A 247 -9.02 -18.63 40.16
CA CYS A 247 -9.54 -18.77 41.53
C CYS A 247 -8.70 -18.04 42.58
N LYS A 248 -7.59 -17.42 42.19
CA LYS A 248 -6.74 -16.72 43.16
C LYS A 248 -7.39 -15.43 43.68
N THR A 249 -7.49 -15.32 45.00
CA THR A 249 -8.07 -14.14 45.65
C THR A 249 -7.12 -13.47 46.64
N ASP A 250 -5.99 -14.10 46.92
CA ASP A 250 -5.00 -13.55 47.84
C ASP A 250 -3.85 -12.89 47.09
N PHE A 251 -3.59 -11.62 47.37
CA PHE A 251 -2.52 -10.90 46.68
C PHE A 251 -1.55 -10.17 47.61
N THR A 252 -0.33 -9.99 47.13
CA THR A 252 0.70 -9.27 47.88
C THR A 252 0.60 -7.79 47.47
N PRO A 253 1.12 -6.87 48.29
CA PRO A 253 1.07 -5.45 47.97
C PRO A 253 1.70 -5.18 46.60
N GLU A 254 2.82 -5.84 46.32
CA GLU A 254 3.51 -5.66 45.06
C GLU A 254 2.61 -6.04 43.87
N GLN A 255 1.85 -7.13 44.01
CA GLN A 255 0.97 -7.55 42.93
C GLN A 255 -0.12 -6.50 42.69
N LEU A 256 -0.69 -5.97 43.77
CA LEU A 256 -1.72 -4.93 43.64
C LEU A 256 -1.13 -3.70 42.94
N LYS A 257 0.15 -3.41 43.22
CA LYS A 257 0.81 -2.26 42.61
C LYS A 257 1.09 -2.52 41.13
N LEU A 258 1.55 -3.73 40.81
CA LEU A 258 1.84 -4.08 39.44
C LEU A 258 0.56 -4.08 38.61
N ALA A 259 -0.53 -4.54 39.22
CA ALA A 259 -1.83 -4.59 38.55
C ALA A 259 -2.28 -3.18 38.13
N LYS A 260 -2.11 -2.20 39.03
CA LYS A 260 -2.49 -0.82 38.73
C LYS A 260 -1.60 -0.27 37.61
N VAL A 261 -0.29 -0.46 37.72
CA VAL A 261 0.61 0.04 36.69
C VAL A 261 0.33 -0.69 35.37
N GLY A 262 0.11 -1.99 35.43
CA GLY A 262 -0.16 -2.75 34.21
C GLY A 262 -1.39 -2.30 33.48
N GLU A 263 -2.45 -1.98 34.21
CA GLU A 263 -3.68 -1.54 33.58
C GLU A 263 -3.46 -0.18 32.90
N LYS A 264 -2.75 0.71 33.57
CA LYS A 264 -2.49 2.03 33.02
C LYS A 264 -1.69 1.96 31.72
N LYS A 265 -0.52 1.34 31.75
CA LYS A 265 0.30 1.22 30.54
C LYS A 265 -0.42 0.35 29.50
N GLY A 266 -1.06 -0.72 29.97
CA GLY A 266 -1.76 -1.61 29.07
C GLY A 266 -2.80 -0.89 28.23
N MSE A 267 -3.68 -0.13 28.88
CA MSE A 267 -4.72 0.62 28.17
C MSE A 267 -4.12 1.64 27.22
O MSE A 267 -4.59 1.79 26.09
CB MSE A 267 -5.64 1.35 29.15
CG MSE A 267 -6.82 0.54 29.68
SE MSE A 267 -7.87 -0.33 28.28
CE MSE A 267 -8.50 1.23 27.32
N GLU A 268 -3.09 2.36 27.66
CA GLU A 268 -2.44 3.35 26.81
C GLU A 268 -2.02 2.66 25.52
N HIS A 269 -1.32 1.53 25.66
CA HIS A 269 -0.86 0.76 24.53
C HIS A 269 -2.01 0.37 23.58
N LEU A 270 -3.14 -0.04 24.15
CA LEU A 270 -4.27 -0.44 23.32
C LEU A 270 -4.87 0.74 22.55
N VAL A 271 -4.92 1.91 23.19
CA VAL A 271 -5.46 3.08 22.53
C VAL A 271 -4.56 3.45 21.36
N GLU A 272 -3.26 3.49 21.61
CA GLU A 272 -2.28 3.84 20.57
C GLU A 272 -2.21 2.84 19.42
N LEU A 273 -2.48 1.57 19.70
CA LEU A 273 -2.42 0.53 18.67
C LEU A 273 -3.66 0.46 17.80
N ALA A 274 -4.81 0.76 18.41
CA ALA A 274 -6.10 0.69 17.73
C ALA A 274 -6.18 1.15 16.28
N PRO A 275 -5.97 2.45 15.99
CA PRO A 275 -6.07 2.91 14.61
C PRO A 275 -5.19 2.22 13.57
N LYS A 276 -4.17 1.48 14.01
CA LYS A 276 -3.30 0.80 13.06
C LYS A 276 -3.80 -0.59 12.66
N MSE A 277 -4.96 -1.00 13.16
CA MSE A 277 -5.49 -2.32 12.84
C MSE A 277 -6.34 -2.34 11.59
O MSE A 277 -7.36 -1.65 11.50
CB MSE A 277 -6.30 -2.86 14.02
CG MSE A 277 -5.88 -4.24 14.42
SE MSE A 277 -4.42 -4.22 15.67
CE MSE A 277 -2.93 -3.65 14.56
N THR A 278 -5.96 -3.17 10.62
CA THR A 278 -6.69 -3.26 9.35
C THR A 278 -7.21 -4.64 8.96
N ASP A 279 -6.59 -5.70 9.48
CA ASP A 279 -7.00 -7.06 9.15
C ASP A 279 -7.89 -7.71 10.22
N ALA A 280 -9.20 -7.70 9.98
CA ALA A 280 -10.18 -8.26 10.92
C ALA A 280 -9.90 -9.70 11.34
N ARG A 281 -9.26 -10.47 10.46
CA ARG A 281 -8.97 -11.88 10.76
C ARG A 281 -8.01 -12.04 11.95
N THR A 282 -7.32 -10.97 12.30
CA THR A 282 -6.39 -11.02 13.42
C THR A 282 -7.05 -10.53 14.70
N LEU A 283 -8.27 -10.01 14.57
CA LEU A 283 -9.01 -9.44 15.69
C LEU A 283 -10.18 -10.23 16.21
N LEU A 284 -10.85 -10.95 15.31
CA LEU A 284 -12.01 -11.73 15.67
C LEU A 284 -11.85 -13.14 15.14
N GLY A 285 -11.95 -14.12 16.02
CA GLY A 285 -11.79 -15.50 15.59
C GLY A 285 -12.04 -16.53 16.67
N THR A 286 -11.50 -17.72 16.46
CA THR A 286 -11.67 -18.84 17.38
C THR A 286 -10.35 -19.13 18.07
N ARG A 287 -10.37 -20.03 19.05
CA ARG A 287 -9.11 -20.39 19.71
C ARG A 287 -8.23 -21.13 18.70
N ASP A 288 -8.81 -21.76 17.69
CA ASP A 288 -7.88 -22.43 16.80
C ASP A 288 -7.07 -21.45 15.94
N THR A 289 -7.62 -20.28 15.68
CA THR A 289 -6.94 -19.31 14.83
C THR A 289 -6.31 -18.17 15.61
N LEU A 290 -6.79 -17.91 16.82
CA LEU A 290 -6.20 -16.81 17.59
C LEU A 290 -5.70 -17.19 18.97
N GLY A 291 -5.89 -18.44 19.36
CA GLY A 291 -5.43 -18.87 20.67
C GLY A 291 -3.98 -18.52 20.94
N ASP A 292 -3.12 -18.64 19.94
CA ASP A 292 -1.70 -18.33 20.11
C ASP A 292 -1.27 -17.02 19.47
N ALA A 293 -2.24 -16.22 19.04
CA ALA A 293 -1.95 -14.94 18.39
C ALA A 293 -1.56 -13.90 19.44
N PRO A 294 -0.81 -12.85 19.04
CA PRO A 294 -0.38 -11.79 19.95
C PRO A 294 -1.56 -11.23 20.74
N ARG A 295 -1.37 -11.06 22.05
CA ARG A 295 -2.43 -10.55 22.92
C ARG A 295 -2.91 -9.12 22.67
N ASP A 296 -1.99 -8.18 22.38
CA ASP A 296 -2.46 -6.82 22.15
C ASP A 296 -3.34 -6.74 20.90
N ILE A 297 -3.00 -7.51 19.88
CA ILE A 297 -3.81 -7.50 18.66
C ILE A 297 -5.15 -8.20 18.93
N PHE A 298 -5.12 -9.33 19.64
CA PHE A 298 -6.35 -10.05 19.95
C PHE A 298 -7.27 -9.12 20.76
N ALA A 299 -6.66 -8.39 21.69
CA ALA A 299 -7.37 -7.45 22.55
C ALA A 299 -8.08 -6.35 21.75
N GLU A 300 -7.51 -5.95 20.62
CA GLU A 300 -8.14 -4.90 19.82
C GLU A 300 -9.48 -5.40 19.27
N GLY A 301 -9.65 -6.71 19.23
CA GLY A 301 -10.91 -7.26 18.76
C GLY A 301 -12.04 -6.80 19.66
N THR A 302 -11.76 -6.79 20.96
CA THR A 302 -12.73 -6.36 21.96
C THR A 302 -12.83 -4.82 21.97
N TYR A 303 -11.68 -4.18 21.86
CA TYR A 303 -11.60 -2.72 21.87
C TYR A 303 -12.35 -2.08 20.72
N LEU A 304 -12.13 -2.60 19.52
CA LEU A 304 -12.78 -2.01 18.38
C LEU A 304 -14.22 -2.52 18.18
N GLY A 305 -14.47 -3.84 18.31
CA GLY A 305 -15.83 -4.34 18.10
C GLY A 305 -16.27 -5.60 18.84
N GLN A 306 -16.27 -5.49 20.15
CA GLN A 306 -16.65 -6.60 21.03
C GLN A 306 -17.83 -7.43 20.58
N TRP A 307 -17.68 -8.75 20.72
CA TRP A 307 -18.71 -9.71 20.35
C TRP A 307 -18.92 -9.83 18.84
N GLY A 308 -17.99 -9.28 18.06
CA GLY A 308 -18.11 -9.35 16.62
C GLY A 308 -17.85 -10.73 16.03
N LEU A 309 -18.54 -11.00 14.92
CA LEU A 309 -18.41 -12.27 14.21
C LEU A 309 -17.07 -12.33 13.49
N PRO A 310 -16.52 -13.56 13.31
CA PRO A 310 -15.25 -13.69 12.60
C PRO A 310 -15.57 -13.17 11.20
N PRO A 311 -14.61 -12.49 10.54
CA PRO A 311 -14.85 -11.97 9.19
C PRO A 311 -15.38 -12.91 8.10
N ILE A 312 -15.12 -14.20 8.22
CA ILE A 312 -15.59 -15.15 7.21
C ILE A 312 -17.12 -15.28 7.24
N GLU A 313 -17.72 -14.96 8.39
CA GLU A 313 -19.17 -15.04 8.52
C GLU A 313 -19.76 -13.67 8.18
N ALA A 314 -19.08 -12.62 8.60
CA ALA A 314 -19.54 -11.26 8.35
C ALA A 314 -18.40 -10.26 8.44
N SER A 315 -18.26 -9.45 7.40
CA SER A 315 -17.24 -8.42 7.36
C SER A 315 -17.98 -7.11 7.11
N TYR A 316 -17.32 -5.99 7.34
CA TYR A 316 -17.99 -4.73 7.13
C TYR A 316 -17.05 -3.62 6.69
N ARG A 317 -17.65 -2.54 6.21
CA ARG A 317 -16.91 -1.36 5.78
C ARG A 317 -17.80 -0.17 6.13
N LYS A 318 -17.14 0.96 6.44
CA LYS A 318 -17.87 2.18 6.76
C LYS A 318 -17.31 3.33 5.95
N SER A 319 -18.20 4.18 5.47
CA SER A 319 -17.82 5.35 4.69
C SER A 319 -18.55 6.56 5.25
N ASP A 320 -17.76 7.55 5.65
CA ASP A 320 -18.29 8.78 6.24
C ASP A 320 -18.12 9.99 5.30
N PHE A 321 -17.28 9.83 4.28
CA PHE A 321 -17.01 10.91 3.33
C PHE A 321 -17.20 10.52 1.87
N ASP A 322 -17.34 11.52 0.99
CA ASP A 322 -17.49 11.25 -0.43
C ASP A 322 -16.10 11.06 -1.07
N SER A 323 -16.07 10.86 -2.38
CA SER A 323 -14.80 10.61 -3.07
C SER A 323 -13.77 11.73 -3.09
N ILE A 324 -14.18 12.93 -2.68
CA ILE A 324 -13.25 14.04 -2.68
C ILE A 324 -12.87 14.50 -1.28
N GLY A 325 -13.39 13.79 -0.27
CA GLY A 325 -13.06 14.13 1.10
C GLY A 325 -14.07 14.99 1.85
N GLN A 326 -15.23 15.22 1.26
CA GLN A 326 -16.26 16.01 1.92
C GLN A 326 -17.13 15.07 2.73
N LYS A 327 -17.59 15.54 3.88
CA LYS A 327 -18.46 14.73 4.74
C LYS A 327 -19.76 14.42 4.00
N LEU A 328 -20.21 13.17 4.09
CA LEU A 328 -21.47 12.78 3.46
C LEU A 328 -22.57 13.54 4.18
N ASP A 329 -23.43 14.22 3.41
CA ASP A 329 -24.50 15.03 3.99
C ASP A 329 -25.62 15.20 2.97
N GLY A 330 -26.76 14.57 3.22
CA GLY A 330 -27.88 14.65 2.30
C GLY A 330 -28.51 16.01 2.07
N SER A 331 -28.20 16.98 2.93
CA SER A 331 -28.78 18.32 2.77
C SER A 331 -27.97 19.14 1.77
N LYS A 332 -26.81 18.63 1.38
CA LYS A 332 -25.93 19.34 0.46
C LYS A 332 -25.75 18.73 -0.93
N HIS A 333 -25.94 17.42 -1.05
CA HIS A 333 -25.74 16.78 -2.33
C HIS A 333 -26.60 15.54 -2.53
N ASP A 334 -26.52 15.03 -3.75
CA ASP A 334 -27.15 13.79 -4.15
C ASP A 334 -25.91 12.95 -4.41
N TYR A 335 -25.95 11.65 -4.15
CA TYR A 335 -24.77 10.84 -4.37
C TYR A 335 -25.06 9.61 -5.21
N VAL A 336 -24.00 9.05 -5.78
CA VAL A 336 -24.14 7.84 -6.57
C VAL A 336 -22.98 6.89 -6.27
N MSE A 337 -23.30 5.61 -6.23
CA MSE A 337 -22.35 4.55 -5.94
C MSE A 337 -22.49 3.51 -7.04
O MSE A 337 -23.58 2.97 -7.23
CB MSE A 337 -22.74 3.92 -4.61
CG MSE A 337 -21.61 3.57 -3.67
SE MSE A 337 -22.38 2.88 -2.02
CE MSE A 337 -24.10 3.72 -2.05
N ARG A 338 -21.41 3.22 -7.76
CA ARG A 338 -21.49 2.23 -8.82
C ARG A 338 -20.33 1.26 -8.69
N PHE A 339 -20.63 -0.03 -8.60
CA PHE A 339 -19.60 -1.03 -8.39
C PHE A 339 -20.01 -2.45 -8.80
N LYS A 340 -19.01 -3.28 -9.05
CA LYS A 340 -19.23 -4.69 -9.38
C LYS A 340 -19.66 -5.39 -8.08
N ALA A 341 -20.32 -6.54 -8.22
CA ALA A 341 -20.75 -7.28 -7.03
C ALA A 341 -19.54 -7.68 -6.18
N PRO A 342 -19.64 -7.51 -4.84
CA PRO A 342 -18.56 -7.87 -3.93
C PRO A 342 -18.46 -9.41 -3.94
N ASN A 343 -17.28 -9.97 -3.72
CA ASN A 343 -17.17 -11.43 -3.70
C ASN A 343 -17.67 -12.05 -2.40
N VAL A 344 -18.98 -12.28 -2.31
CA VAL A 344 -19.56 -12.89 -1.13
C VAL A 344 -20.37 -14.13 -1.52
N SER A 345 -20.37 -15.14 -0.66
CA SER A 345 -21.09 -16.38 -0.98
C SER A 345 -22.57 -16.27 -0.62
N GLU A 346 -22.88 -15.43 0.36
CA GLU A 346 -24.27 -15.30 0.79
C GLU A 346 -24.97 -14.07 0.26
N PHE A 347 -24.62 -12.89 0.80
CA PHE A 347 -25.24 -11.66 0.33
C PHE A 347 -24.54 -10.44 0.90
N TRP A 348 -24.90 -9.26 0.41
CA TRP A 348 -24.31 -8.03 0.91
C TRP A 348 -25.35 -6.93 0.98
N SER A 349 -25.00 -5.83 1.65
CA SER A 349 -25.93 -4.72 1.80
C SER A 349 -25.19 -3.45 2.20
N VAL A 350 -25.83 -2.31 2.00
CA VAL A 350 -25.26 -1.03 2.39
C VAL A 350 -26.42 -0.33 3.11
N THR A 351 -26.17 0.13 4.33
CA THR A 351 -27.20 0.76 5.13
C THR A 351 -26.82 2.19 5.50
N ILE A 352 -27.82 3.07 5.59
CA ILE A 352 -27.60 4.47 5.91
C ILE A 352 -27.91 4.79 7.37
N TYR A 353 -27.00 5.51 8.02
CA TYR A 353 -27.16 5.91 9.41
C TYR A 353 -26.85 7.40 9.57
N GLY A 354 -27.52 8.06 10.51
CA GLY A 354 -27.26 9.46 10.74
C GLY A 354 -26.06 9.57 11.66
N ASN A 355 -25.17 10.52 11.42
CA ASN A 355 -23.99 10.67 12.26
C ASN A 355 -24.34 11.12 13.69
N ASP A 356 -25.46 11.82 13.82
CA ASP A 356 -25.90 12.36 15.10
C ASP A 356 -26.30 11.34 16.16
N ASN A 357 -27.16 10.40 15.79
CA ASN A 357 -27.63 9.39 16.74
C ASN A 357 -27.14 7.97 16.41
N ARG A 358 -26.42 7.85 15.31
CA ARG A 358 -25.90 6.55 14.90
C ARG A 358 -27.02 5.53 14.71
N LEU A 359 -28.20 6.01 14.37
CA LEU A 359 -29.36 5.15 14.13
C LEU A 359 -29.80 5.36 12.69
N MSE A 360 -30.65 4.48 12.20
CA MSE A 360 -31.17 4.62 10.84
C MSE A 360 -31.98 5.91 10.84
O MSE A 360 -32.44 6.36 11.89
CB MSE A 360 -32.06 3.44 10.47
CG MSE A 360 -31.30 2.35 9.72
SE MSE A 360 -32.22 0.65 9.69
CE MSE A 360 -31.15 -0.26 11.01
N ALA A 361 -32.15 6.51 9.66
CA ALA A 361 -32.88 7.77 9.57
C ALA A 361 -34.25 7.63 8.93
N LYS A 362 -35.21 8.35 9.50
CA LYS A 362 -36.57 8.34 9.02
C LYS A 362 -36.70 8.88 7.61
N ASN A 363 -37.51 8.21 6.80
CA ASN A 363 -37.78 8.63 5.44
C ASN A 363 -39.13 8.03 5.08
N ASP A 364 -39.81 8.61 4.09
CA ASP A 364 -41.14 8.12 3.72
C ASP A 364 -41.23 6.69 3.25
N LEU A 365 -40.21 6.24 2.53
CA LEU A 365 -40.19 4.86 2.03
C LEU A 365 -39.84 3.85 3.10
N ASN A 366 -39.33 4.34 4.22
CA ASN A 366 -38.93 3.47 5.31
C ASN A 366 -37.94 2.46 4.72
N ARG A 367 -37.06 2.97 3.87
CA ARG A 367 -36.02 2.21 3.19
C ARG A 367 -34.70 2.74 3.74
N HIS A 368 -33.91 1.86 4.34
CA HIS A 368 -32.66 2.26 4.93
C HIS A 368 -31.45 1.52 4.38
N SER A 369 -31.69 0.56 3.51
CA SER A 369 -30.61 -0.22 2.93
C SER A 369 -30.96 -0.75 1.55
N ARG A 370 -29.93 -1.15 0.81
CA ARG A 370 -30.07 -1.72 -0.52
C ARG A 370 -29.04 -2.84 -0.59
N GLY A 371 -29.31 -3.87 -1.37
CA GLY A 371 -28.36 -4.97 -1.47
C GLY A 371 -28.65 -5.85 -2.67
N ASP A 372 -27.95 -6.97 -2.78
CA ASP A 372 -28.17 -7.87 -3.91
C ASP A 372 -29.54 -8.53 -3.89
N ARG A 373 -30.18 -8.57 -2.71
CA ARG A 373 -31.51 -9.17 -2.59
C ARG A 373 -32.61 -8.20 -3.01
N THR A 374 -32.26 -6.92 -3.19
CA THR A 374 -33.24 -5.92 -3.57
C THR A 374 -32.89 -5.15 -4.84
N MSE A 375 -31.75 -5.47 -5.44
CA MSE A 375 -31.33 -4.81 -6.68
C MSE A 375 -30.78 -5.83 -7.66
O MSE A 375 -30.40 -6.93 -7.28
CB MSE A 375 -30.21 -3.79 -6.43
CG MSE A 375 -30.45 -2.72 -5.40
SE MSE A 375 -28.98 -1.45 -5.52
CE MSE A 375 -27.58 -2.51 -4.73
N LYS A 376 -30.70 -5.44 -8.93
CA LYS A 376 -30.13 -6.30 -9.97
C LYS A 376 -29.08 -5.51 -10.74
N ALA A 377 -27.95 -6.16 -11.01
CA ALA A 377 -26.83 -5.53 -11.71
C ALA A 377 -27.09 -5.22 -13.18
N ASP A 378 -26.57 -4.09 -13.64
CA ASP A 378 -26.72 -3.65 -15.02
C ASP A 378 -26.25 -4.75 -15.98
N LYS A 379 -26.53 -4.57 -17.26
CA LYS A 379 -26.14 -5.56 -18.27
C LYS A 379 -24.68 -5.97 -18.15
N ASP A 380 -23.86 -5.07 -17.61
CA ASP A 380 -22.44 -5.35 -17.42
C ASP A 380 -22.16 -5.84 -16.02
N GLY A 381 -23.23 -6.12 -15.27
CA GLY A 381 -23.09 -6.61 -13.91
C GLY A 381 -22.67 -5.63 -12.85
N TYR A 382 -22.86 -4.34 -13.11
CA TYR A 382 -22.52 -3.31 -12.12
C TYR A 382 -23.78 -2.96 -11.38
N TYR A 383 -23.66 -2.69 -10.08
CA TYR A 383 -24.82 -2.26 -9.31
C TYR A 383 -24.61 -0.75 -9.23
N THR A 384 -25.72 -0.02 -9.19
CA THR A 384 -25.65 1.43 -9.11
C THR A 384 -26.67 1.91 -8.10
N ILE A 385 -26.19 2.50 -7.01
CA ILE A 385 -27.07 3.02 -5.98
C ILE A 385 -27.11 4.55 -6.09
N TYR A 386 -28.32 5.10 -6.21
CA TYR A 386 -28.47 6.55 -6.30
C TYR A 386 -29.08 7.00 -4.97
N MSE A 387 -28.45 8.00 -4.35
CA MSE A 387 -28.89 8.50 -3.05
C MSE A 387 -29.30 9.97 -3.02
O MSE A 387 -28.60 10.82 -3.56
CB MSE A 387 -27.79 8.29 -2.00
CG MSE A 387 -27.42 6.83 -1.75
SE MSE A 387 -25.71 6.65 -0.87
CE MSE A 387 -24.62 6.76 -2.45
N SER A 388 -30.42 10.24 -2.36
CA SER A 388 -30.93 11.61 -2.24
C SER A 388 -31.95 11.70 -1.11
N ALA A 389 -32.21 12.92 -0.67
CA ALA A 389 -33.20 13.17 0.38
C ALA A 389 -34.54 13.35 -0.34
N ASN A 390 -34.46 13.54 -1.65
CA ASN A 390 -35.65 13.71 -2.47
C ASN A 390 -36.14 12.34 -2.93
N GLU A 391 -37.08 11.78 -2.19
CA GLU A 391 -37.62 10.47 -2.52
C GLU A 391 -38.93 10.51 -3.32
N LYS A 392 -39.25 11.66 -3.89
CA LYS A 392 -40.46 11.82 -4.68
C LYS A 392 -40.36 11.05 -6.00
N GLY A 393 -41.20 10.03 -6.15
CA GLY A 393 -41.20 9.23 -7.37
C GLY A 393 -40.15 8.14 -7.44
N ARG A 394 -39.68 7.68 -6.29
CA ARG A 394 -38.65 6.65 -6.24
C ARG A 394 -39.14 5.31 -5.68
N ALA A 395 -40.36 5.30 -5.14
CA ALA A 395 -40.91 4.07 -4.57
C ALA A 395 -40.80 2.92 -5.55
N ASP A 396 -40.86 3.23 -6.84
CA ASP A 396 -40.77 2.21 -7.88
C ASP A 396 -39.33 2.03 -8.38
N ASP A 397 -38.36 2.59 -7.66
CA ASP A 397 -36.96 2.48 -8.03
C ASP A 397 -36.20 1.65 -7.01
N PRO A 398 -35.87 0.39 -7.37
CA PRO A 398 -35.14 -0.52 -6.48
C PRO A 398 -33.71 -0.10 -6.18
N ASN A 399 -33.11 0.70 -7.08
CA ASN A 399 -31.75 1.16 -6.88
C ASN A 399 -31.64 2.48 -6.13
N PHE A 400 -32.79 3.02 -5.72
CA PHE A 400 -32.79 4.28 -4.99
C PHE A 400 -32.68 4.05 -3.48
N LEU A 401 -31.73 4.74 -2.86
CA LEU A 401 -31.55 4.62 -1.42
C LEU A 401 -31.69 6.00 -0.79
N PRO A 402 -32.74 6.19 0.02
CA PRO A 402 -33.00 7.46 0.69
C PRO A 402 -31.82 7.82 1.60
N VAL A 403 -31.56 9.10 1.73
CA VAL A 403 -30.49 9.59 2.57
C VAL A 403 -31.07 10.82 3.28
N PRO A 404 -30.75 11.02 4.56
CA PRO A 404 -31.27 12.15 5.34
C PRO A 404 -30.68 13.52 5.02
N GLU A 405 -31.43 14.55 5.42
CA GLU A 405 -31.04 15.94 5.23
C GLU A 405 -30.03 16.36 6.31
N LYS A 406 -29.04 15.51 6.53
CA LYS A 406 -28.01 15.76 7.55
C LYS A 406 -26.81 14.88 7.29
N PRO A 407 -25.73 15.05 8.07
CA PRO A 407 -24.56 14.20 7.85
C PRO A 407 -24.95 12.75 8.09
N PHE A 408 -24.47 11.85 7.24
CA PHE A 408 -24.78 10.44 7.36
C PHE A 408 -23.56 9.61 6.99
N TYR A 409 -23.61 8.33 7.31
CA TYR A 409 -22.54 7.43 6.93
C TYR A 409 -23.19 6.16 6.42
N ALA A 410 -22.45 5.40 5.62
CA ALA A 410 -22.98 4.18 5.06
C ALA A 410 -22.15 3.00 5.55
N ILE A 411 -22.84 1.92 5.93
CA ILE A 411 -22.17 0.71 6.39
C ILE A 411 -22.46 -0.41 5.39
N MSE A 412 -21.40 -0.97 4.80
CA MSE A 412 -21.58 -2.07 3.86
C MSE A 412 -21.27 -3.37 4.61
O MSE A 412 -20.25 -3.46 5.31
CB MSE A 412 -20.66 -1.91 2.65
CG MSE A 412 -20.99 -2.86 1.51
SE MSE A 412 -20.07 -2.42 -0.16
CE MSE A 412 -20.44 -0.54 -0.17
N ARG A 413 -22.15 -4.36 4.48
CA ARG A 413 -21.95 -5.63 5.15
C ARG A 413 -21.77 -6.76 4.15
N PHE A 414 -20.84 -7.67 4.46
CA PHE A 414 -20.56 -8.80 3.59
C PHE A 414 -20.68 -10.11 4.36
N TYR A 415 -21.56 -10.99 3.87
CA TYR A 415 -21.79 -12.28 4.50
C TYR A 415 -21.23 -13.37 3.60
N GLY A 416 -20.19 -14.05 4.08
CA GLY A 416 -19.56 -15.10 3.30
C GLY A 416 -18.53 -14.49 2.35
N ALA A 417 -17.87 -13.44 2.83
CA ALA A 417 -16.87 -12.71 2.06
C ALA A 417 -15.61 -13.53 1.81
N ASP A 418 -14.90 -13.20 0.71
CA ASP A 418 -13.66 -13.89 0.37
C ASP A 418 -12.51 -13.28 1.17
N ASP A 419 -11.29 -13.80 0.98
CA ASP A 419 -10.13 -13.33 1.73
C ASP A 419 -9.87 -11.83 1.64
N ALA A 420 -9.89 -11.28 0.43
CA ALA A 420 -9.61 -9.86 0.22
C ALA A 420 -10.51 -8.95 1.05
N ILE A 421 -11.77 -9.32 1.19
CA ILE A 421 -12.70 -8.53 1.98
C ILE A 421 -12.40 -8.73 3.46
N GLN A 422 -12.14 -9.99 3.84
CA GLN A 422 -11.84 -10.34 5.23
C GLN A 422 -10.59 -9.68 5.79
N SER A 423 -9.54 -9.61 4.97
CA SER A 423 -8.26 -9.04 5.39
C SER A 423 -8.19 -7.52 5.44
N GLY A 424 -9.17 -6.85 4.84
CA GLY A 424 -9.16 -5.40 4.82
C GLY A 424 -8.62 -4.87 3.49
N GLU A 425 -8.14 -5.76 2.63
CA GLU A 425 -7.61 -5.36 1.34
C GLU A 425 -8.70 -4.67 0.50
N TYR A 426 -9.79 -5.39 0.25
CA TYR A 426 -10.90 -4.84 -0.53
C TYR A 426 -11.34 -3.50 0.06
N GLN A 427 -11.52 -2.51 -0.82
CA GLN A 427 -11.94 -1.18 -0.39
C GLN A 427 -13.40 -0.95 -0.75
N MSE A 428 -14.12 -0.28 0.14
CA MSE A 428 -15.52 -0.01 -0.12
C MSE A 428 -15.68 0.89 -1.34
O MSE A 428 -14.92 1.85 -1.51
CB MSE A 428 -16.14 0.67 1.08
CG MSE A 428 -17.64 0.76 0.99
SE MSE A 428 -18.41 1.51 2.56
CE MSE A 428 -20.04 2.20 1.76
N PRO A 429 -16.66 0.59 -2.21
CA PRO A 429 -16.84 1.44 -3.39
C PRO A 429 -17.01 2.89 -2.94
N GLU A 430 -16.52 3.82 -3.73
CA GLU A 430 -16.61 5.24 -3.37
C GLU A 430 -17.99 5.78 -3.64
N ILE A 431 -18.40 6.78 -2.87
CA ILE A 431 -19.70 7.39 -3.12
C ILE A 431 -19.39 8.80 -3.62
N LYS A 432 -19.83 9.08 -4.84
CA LYS A 432 -19.57 10.34 -5.50
C LYS A 432 -20.73 11.30 -5.51
N VAL A 433 -20.41 12.59 -5.48
CA VAL A 433 -21.42 13.62 -5.54
C VAL A 433 -21.96 13.61 -6.97
N VAL A 434 -23.26 13.80 -7.11
CA VAL A 434 -23.90 13.84 -8.42
C VAL A 434 -24.15 15.29 -8.77
N LYS A 435 -23.88 15.67 -10.01
CA LYS A 435 -24.12 17.04 -10.44
C LYS A 435 -25.55 17.40 -10.03
N THR B 25 29.29 18.29 6.63
CA THR B 25 30.44 18.41 7.59
C THR B 25 31.43 17.28 7.36
N ASN B 26 32.52 17.28 8.14
CA ASN B 26 33.52 16.22 8.00
C ASN B 26 33.02 14.94 8.63
N VAL B 27 32.27 15.07 9.73
CA VAL B 27 31.72 13.90 10.39
C VAL B 27 30.67 13.24 9.49
N ASP B 28 29.95 14.05 8.71
CA ASP B 28 28.94 13.51 7.81
C ASP B 28 29.64 12.88 6.60
N LEU B 29 30.72 13.52 6.14
CA LEU B 29 31.50 13.00 5.03
C LEU B 29 32.05 11.64 5.46
N ALA B 30 32.55 11.57 6.68
CA ALA B 30 33.10 10.34 7.24
C ALA B 30 32.06 9.21 7.20
N GLU B 31 30.83 9.53 7.60
CA GLU B 31 29.76 8.55 7.60
C GLU B 31 29.50 8.07 6.18
N ASP B 32 29.44 9.00 5.23
CA ASP B 32 29.21 8.65 3.84
C ASP B 32 30.36 7.81 3.30
N ALA B 33 31.57 8.15 3.72
CA ALA B 33 32.75 7.40 3.27
C ALA B 33 32.61 5.94 3.70
N TYR B 34 32.36 5.73 5.00
CA TYR B 34 32.20 4.36 5.51
C TYR B 34 31.09 3.59 4.82
N ILE B 35 29.96 4.26 4.52
CA ILE B 35 28.86 3.55 3.87
C ILE B 35 29.26 3.14 2.46
N TYR B 36 30.01 3.99 1.76
CA TYR B 36 30.48 3.62 0.42
C TYR B 36 31.41 2.41 0.57
N GLY B 37 32.31 2.48 1.55
CA GLY B 37 33.26 1.40 1.78
C GLY B 37 32.70 0.13 2.40
N TYR B 38 31.55 0.24 3.04
CA TYR B 38 30.92 -0.92 3.70
C TYR B 38 30.85 -2.22 2.91
N SER B 39 30.32 -2.16 1.69
CA SER B 39 30.18 -3.37 0.87
C SER B 39 31.53 -4.00 0.57
N ILE B 40 32.52 -3.17 0.26
CA ILE B 40 33.86 -3.67 -0.03
C ILE B 40 34.46 -4.29 1.23
N ASP B 41 34.35 -3.56 2.34
CA ASP B 41 34.90 -4.05 3.60
C ASP B 41 34.29 -5.39 4.02
N GLU B 42 32.97 -5.53 3.90
CA GLU B 42 32.32 -6.78 4.28
C GLU B 42 32.63 -7.92 3.30
N ALA B 43 32.80 -7.59 2.03
CA ALA B 43 33.15 -8.61 1.05
C ALA B 43 34.55 -9.12 1.42
N TYR B 44 35.44 -8.22 1.79
CA TYR B 44 36.80 -8.61 2.17
C TYR B 44 36.79 -9.46 3.46
N LYS B 45 36.09 -9.00 4.49
CA LYS B 45 36.04 -9.74 5.74
C LYS B 45 35.54 -11.16 5.49
N PHE B 46 34.54 -11.29 4.63
CA PHE B 46 33.98 -12.60 4.30
C PHE B 46 35.06 -13.46 3.62
N PHE B 47 35.70 -12.90 2.60
CA PHE B 47 36.76 -13.59 1.88
C PHE B 47 37.87 -14.03 2.87
N TYR B 48 38.26 -13.11 3.75
CA TYR B 48 39.32 -13.40 4.74
C TYR B 48 38.95 -14.59 5.63
N HIS B 49 37.77 -14.54 6.23
CA HIS B 49 37.32 -15.60 7.12
C HIS B 49 37.03 -16.93 6.43
N THR B 50 36.84 -16.90 5.12
CA THR B 50 36.59 -18.13 4.39
C THR B 50 37.86 -18.62 3.69
N ALA B 51 38.19 -17.98 2.56
CA ALA B 51 39.36 -18.35 1.78
C ALA B 51 40.72 -18.19 2.43
N VAL B 52 40.96 -17.06 3.08
CA VAL B 52 42.27 -16.86 3.68
C VAL B 52 42.59 -17.74 4.89
N GLU B 53 41.82 -17.66 5.97
CA GLU B 53 42.17 -18.49 7.11
C GLU B 53 41.91 -19.98 6.96
N ASN B 54 41.23 -20.39 5.89
CA ASN B 54 40.98 -21.81 5.65
C ASN B 54 41.89 -22.27 4.52
N ASN B 55 42.72 -21.34 4.05
CA ASN B 55 43.68 -21.61 3.01
C ASN B 55 43.09 -22.20 1.73
N TYR B 56 41.97 -21.66 1.26
CA TYR B 56 41.37 -22.16 0.03
C TYR B 56 42.17 -21.74 -1.18
N PRO B 57 42.57 -22.69 -2.04
CA PRO B 57 43.33 -22.29 -3.21
C PRO B 57 42.43 -21.48 -4.14
N LEU B 58 43.01 -20.48 -4.80
CA LEU B 58 42.23 -19.64 -5.72
C LEU B 58 42.16 -20.30 -7.09
N ASN B 59 41.16 -19.91 -7.86
CA ASN B 59 40.95 -20.46 -9.20
C ASN B 59 40.70 -21.96 -9.21
N GLU B 60 39.97 -22.43 -8.21
CA GLU B 60 39.60 -23.83 -8.08
C GLU B 60 38.24 -23.87 -7.41
N PHE B 61 37.48 -24.94 -7.64
CA PHE B 61 36.19 -25.09 -6.99
C PHE B 61 36.47 -25.64 -5.60
N GLN B 62 35.89 -25.02 -4.58
CA GLN B 62 36.10 -25.47 -3.21
C GLN B 62 35.84 -26.96 -3.11
N PRO B 76 21.06 -20.87 8.55
CA PRO B 76 21.47 -20.76 7.14
C PRO B 76 20.32 -20.62 6.12
N THR B 77 19.32 -21.49 6.22
CA THR B 77 18.20 -21.52 5.26
C THR B 77 18.88 -21.89 3.95
N ILE B 78 18.98 -23.20 3.75
CA ILE B 78 19.69 -23.83 2.64
C ILE B 78 18.91 -24.43 1.46
N ASN B 79 19.39 -24.13 0.27
CA ASN B 79 18.79 -24.56 -1.00
C ASN B 79 18.61 -26.06 -1.22
N ASN B 80 17.36 -26.46 -1.39
CA ASN B 80 17.01 -27.86 -1.63
C ASN B 80 16.72 -28.03 -3.11
N ASP B 81 16.78 -26.93 -3.85
CA ASP B 81 16.50 -26.94 -5.27
C ASP B 81 17.71 -27.30 -6.12
N THR B 82 18.89 -26.87 -5.69
CA THR B 82 20.09 -27.09 -6.48
C THR B 82 21.34 -27.58 -5.76
N LEU B 83 22.23 -28.21 -6.53
CA LEU B 83 23.52 -28.65 -6.03
C LEU B 83 24.38 -27.41 -6.30
N HIS B 84 25.54 -27.31 -5.66
CA HIS B 84 26.35 -26.10 -5.84
C HIS B 84 27.84 -26.31 -5.97
N LEU B 85 28.48 -25.32 -6.60
CA LEU B 85 29.93 -25.29 -6.78
C LEU B 85 30.34 -23.87 -6.40
N MSE B 86 31.38 -23.74 -5.59
CA MSE B 86 31.84 -22.42 -5.17
C MSE B 86 33.35 -22.29 -5.34
O MSE B 86 34.08 -23.27 -5.41
CB MSE B 86 31.51 -22.19 -3.71
CG MSE B 86 30.09 -22.51 -3.31
SE MSE B 86 29.92 -22.34 -1.39
CE MSE B 86 31.42 -23.44 -0.90
N GLY B 87 33.81 -21.03 -5.39
CA GLY B 87 35.22 -20.79 -5.53
C GLY B 87 35.50 -19.31 -5.63
N TRP B 88 36.78 -18.98 -5.69
CA TRP B 88 37.19 -17.59 -5.85
C TRP B 88 38.13 -17.53 -7.03
N LEU B 89 37.83 -16.64 -7.97
CA LEU B 89 38.68 -16.46 -9.14
C LEU B 89 39.69 -15.37 -8.80
N ASP B 90 40.90 -15.51 -9.34
CA ASP B 90 41.93 -14.48 -9.17
C ASP B 90 42.45 -14.22 -10.59
N VAL B 91 42.15 -13.03 -11.11
CA VAL B 91 42.60 -12.68 -12.46
C VAL B 91 43.74 -11.68 -12.48
N ALA B 92 44.39 -11.50 -11.33
CA ALA B 92 45.50 -10.55 -11.23
C ALA B 92 46.64 -10.84 -12.21
N ALA B 93 47.13 -12.07 -12.20
CA ALA B 93 48.24 -12.45 -13.08
C ALA B 93 47.87 -12.57 -14.55
N GLU B 94 46.66 -13.07 -14.82
CA GLU B 94 46.18 -13.28 -16.19
C GLU B 94 44.70 -13.68 -16.14
N PRO B 95 44.01 -13.72 -17.31
CA PRO B 95 42.59 -14.10 -17.34
C PRO B 95 42.36 -15.54 -16.85
N VAL B 96 41.11 -15.87 -16.50
CA VAL B 96 40.77 -17.21 -16.01
C VAL B 96 39.50 -17.64 -16.75
N ILE B 97 39.50 -18.87 -17.25
CA ILE B 97 38.36 -19.36 -18.02
C ILE B 97 37.58 -20.39 -17.23
N VAL B 98 36.27 -20.19 -17.17
CA VAL B 98 35.39 -21.12 -16.47
C VAL B 98 34.68 -21.90 -17.58
N SER B 99 34.82 -23.21 -17.55
CA SER B 99 34.20 -24.06 -18.57
C SER B 99 32.89 -24.67 -18.08
N VAL B 100 31.84 -24.44 -18.84
CA VAL B 100 30.52 -24.98 -18.52
C VAL B 100 30.07 -25.80 -19.72
N PRO B 101 29.92 -27.12 -19.54
CA PRO B 101 29.48 -27.99 -20.63
C PRO B 101 28.05 -27.70 -21.03
N ASP B 102 27.62 -28.18 -22.20
CA ASP B 102 26.24 -27.99 -22.58
C ASP B 102 25.46 -28.89 -21.62
N MSE B 103 24.29 -28.43 -21.18
CA MSE B 103 23.49 -29.21 -20.24
C MSE B 103 22.26 -29.82 -20.89
O MSE B 103 21.90 -29.48 -22.01
CB MSE B 103 23.07 -28.32 -19.07
CG MSE B 103 23.40 -28.91 -17.70
SE MSE B 103 24.94 -28.07 -16.89
CE MSE B 103 26.16 -28.25 -18.34
N ASP B 104 21.61 -30.73 -20.16
CA ASP B 104 20.43 -31.38 -20.69
C ASP B 104 19.20 -30.48 -20.63
N GLU B 105 18.38 -30.61 -21.67
CA GLU B 105 17.17 -29.80 -21.81
C GLU B 105 16.29 -29.75 -20.56
N GLY B 106 15.85 -28.55 -20.21
CA GLY B 106 14.98 -28.39 -19.05
C GLY B 106 15.65 -28.23 -17.69
N ARG B 107 16.91 -28.62 -17.58
CA ARG B 107 17.60 -28.49 -16.30
C ARG B 107 18.09 -27.08 -16.04
N TYR B 108 17.68 -26.52 -14.90
CA TYR B 108 18.11 -25.17 -14.54
C TYR B 108 19.56 -25.18 -14.09
N TRP B 109 20.29 -24.14 -14.45
CA TRP B 109 21.68 -24.00 -14.03
C TRP B 109 22.08 -22.54 -14.12
N ILE B 110 23.01 -22.13 -13.27
CA ILE B 110 23.48 -20.76 -13.30
C ILE B 110 24.91 -20.64 -12.81
N LEU B 111 25.68 -19.78 -13.49
CA LEU B 111 27.06 -19.51 -13.10
C LEU B 111 26.96 -18.04 -12.68
N HIS B 112 27.19 -17.80 -11.40
CA HIS B 112 27.06 -16.46 -10.86
C HIS B 112 28.37 -15.95 -10.26
N THR B 113 28.82 -14.79 -10.74
CA THR B 113 30.06 -14.20 -10.24
C THR B 113 29.81 -12.79 -9.74
N MSE B 114 30.53 -12.42 -8.69
CA MSE B 114 30.40 -11.09 -8.10
C MSE B 114 31.77 -10.52 -7.75
O MSE B 114 32.65 -11.26 -7.33
CB MSE B 114 29.54 -11.16 -6.83
CG MSE B 114 28.12 -11.65 -7.09
SE MSE B 114 26.95 -11.48 -5.56
CE MSE B 114 26.97 -9.58 -5.40
N ASP B 115 31.95 -9.21 -7.94
CA ASP B 115 33.23 -8.62 -7.60
C ASP B 115 33.27 -8.19 -6.15
N MSE B 116 34.43 -7.72 -5.71
CA MSE B 116 34.61 -7.32 -4.34
C MSE B 116 33.89 -6.03 -3.93
O MSE B 116 33.95 -5.61 -2.78
CB MSE B 116 36.11 -7.25 -4.04
CG MSE B 116 36.78 -8.58 -4.30
SE MSE B 116 36.31 -9.87 -2.93
CE MSE B 116 37.58 -9.14 -1.65
N GLY B 117 33.22 -5.39 -4.88
CA GLY B 117 32.45 -4.20 -4.55
C GLY B 117 31.00 -4.62 -4.32
N HIS B 118 30.81 -5.94 -4.36
CA HIS B 118 29.51 -6.60 -4.19
C HIS B 118 28.52 -6.37 -5.33
N TYR B 119 29.04 -6.29 -6.55
CA TYR B 119 28.20 -6.16 -7.74
C TYR B 119 28.25 -7.49 -8.48
N THR B 120 27.12 -7.92 -9.02
CA THR B 120 27.11 -9.16 -9.80
C THR B 120 27.71 -8.74 -11.14
N ASN B 121 28.68 -9.49 -11.66
CA ASN B 121 29.28 -9.14 -12.94
C ASN B 121 29.10 -10.20 -14.01
N ALA B 122 28.38 -11.26 -13.66
CA ALA B 122 28.06 -12.32 -14.62
C ALA B 122 27.01 -13.24 -14.03
N ALA B 123 26.02 -13.58 -14.86
CA ALA B 123 24.95 -14.47 -14.46
C ALA B 123 24.58 -15.29 -15.68
N PHE B 124 25.42 -16.27 -16.01
CA PHE B 124 25.17 -17.15 -17.16
C PHE B 124 24.24 -18.26 -16.66
N SER B 125 23.14 -18.49 -17.37
CA SER B 125 22.24 -19.54 -16.93
C SER B 125 21.26 -20.01 -17.98
N SER B 126 20.61 -21.12 -17.66
CA SER B 126 19.60 -21.73 -18.51
C SER B 126 18.49 -20.73 -18.79
N ARG B 127 18.23 -19.83 -17.85
CA ARG B 127 17.18 -18.84 -18.02
C ARG B 127 17.34 -18.05 -19.32
N THR B 128 18.58 -17.68 -19.63
CA THR B 128 18.83 -16.89 -20.83
C THR B 128 19.63 -17.60 -21.92
N ARG B 129 20.05 -18.83 -21.66
CA ARG B 129 20.84 -19.58 -22.64
C ARG B 129 20.27 -20.95 -22.97
N GLY B 130 19.39 -21.45 -22.11
CA GLY B 130 18.85 -22.78 -22.35
C GLY B 130 19.92 -23.79 -21.96
N THR B 131 20.20 -24.73 -22.86
CA THR B 131 21.20 -25.77 -22.61
C THR B 131 22.64 -25.33 -22.90
N LYS B 132 22.80 -24.23 -23.62
CA LYS B 132 24.11 -23.75 -24.02
C LYS B 132 25.08 -23.30 -22.93
N GLY B 133 26.14 -24.08 -22.75
CA GLY B 133 27.17 -23.74 -21.79
C GLY B 133 28.18 -22.91 -22.55
N GLY B 134 29.47 -23.10 -22.28
CA GLY B 134 30.46 -22.34 -23.02
C GLY B 134 31.78 -22.15 -22.29
N GLN B 135 32.68 -21.41 -22.91
CA GLN B 135 33.98 -21.12 -22.32
C GLN B 135 33.90 -19.65 -21.94
N PHE B 136 33.78 -19.38 -20.64
CA PHE B 136 33.63 -18.01 -20.17
C PHE B 136 34.90 -17.46 -19.56
N MSE B 137 35.46 -16.44 -20.19
CA MSE B 137 36.70 -15.87 -19.70
C MSE B 137 36.47 -14.61 -18.88
O MSE B 137 35.73 -13.70 -19.28
CB MSE B 137 37.64 -15.55 -20.87
CG MSE B 137 39.07 -15.21 -20.45
SE MSE B 137 40.31 -15.06 -21.95
CE MSE B 137 40.21 -13.17 -22.14
N PHE B 138 37.12 -14.57 -17.73
CA PHE B 138 37.07 -13.42 -16.84
C PHE B 138 38.43 -12.75 -16.90
N ALA B 139 38.46 -11.46 -17.22
CA ALA B 139 39.73 -10.76 -17.31
C ALA B 139 39.67 -9.41 -16.62
N ALA B 140 40.81 -8.95 -16.13
CA ALA B 140 40.90 -7.64 -15.49
C ALA B 140 40.68 -6.59 -16.57
N GLN B 141 40.16 -5.43 -16.17
CA GLN B 141 39.88 -4.35 -17.09
C GLN B 141 41.10 -3.91 -17.89
N ASP B 142 42.26 -3.90 -17.25
CA ASP B 142 43.48 -3.46 -17.92
C ASP B 142 44.23 -4.53 -18.68
N TRP B 143 43.68 -5.74 -18.74
CA TRP B 143 44.35 -6.80 -19.47
C TRP B 143 44.17 -6.54 -20.97
N GLN B 144 45.28 -6.57 -21.69
CA GLN B 144 45.24 -6.38 -23.12
C GLN B 144 45.90 -7.67 -23.62
N GLY B 145 45.29 -8.29 -24.62
CA GLY B 145 45.82 -9.53 -25.15
C GLY B 145 44.77 -10.13 -26.05
N GLU B 146 45.17 -11.13 -26.84
CA GLU B 146 44.27 -11.77 -27.78
C GLU B 146 43.35 -12.76 -27.06
N VAL B 147 42.07 -12.76 -27.45
CA VAL B 147 41.09 -13.68 -26.87
C VAL B 147 41.00 -14.92 -27.76
N PRO B 148 41.19 -16.11 -27.19
CA PRO B 148 41.12 -17.35 -27.96
C PRO B 148 39.79 -17.48 -28.69
N ALA B 149 39.86 -17.95 -29.94
CA ALA B 149 38.65 -18.12 -30.75
C ALA B 149 37.70 -19.04 -29.99
N SER B 150 38.30 -19.95 -29.26
CA SER B 150 37.65 -20.92 -28.41
C SER B 150 36.68 -20.33 -27.36
N VAL B 151 36.98 -19.11 -26.90
CA VAL B 151 36.18 -18.46 -25.86
C VAL B 151 34.84 -17.90 -26.33
N ASP B 152 33.78 -18.20 -25.59
CA ASP B 152 32.43 -17.75 -25.92
C ASP B 152 32.15 -16.29 -25.56
N GLU B 153 32.53 -15.90 -24.36
CA GLU B 153 32.31 -14.53 -23.92
C GLU B 153 33.37 -14.12 -22.91
N VAL B 154 33.72 -12.85 -22.94
CA VAL B 154 34.70 -12.31 -22.02
C VAL B 154 33.99 -11.39 -21.04
N VAL B 155 34.24 -11.60 -19.75
CA VAL B 155 33.66 -10.75 -18.70
C VAL B 155 34.80 -9.94 -18.08
N ARG B 156 34.72 -8.62 -18.19
CA ARG B 156 35.72 -7.72 -17.62
C ARG B 156 35.37 -7.48 -16.16
N VAL B 157 36.26 -7.85 -15.25
CA VAL B 157 35.99 -7.69 -13.83
C VAL B 157 36.79 -6.54 -13.23
N ASP B 158 36.18 -5.79 -12.32
CA ASP B 158 36.82 -4.64 -11.70
C ASP B 158 37.67 -4.93 -10.47
N SER B 159 37.52 -6.12 -9.90
CA SER B 159 38.35 -6.53 -8.77
C SER B 159 39.05 -7.78 -9.28
N ASN B 160 40.31 -8.00 -8.88
CA ASN B 160 41.03 -9.19 -9.35
C ASN B 160 40.47 -10.45 -8.70
N LEU B 161 39.88 -10.30 -7.52
CA LEU B 161 39.29 -11.43 -6.84
C LEU B 161 37.79 -11.36 -7.10
N VAL B 162 37.20 -12.46 -7.53
CA VAL B 162 35.76 -12.47 -7.75
C VAL B 162 35.17 -13.78 -7.24
N LYS B 163 34.08 -13.66 -6.49
CA LYS B 163 33.42 -14.82 -5.90
C LYS B 163 32.60 -15.53 -6.98
N LEU B 164 32.76 -16.84 -7.06
CA LEU B 164 32.05 -17.63 -8.04
C LEU B 164 31.11 -18.62 -7.39
N MSE B 165 29.90 -18.71 -7.90
CA MSE B 165 28.90 -19.63 -7.39
C MSE B 165 28.19 -20.29 -8.57
O MSE B 165 27.71 -19.62 -9.48
CB MSE B 165 27.88 -18.88 -6.54
CG MSE B 165 26.67 -19.71 -6.10
SE MSE B 165 27.10 -21.11 -4.83
CE MSE B 165 27.27 -20.02 -3.25
N GLY B 166 28.14 -21.61 -8.55
CA GLY B 166 27.48 -22.34 -9.62
C GLY B 166 26.35 -23.15 -9.00
N ARG B 167 25.19 -23.15 -9.65
CA ARG B 167 24.05 -23.89 -9.15
C ARG B 167 23.43 -24.72 -10.27
N ILE B 168 23.16 -25.98 -9.99
CA ILE B 168 22.56 -26.85 -11.01
C ILE B 168 21.37 -27.57 -10.37
N MSE B 169 20.19 -27.47 -10.99
CA MSE B 169 18.99 -28.13 -10.49
C MSE B 169 19.07 -29.67 -10.45
O MSE B 169 19.66 -30.28 -11.35
CB MSE B 169 17.81 -27.73 -11.38
CG MSE B 169 16.61 -28.68 -11.40
SE MSE B 169 15.33 -28.31 -12.81
CE MSE B 169 14.40 -26.84 -12.00
N ALA B 170 18.47 -30.26 -9.42
CA ALA B 170 18.40 -31.71 -9.25
C ALA B 170 17.03 -31.94 -8.59
N VAL B 171 16.13 -32.61 -9.31
CA VAL B 171 14.78 -32.84 -8.82
C VAL B 171 14.60 -33.99 -7.82
N ASN B 172 15.48 -34.97 -7.84
CA ASN B 172 15.39 -36.10 -6.92
C ASN B 172 16.75 -36.76 -6.79
N ASP B 173 16.87 -37.77 -5.93
CA ASP B 173 18.15 -38.46 -5.73
C ASP B 173 18.79 -39.07 -6.98
N GLU B 174 17.99 -39.64 -7.87
CA GLU B 174 18.55 -40.23 -9.08
C GLU B 174 18.94 -39.15 -10.10
N ASP B 175 18.15 -38.08 -10.15
CA ASP B 175 18.42 -36.99 -11.08
C ASP B 175 19.67 -36.22 -10.66
N ALA B 176 19.98 -36.28 -9.36
CA ALA B 176 21.15 -35.60 -8.83
C ALA B 176 22.43 -36.24 -9.35
N LYS B 177 22.35 -37.52 -9.69
CA LYS B 177 23.51 -38.24 -10.22
C LYS B 177 23.79 -37.71 -11.62
N VAL B 178 22.74 -37.36 -12.34
CA VAL B 178 22.88 -36.84 -13.70
C VAL B 178 23.44 -35.43 -13.59
N ALA B 179 22.91 -34.65 -12.65
CA ALA B 179 23.38 -33.28 -12.44
C ALA B 179 24.85 -33.33 -12.00
N LEU B 180 25.17 -34.28 -11.13
CA LEU B 180 26.53 -34.42 -10.65
C LEU B 180 27.50 -34.69 -11.78
N ASN B 181 27.07 -35.50 -12.76
CA ASN B 181 27.93 -35.83 -13.90
C ASN B 181 28.26 -34.58 -14.68
N TYR B 182 27.29 -33.70 -14.84
CA TYR B 182 27.53 -32.46 -15.56
C TYR B 182 28.43 -31.57 -14.71
N MSE B 183 28.09 -31.43 -13.44
CA MSE B 183 28.88 -30.61 -12.52
C MSE B 183 30.36 -30.92 -12.63
O MSE B 183 31.19 -30.01 -12.69
CB MSE B 183 28.44 -30.84 -11.07
CG MSE B 183 27.02 -30.42 -10.74
SE MSE B 183 26.95 -29.67 -8.96
CE MSE B 183 27.44 -27.86 -9.37
N ASP B 184 30.69 -32.21 -12.66
CA ASP B 184 32.07 -32.64 -12.74
C ASP B 184 32.81 -32.13 -13.97
N GLN B 185 32.08 -31.71 -14.98
CA GLN B 185 32.70 -31.20 -16.20
C GLN B 185 32.95 -29.69 -16.12
N TRP B 186 32.45 -29.04 -15.09
CA TRP B 186 32.69 -27.61 -14.92
C TRP B 186 34.18 -27.52 -14.63
N ASN B 187 34.84 -26.47 -15.10
CA ASN B 187 36.27 -26.37 -14.87
C ASN B 187 36.74 -24.91 -14.80
N ILE B 188 37.86 -24.70 -14.10
CA ILE B 188 38.46 -23.37 -13.97
C ILE B 188 39.93 -23.51 -14.35
N ARG B 189 40.36 -22.69 -15.30
CA ARG B 189 41.74 -22.73 -15.77
C ARG B 189 42.23 -21.34 -16.12
N THR B 190 43.48 -21.06 -15.80
CA THR B 190 44.05 -19.77 -16.15
C THR B 190 44.20 -19.79 -17.67
N LEU B 191 44.32 -18.61 -18.26
CA LEU B 191 44.48 -18.53 -19.70
C LEU B 191 45.67 -19.38 -20.16
N SER B 192 46.80 -19.28 -19.46
CA SER B 192 47.99 -20.05 -19.80
C SER B 192 47.75 -21.55 -19.73
N GLU B 193 47.05 -22.02 -18.70
CA GLU B 193 46.77 -23.45 -18.60
C GLU B 193 45.82 -23.86 -19.73
N TYR B 194 44.85 -23.00 -20.01
CA TYR B 194 43.88 -23.25 -21.07
C TYR B 194 44.61 -23.41 -22.42
N LEU B 195 45.68 -22.64 -22.60
CA LEU B 195 46.44 -22.69 -23.85
C LEU B 195 47.66 -23.60 -23.82
N GLY B 196 47.91 -24.26 -22.70
CA GLY B 196 49.07 -25.14 -22.61
C GLY B 196 50.41 -24.42 -22.67
N LYS B 197 50.49 -23.26 -22.03
CA LYS B 197 51.71 -22.45 -22.02
C LYS B 197 52.15 -22.18 -20.58
N ASN B 198 53.43 -21.88 -20.38
CA ASN B 198 53.93 -21.60 -19.04
C ASN B 198 53.71 -20.12 -18.73
N GLY B 199 52.63 -19.84 -18.01
CA GLY B 199 52.28 -18.47 -17.69
C GLY B 199 52.98 -17.85 -16.50
N PRO B 200 52.60 -16.61 -16.14
CA PRO B 200 53.22 -15.95 -15.00
C PRO B 200 52.81 -16.64 -13.71
N LYS B 201 53.64 -16.50 -12.68
CA LYS B 201 53.34 -17.08 -11.40
C LYS B 201 52.15 -16.34 -10.78
N PRO B 202 51.29 -17.06 -10.05
CA PRO B 202 50.12 -16.44 -9.43
C PRO B 202 50.57 -15.34 -8.48
N VAL B 203 49.83 -14.23 -8.44
CA VAL B 203 50.18 -13.14 -7.55
C VAL B 203 50.02 -13.62 -6.11
N GLN B 204 50.92 -13.17 -5.24
CA GLN B 204 50.86 -13.53 -3.83
C GLN B 204 50.51 -12.27 -3.05
N ARG B 205 49.49 -12.37 -2.20
CA ARG B 205 49.04 -11.21 -1.44
C ARG B 205 49.36 -11.24 0.06
N THR B 206 49.49 -10.04 0.64
CA THR B 206 49.73 -9.89 2.08
C THR B 206 48.40 -9.33 2.57
N TYR B 207 47.63 -10.16 3.26
CA TYR B 207 46.30 -9.78 3.75
C TYR B 207 46.17 -9.10 5.10
N PRO B 208 45.55 -7.91 5.14
CA PRO B 208 45.37 -7.21 6.41
C PRO B 208 44.42 -8.04 7.25
N ASP B 209 44.75 -8.23 8.52
CA ASP B 209 43.92 -9.01 9.44
C ASP B 209 42.74 -8.12 9.87
N PRO B 210 41.50 -8.56 9.60
CA PRO B 210 40.36 -7.73 10.02
C PRO B 210 40.26 -7.55 11.54
N LYS B 211 40.85 -8.46 12.28
CA LYS B 211 40.84 -8.40 13.75
C LYS B 211 41.57 -7.17 14.29
N LYS B 212 42.56 -6.69 13.54
CA LYS B 212 43.34 -5.55 14.01
C LYS B 212 43.75 -4.53 12.94
N SER B 213 42.79 -4.12 12.11
CA SER B 213 43.06 -3.12 11.09
C SER B 213 41.85 -2.20 11.05
N THR B 214 41.97 -1.07 10.36
CA THR B 214 40.84 -0.17 10.27
C THR B 214 40.11 -0.48 8.95
N TRP B 215 38.86 -0.04 8.82
CA TRP B 215 38.15 -0.30 7.59
C TRP B 215 38.83 0.43 6.45
N LEU B 216 39.52 1.53 6.77
CA LEU B 216 40.23 2.31 5.75
C LEU B 216 41.35 1.48 5.10
N GLU B 217 42.16 0.79 5.90
CA GLU B 217 43.23 0.04 5.28
C GLU B 217 42.73 -1.20 4.54
N ARG B 218 41.63 -1.78 5.01
CA ARG B 218 41.10 -2.96 4.33
C ARG B 218 40.53 -2.52 2.97
N VAL B 219 39.67 -1.51 2.98
CA VAL B 219 39.06 -1.03 1.74
C VAL B 219 40.12 -0.54 0.75
N ASN B 220 41.13 0.17 1.25
CA ASN B 220 42.19 0.68 0.36
C ASN B 220 42.99 -0.50 -0.22
N PHE B 221 43.12 -1.57 0.56
CA PHE B 221 43.83 -2.76 0.11
C PHE B 221 43.03 -3.41 -1.04
N VAL B 222 41.74 -3.62 -0.84
CA VAL B 222 40.92 -4.23 -1.90
C VAL B 222 40.89 -3.33 -3.14
N LEU B 223 40.74 -2.03 -2.90
CA LEU B 223 40.70 -1.05 -3.99
C LEU B 223 41.96 -1.11 -4.85
N CYS B 224 43.10 -1.36 -4.22
CA CYS B 224 44.38 -1.43 -4.94
C CYS B 224 44.45 -2.66 -5.85
N ASP B 225 43.79 -3.74 -5.43
CA ASP B 225 43.81 -5.00 -6.16
C ASP B 225 42.80 -5.10 -7.30
N GLY B 226 42.88 -4.14 -8.22
CA GLY B 226 41.99 -4.12 -9.37
C GLY B 226 41.81 -2.70 -9.90
N SER B 227 40.68 -2.43 -10.55
CA SER B 227 40.43 -1.10 -11.08
C SER B 227 39.14 -0.45 -10.57
N MSE B 228 38.66 -0.88 -9.41
CA MSE B 228 37.44 -0.29 -8.87
C MSE B 228 37.68 1.20 -8.63
O MSE B 228 36.74 1.97 -8.52
CB MSE B 228 37.01 -1.00 -7.57
CG MSE B 228 36.68 -2.48 -7.76
SE MSE B 228 35.66 -3.30 -6.31
CE MSE B 228 34.08 -3.72 -7.31
N GLY B 229 38.95 1.58 -8.55
CA GLY B 229 39.28 2.98 -8.37
C GLY B 229 38.66 3.80 -9.50
N ASN B 230 38.74 3.28 -10.72
CA ASN B 230 38.17 3.96 -11.88
C ASN B 230 36.65 3.82 -11.89
N ALA B 231 36.17 2.61 -11.61
CA ALA B 231 34.73 2.34 -11.60
C ALA B 231 33.98 3.13 -10.52
N ASP B 232 34.65 3.41 -9.40
CA ASP B 232 34.03 4.13 -8.30
C ASP B 232 34.50 5.57 -8.18
N LYS B 233 35.12 6.11 -9.22
CA LYS B 233 35.63 7.47 -9.16
C LYS B 233 34.61 8.49 -8.65
N GLN B 234 33.35 8.36 -9.05
CA GLN B 234 32.34 9.31 -8.61
C GLN B 234 32.22 9.33 -7.08
N TRP B 235 32.49 8.19 -6.45
CA TRP B 235 32.41 8.09 -5.00
C TRP B 235 33.73 8.45 -4.33
N LEU B 236 34.81 7.85 -4.83
CA LEU B 236 36.13 8.09 -4.27
C LEU B 236 36.55 9.56 -4.34
N ASP B 237 36.14 10.27 -5.38
CA ASP B 237 36.50 11.69 -5.48
C ASP B 237 35.94 12.47 -4.30
N LYS B 238 34.79 12.03 -3.79
CA LYS B 238 34.13 12.69 -2.67
C LYS B 238 34.78 12.40 -1.32
N TYR B 239 35.27 11.18 -1.15
CA TYR B 239 35.83 10.75 0.13
C TYR B 239 37.35 10.77 0.29
N GLN B 240 38.03 11.44 -0.62
CA GLN B 240 39.47 11.54 -0.59
C GLN B 240 40.03 11.99 0.77
N SER B 241 39.50 13.09 1.29
CA SER B 241 39.97 13.64 2.57
C SER B 241 39.79 12.68 3.75
N ILE B 242 38.86 11.73 3.63
CA ILE B 242 38.65 10.79 4.71
C ILE B 242 39.78 9.77 4.74
N GLY B 243 40.41 9.57 3.58
CA GLY B 243 41.51 8.62 3.50
C GLY B 243 41.18 7.40 2.64
N VAL B 244 39.99 7.36 2.06
CA VAL B 244 39.61 6.23 1.21
C VAL B 244 40.30 6.49 -0.11
N GLU B 245 41.18 5.57 -0.52
CA GLU B 245 41.94 5.76 -1.74
C GLU B 245 42.72 4.48 -2.03
N PRO B 246 42.67 4.00 -3.29
CA PRO B 246 43.38 2.77 -3.70
C PRO B 246 44.86 2.70 -3.37
N CYS B 247 45.24 1.74 -2.52
CA CYS B 247 46.66 1.55 -2.15
C CYS B 247 47.17 2.48 -1.04
N LYS B 248 46.34 3.38 -0.51
CA LYS B 248 46.80 4.29 0.53
C LYS B 248 46.95 3.56 1.88
N THR B 249 48.14 3.70 2.49
CA THR B 249 48.43 3.05 3.77
C THR B 249 48.87 4.04 4.84
N ASP B 250 49.17 5.27 4.45
CA ASP B 250 49.62 6.29 5.39
C ASP B 250 48.44 7.20 5.74
N PHE B 251 48.17 7.37 7.03
CA PHE B 251 47.04 8.20 7.45
C PHE B 251 47.37 9.28 8.44
N THR B 252 46.49 10.27 8.45
CA THR B 252 46.59 11.43 9.31
C THR B 252 45.81 11.12 10.58
N PRO B 253 46.19 11.73 11.73
CA PRO B 253 45.44 11.44 12.97
C PRO B 253 43.95 11.74 12.77
N GLU B 254 43.66 12.87 12.14
CA GLU B 254 42.29 13.27 11.89
C GLU B 254 41.56 12.21 11.05
N GLN B 255 42.27 11.59 10.10
CA GLN B 255 41.64 10.55 9.26
C GLN B 255 41.31 9.31 10.06
N LEU B 256 42.18 8.94 11.00
CA LEU B 256 41.93 7.78 11.84
C LEU B 256 40.71 8.08 12.73
N LYS B 257 40.63 9.33 13.19
CA LYS B 257 39.52 9.75 14.04
C LYS B 257 38.21 9.73 13.26
N LEU B 258 38.22 10.34 12.09
CA LEU B 258 37.03 10.40 11.24
C LEU B 258 36.58 9.00 10.81
N ALA B 259 37.54 8.11 10.61
CA ALA B 259 37.23 6.73 10.21
C ALA B 259 36.42 6.04 11.30
N LYS B 260 36.80 6.27 12.55
CA LYS B 260 36.12 5.66 13.68
C LYS B 260 34.70 6.21 13.80
N VAL B 261 34.59 7.53 13.74
CA VAL B 261 33.29 8.20 13.81
C VAL B 261 32.38 7.75 12.67
N GLY B 262 32.93 7.78 11.46
CA GLY B 262 32.18 7.39 10.28
C GLY B 262 31.64 5.98 10.34
N GLU B 263 32.45 5.06 10.86
CA GLU B 263 32.00 3.68 10.96
C GLU B 263 30.85 3.56 11.95
N LYS B 264 30.99 4.20 13.11
CA LYS B 264 29.94 4.12 14.12
C LYS B 264 28.63 4.72 13.63
N LYS B 265 28.67 5.91 13.06
CA LYS B 265 27.46 6.53 12.56
C LYS B 265 26.91 5.73 11.38
N GLY B 266 27.79 5.40 10.45
CA GLY B 266 27.40 4.63 9.28
C GLY B 266 26.66 3.35 9.63
N MSE B 267 27.20 2.57 10.56
CA MSE B 267 26.54 1.32 10.95
C MSE B 267 25.18 1.60 11.59
O MSE B 267 24.21 0.88 11.34
CB MSE B 267 27.40 0.52 11.93
CG MSE B 267 28.41 -0.42 11.28
SE MSE B 267 27.64 -1.70 9.99
CE MSE B 267 26.33 -2.55 11.11
N GLU B 268 25.12 2.63 12.43
CA GLU B 268 23.85 2.97 13.06
C GLU B 268 22.84 3.23 11.96
N HIS B 269 23.25 4.02 10.96
CA HIS B 269 22.38 4.33 9.84
C HIS B 269 21.89 3.07 9.13
N LEU B 270 22.82 2.19 8.78
CA LEU B 270 22.46 0.96 8.08
C LEU B 270 21.49 0.11 8.90
N VAL B 271 21.73 0.02 10.21
CA VAL B 271 20.85 -0.75 11.07
C VAL B 271 19.43 -0.18 11.04
N GLU B 272 19.33 1.14 11.08
CA GLU B 272 18.03 1.82 11.09
C GLU B 272 17.29 1.79 9.76
N LEU B 273 18.05 1.80 8.66
CA LEU B 273 17.46 1.81 7.32
C LEU B 273 16.96 0.43 6.85
N ALA B 274 17.58 -0.62 7.37
CA ALA B 274 17.26 -1.99 6.99
C ALA B 274 15.79 -2.37 6.87
N PRO B 275 15.02 -2.29 7.99
CA PRO B 275 13.61 -2.65 7.87
C PRO B 275 12.75 -1.91 6.84
N LYS B 276 13.24 -0.78 6.34
CA LYS B 276 12.49 -0.01 5.33
C LYS B 276 12.68 -0.58 3.92
N MSE B 277 13.69 -1.43 3.73
CA MSE B 277 13.99 -2.02 2.42
C MSE B 277 12.97 -3.09 2.02
O MSE B 277 12.78 -4.08 2.73
CB MSE B 277 15.40 -2.63 2.41
CG MSE B 277 16.49 -1.69 2.91
SE MSE B 277 16.78 -0.15 1.79
CE MSE B 277 15.50 1.09 2.59
N THR B 278 12.32 -2.91 0.87
CA THR B 278 11.31 -3.86 0.39
C THR B 278 11.50 -4.31 -1.07
N ASP B 279 12.19 -3.48 -1.85
CA ASP B 279 12.42 -3.77 -3.27
C ASP B 279 13.83 -4.30 -3.52
N ALA B 280 13.95 -5.62 -3.65
CA ALA B 280 15.24 -6.28 -3.87
C ALA B 280 16.04 -5.71 -5.03
N ARG B 281 15.35 -5.28 -6.09
CA ARG B 281 16.02 -4.73 -7.26
C ARG B 281 16.91 -3.54 -6.95
N THR B 282 16.64 -2.86 -5.85
CA THR B 282 17.45 -1.71 -5.46
C THR B 282 18.60 -2.16 -4.56
N LEU B 283 18.60 -3.43 -4.18
CA LEU B 283 19.61 -3.98 -3.26
C LEU B 283 20.65 -4.92 -3.86
N LEU B 284 20.23 -5.70 -4.84
CA LEU B 284 21.14 -6.66 -5.49
C LEU B 284 21.12 -6.42 -6.99
N GLY B 285 22.29 -6.21 -7.58
CA GLY B 285 22.34 -5.97 -9.01
C GLY B 285 23.74 -5.94 -9.58
N THR B 286 23.87 -5.25 -10.71
CA THR B 286 25.14 -5.13 -11.41
C THR B 286 25.56 -3.66 -11.34
N ARG B 287 26.75 -3.36 -11.85
CA ARG B 287 27.23 -2.00 -11.83
C ARG B 287 26.38 -1.16 -12.76
N ASP B 288 25.79 -1.81 -13.75
CA ASP B 288 24.92 -1.11 -14.70
C ASP B 288 23.61 -0.69 -14.08
N THR B 289 23.10 -1.49 -13.15
CA THR B 289 21.83 -1.17 -12.50
C THR B 289 21.97 -0.51 -11.14
N LEU B 290 23.09 -0.73 -10.45
CA LEU B 290 23.28 -0.12 -9.13
C LEU B 290 24.54 0.74 -8.98
N GLY B 291 25.33 0.84 -10.05
CA GLY B 291 26.54 1.62 -9.99
C GLY B 291 26.35 3.06 -9.51
N ASP B 292 25.22 3.66 -9.88
CA ASP B 292 24.95 5.03 -9.47
C ASP B 292 23.84 5.11 -8.44
N ALA B 293 23.45 3.96 -7.91
CA ALA B 293 22.40 3.92 -6.90
C ALA B 293 22.94 4.43 -5.56
N PRO B 294 22.06 5.03 -4.73
CA PRO B 294 22.49 5.55 -3.43
C PRO B 294 23.32 4.51 -2.70
N ARG B 295 24.38 4.95 -2.02
CA ARG B 295 25.24 4.03 -1.30
C ARG B 295 24.61 3.32 -0.10
N ASP B 296 23.81 4.03 0.70
CA ASP B 296 23.22 3.35 1.85
C ASP B 296 22.24 2.27 1.43
N ILE B 297 21.53 2.50 0.32
CA ILE B 297 20.58 1.51 -0.18
C ILE B 297 21.37 0.30 -0.70
N PHE B 298 22.39 0.57 -1.51
CA PHE B 298 23.23 -0.49 -2.07
C PHE B 298 23.82 -1.31 -0.94
N ALA B 299 24.33 -0.64 0.07
CA ALA B 299 24.94 -1.30 1.22
C ALA B 299 23.99 -2.28 1.92
N GLU B 300 22.69 -2.01 1.88
CA GLU B 300 21.73 -2.90 2.52
C GLU B 300 21.69 -4.26 1.81
N GLY B 301 22.14 -4.30 0.56
CA GLY B 301 22.17 -5.56 -0.15
C GLY B 301 23.09 -6.52 0.57
N THR B 302 24.22 -6.00 1.05
CA THR B 302 25.18 -6.80 1.79
C THR B 302 24.66 -7.05 3.20
N TYR B 303 24.08 -6.02 3.79
CA TYR B 303 23.55 -6.12 5.14
C TYR B 303 22.43 -7.14 5.22
N LEU B 304 21.50 -7.08 4.29
CA LEU B 304 20.38 -8.00 4.31
C LEU B 304 20.65 -9.36 3.64
N GLY B 305 21.34 -9.39 2.50
CA GLY B 305 21.59 -10.68 1.87
C GLY B 305 22.84 -10.86 1.03
N GLN B 306 23.99 -10.66 1.67
CA GLN B 306 25.27 -10.74 0.99
C GLN B 306 25.44 -11.89 0.01
N TRP B 307 25.95 -11.57 -1.17
CA TRP B 307 26.20 -12.54 -2.24
C TRP B 307 24.92 -13.00 -2.94
N GLY B 308 23.82 -12.28 -2.70
CA GLY B 308 22.57 -12.65 -3.32
C GLY B 308 22.51 -12.34 -4.81
N LEU B 309 21.70 -13.13 -5.51
CA LEU B 309 21.50 -12.97 -6.94
C LEU B 309 20.56 -11.81 -7.22
N PRO B 310 20.70 -11.17 -8.38
CA PRO B 310 19.81 -10.06 -8.71
C PRO B 310 18.43 -10.74 -8.74
N PRO B 311 17.38 -10.06 -8.26
CA PRO B 311 16.03 -10.68 -8.26
C PRO B 311 15.49 -11.28 -9.56
N ILE B 312 15.93 -10.77 -10.70
CA ILE B 312 15.44 -11.29 -11.96
C ILE B 312 15.95 -12.72 -12.15
N GLU B 313 17.03 -13.08 -11.45
CA GLU B 313 17.55 -14.44 -11.56
C GLU B 313 16.86 -15.31 -10.50
N ALA B 314 16.75 -14.77 -9.29
CA ALA B 314 16.11 -15.49 -8.19
C ALA B 314 15.60 -14.53 -7.13
N SER B 315 14.33 -14.69 -6.77
CA SER B 315 13.69 -13.86 -5.75
C SER B 315 13.16 -14.82 -4.70
N TYR B 316 12.87 -14.31 -3.51
CA TYR B 316 12.36 -15.19 -2.47
C TYR B 316 11.35 -14.48 -1.57
N ARG B 317 10.64 -15.28 -0.79
CA ARG B 317 9.64 -14.80 0.15
C ARG B 317 9.71 -15.73 1.35
N LYS B 318 9.49 -15.18 2.55
CA LYS B 318 9.53 -16.00 3.75
C LYS B 318 8.25 -15.84 4.56
N SER B 319 7.76 -16.94 5.11
CA SER B 319 6.55 -16.91 5.92
C SER B 319 6.84 -17.65 7.21
N ASP B 320 6.60 -16.96 8.32
CA ASP B 320 6.84 -17.50 9.65
C ASP B 320 5.53 -17.72 10.42
N PHE B 321 4.45 -17.06 9.98
CA PHE B 321 3.16 -17.16 10.65
C PHE B 321 2.01 -17.56 9.72
N ASP B 322 0.92 -18.09 10.29
CA ASP B 322 -0.22 -18.47 9.49
C ASP B 322 -1.03 -17.24 9.11
N SER B 323 -2.10 -17.42 8.35
CA SER B 323 -2.90 -16.29 7.88
C SER B 323 -3.49 -15.37 8.95
N ILE B 324 -3.58 -15.85 10.19
CA ILE B 324 -4.16 -15.02 11.24
C ILE B 324 -3.14 -14.48 12.24
N GLY B 325 -1.86 -14.74 12.00
CA GLY B 325 -0.84 -14.22 12.89
C GLY B 325 -0.21 -15.17 13.89
N GLN B 326 -0.65 -16.42 13.93
CA GLN B 326 -0.06 -17.37 14.86
C GLN B 326 1.20 -17.95 14.24
N LYS B 327 2.18 -18.25 15.07
CA LYS B 327 3.43 -18.82 14.61
C LYS B 327 3.16 -20.18 13.96
N LEU B 328 3.75 -20.42 12.80
CA LEU B 328 3.58 -21.70 12.14
C LEU B 328 4.21 -22.76 13.06
N ASP B 329 3.48 -23.82 13.33
CA ASP B 329 3.98 -24.87 14.23
C ASP B 329 3.27 -26.19 13.96
N GLY B 330 4.00 -27.13 13.37
CA GLY B 330 3.41 -28.43 13.05
C GLY B 330 2.86 -29.23 14.21
N SER B 331 3.28 -28.89 15.44
CA SER B 331 2.80 -29.61 16.61
C SER B 331 1.40 -29.16 17.02
N LYS B 332 0.92 -28.07 16.43
CA LYS B 332 -0.39 -27.53 16.78
C LYS B 332 -1.44 -27.49 15.68
N HIS B 333 -1.02 -27.55 14.41
CA HIS B 333 -1.99 -27.47 13.32
C HIS B 333 -1.52 -28.13 12.04
N ASP B 334 -2.48 -28.35 11.14
CA ASP B 334 -2.22 -28.84 9.80
C ASP B 334 -2.47 -27.54 9.02
N TYR B 335 -1.81 -27.35 7.89
CA TYR B 335 -2.02 -26.11 7.13
C TYR B 335 -2.24 -26.39 5.65
N VAL B 336 -2.67 -25.35 4.92
CA VAL B 336 -2.91 -25.48 3.50
C VAL B 336 -2.63 -24.18 2.78
N MSE B 337 -2.12 -24.29 1.56
CA MSE B 337 -1.82 -23.13 0.72
C MSE B 337 -2.48 -23.38 -0.63
O MSE B 337 -2.23 -24.41 -1.25
CB MSE B 337 -0.32 -22.99 0.44
CG MSE B 337 0.56 -22.52 1.58
SE MSE B 337 2.40 -22.27 0.92
CE MSE B 337 3.04 -24.06 1.18
N ARG B 338 -3.34 -22.47 -1.06
CA ARG B 338 -3.98 -22.60 -2.37
C ARG B 338 -3.66 -21.31 -3.11
N PHE B 339 -3.08 -21.44 -4.31
CA PHE B 339 -2.71 -20.24 -5.07
C PHE B 339 -2.49 -20.47 -6.57
N LYS B 340 -2.64 -19.41 -7.34
CA LYS B 340 -2.40 -19.46 -8.79
C LYS B 340 -0.87 -19.51 -8.96
N ALA B 341 -0.40 -20.20 -9.98
CA ALA B 341 1.03 -20.30 -10.23
C ALA B 341 1.68 -18.92 -10.30
N PRO B 342 2.85 -18.76 -9.65
CA PRO B 342 3.59 -17.49 -9.64
C PRO B 342 4.06 -17.20 -11.07
N ASN B 343 4.22 -15.93 -11.41
CA ASN B 343 4.70 -15.60 -12.75
C ASN B 343 6.21 -15.73 -12.86
N VAL B 344 6.68 -16.93 -13.15
CA VAL B 344 8.11 -17.19 -13.31
C VAL B 344 8.34 -17.88 -14.64
N SER B 345 9.50 -17.64 -15.23
CA SER B 345 9.81 -18.24 -16.54
C SER B 345 10.50 -19.59 -16.38
N GLU B 346 11.19 -19.79 -15.27
CA GLU B 346 11.90 -21.05 -15.05
C GLU B 346 11.15 -21.99 -14.10
N PHE B 347 11.19 -21.71 -12.80
CA PHE B 347 10.49 -22.55 -11.84
C PHE B 347 10.37 -21.88 -10.47
N TRP B 348 9.58 -22.49 -9.59
CA TRP B 348 9.39 -21.98 -8.24
C TRP B 348 9.28 -23.14 -7.28
N SER B 349 9.52 -22.86 -6.00
CA SER B 349 9.46 -23.90 -4.97
C SER B 349 9.16 -23.29 -3.60
N VAL B 350 8.79 -24.15 -2.65
CA VAL B 350 8.52 -23.72 -1.29
C VAL B 350 9.12 -24.83 -0.43
N THR B 351 9.99 -24.44 0.50
CA THR B 351 10.70 -25.37 1.35
C THR B 351 10.46 -25.13 2.84
N ILE B 352 10.45 -26.22 3.61
CA ILE B 352 10.23 -26.12 5.04
C ILE B 352 11.53 -26.17 5.86
N TYR B 353 11.64 -25.26 6.82
CA TYR B 353 12.80 -25.18 7.70
C TYR B 353 12.34 -25.04 9.15
N GLY B 354 13.07 -25.67 10.07
CA GLY B 354 12.73 -25.54 11.46
C GLY B 354 13.22 -24.17 11.89
N ASN B 355 12.53 -23.53 12.83
CA ASN B 355 12.95 -22.21 13.29
C ASN B 355 14.15 -22.30 14.22
N ASP B 356 14.29 -23.44 14.90
CA ASP B 356 15.38 -23.62 15.84
C ASP B 356 16.78 -23.66 15.25
N ASN B 357 17.01 -24.56 14.29
CA ASN B 357 18.32 -24.70 13.67
C ASN B 357 18.45 -24.06 12.29
N ARG B 358 17.35 -23.57 11.76
CA ARG B 358 17.34 -22.94 10.43
C ARG B 358 17.75 -23.93 9.34
N LEU B 359 17.49 -25.20 9.57
CA LEU B 359 17.82 -26.26 8.63
C LEU B 359 16.55 -27.03 8.30
N MSE B 360 16.54 -27.73 7.17
CA MSE B 360 15.38 -28.53 6.81
C MSE B 360 15.13 -29.50 7.95
O MSE B 360 16.03 -29.75 8.77
CB MSE B 360 15.63 -29.28 5.50
CG MSE B 360 15.34 -28.43 4.28
SE MSE B 360 16.03 -29.14 2.62
CE MSE B 360 17.57 -27.99 2.47
N ALA B 361 13.92 -30.05 8.04
CA ALA B 361 13.59 -30.96 9.13
C ALA B 361 13.38 -32.41 8.70
N LYS B 362 13.85 -33.32 9.52
CA LYS B 362 13.74 -34.75 9.26
C LYS B 362 12.30 -35.23 9.18
N ASN B 363 12.05 -36.22 8.31
CA ASN B 363 10.73 -36.80 8.15
C ASN B 363 10.83 -38.06 7.29
N ASP B 364 9.85 -38.94 7.43
CA ASP B 364 9.81 -40.21 6.69
C ASP B 364 10.10 -40.11 5.20
N LEU B 365 9.34 -39.26 4.52
CA LEU B 365 9.47 -39.08 3.07
C LEU B 365 10.73 -38.34 2.62
N ASN B 366 11.49 -37.81 3.57
CA ASN B 366 12.68 -37.02 3.23
C ASN B 366 12.26 -36.06 2.12
N ARG B 367 11.09 -35.44 2.34
CA ARG B 367 10.52 -34.47 1.42
C ARG B 367 10.52 -33.14 2.14
N HIS B 368 11.18 -32.15 1.53
CA HIS B 368 11.31 -30.84 2.17
C HIS B 368 10.81 -29.66 1.37
N SER B 369 10.42 -29.92 0.12
CA SER B 369 9.91 -28.85 -0.72
C SER B 369 8.88 -29.38 -1.70
N ARG B 370 8.19 -28.45 -2.35
CA ARG B 370 7.19 -28.77 -3.34
C ARG B 370 7.25 -27.59 -4.30
N GLY B 371 7.01 -27.84 -5.58
CA GLY B 371 7.06 -26.78 -6.56
C GLY B 371 6.39 -27.23 -7.83
N ASP B 372 6.54 -26.48 -8.90
CA ASP B 372 5.90 -26.84 -10.16
C ASP B 372 6.55 -28.04 -10.86
N ARG B 373 7.72 -28.46 -10.38
CA ARG B 373 8.39 -29.60 -10.97
C ARG B 373 8.01 -30.91 -10.29
N THR B 374 7.24 -30.80 -9.20
CA THR B 374 6.81 -31.97 -8.47
C THR B 374 5.31 -31.93 -8.18
N MSE B 375 4.63 -30.90 -8.67
CA MSE B 375 3.19 -30.76 -8.46
C MSE B 375 2.51 -30.28 -9.73
O MSE B 375 3.11 -29.61 -10.57
CB MSE B 375 2.88 -29.73 -7.39
CG MSE B 375 3.27 -30.07 -5.96
SE MSE B 375 2.39 -28.79 -4.79
CE MSE B 375 3.11 -27.18 -5.55
N LYS B 376 1.22 -30.60 -9.85
CA LYS B 376 0.41 -30.19 -11.00
C LYS B 376 -0.77 -29.39 -10.49
N ALA B 377 -1.07 -28.28 -11.17
CA ALA B 377 -2.17 -27.42 -10.78
C ALA B 377 -3.54 -28.00 -11.09
N ASP B 378 -4.58 -27.41 -10.48
CA ASP B 378 -5.95 -27.84 -10.67
C ASP B 378 -6.46 -27.34 -12.03
N LYS B 379 -7.60 -27.86 -12.48
CA LYS B 379 -8.19 -27.46 -13.75
C LYS B 379 -8.37 -25.94 -13.77
N ASP B 380 -8.56 -25.36 -12.59
CA ASP B 380 -8.75 -23.92 -12.47
C ASP B 380 -7.43 -23.14 -12.44
N GLY B 381 -6.32 -23.85 -12.60
CA GLY B 381 -5.02 -23.20 -12.59
C GLY B 381 -4.52 -22.81 -11.20
N TYR B 382 -4.85 -23.64 -10.21
CA TYR B 382 -4.44 -23.39 -8.83
C TYR B 382 -3.62 -24.54 -8.25
N TYR B 383 -2.58 -24.18 -7.52
CA TYR B 383 -1.78 -25.20 -6.87
C TYR B 383 -2.29 -25.25 -5.43
N THR B 384 -2.23 -26.43 -4.83
CA THR B 384 -2.69 -26.61 -3.46
C THR B 384 -1.69 -27.44 -2.69
N ILE B 385 -1.13 -26.86 -1.64
CA ILE B 385 -0.15 -27.57 -0.82
C ILE B 385 -0.74 -27.86 0.55
N TYR B 386 -0.78 -29.14 0.92
CA TYR B 386 -1.31 -29.53 2.22
C TYR B 386 -0.14 -29.86 3.13
N MSE B 387 -0.13 -29.28 4.33
CA MSE B 387 0.96 -29.51 5.27
C MSE B 387 0.53 -30.14 6.59
O MSE B 387 -0.48 -29.75 7.18
CB MSE B 387 1.67 -28.19 5.57
CG MSE B 387 2.61 -27.74 4.46
SE MSE B 387 2.94 -25.84 4.57
CE MSE B 387 1.32 -25.28 3.70
N SER B 388 1.31 -31.12 7.02
CA SER B 388 1.05 -31.82 8.27
C SER B 388 2.27 -32.60 8.72
N ALA B 389 2.31 -32.93 10.01
CA ALA B 389 3.40 -33.71 10.58
C ALA B 389 2.93 -35.17 10.55
N ASN B 390 1.67 -35.35 10.14
CA ASN B 390 1.07 -36.68 10.02
C ASN B 390 1.15 -37.10 8.56
N GLU B 391 2.25 -37.77 8.22
CA GLU B 391 2.49 -38.23 6.86
C GLU B 391 2.00 -39.65 6.60
N LYS B 392 0.86 -40.01 7.17
CA LYS B 392 0.30 -41.36 6.99
C LYS B 392 -0.49 -41.45 5.69
N GLY B 393 0.08 -42.12 4.69
CA GLY B 393 -0.60 -42.26 3.41
C GLY B 393 -0.39 -41.09 2.48
N ARG B 394 0.79 -40.47 2.54
CA ARG B 394 1.10 -39.34 1.69
C ARG B 394 2.40 -39.56 0.92
N ALA B 395 2.77 -40.81 0.74
CA ALA B 395 3.96 -41.11 -0.03
C ALA B 395 3.49 -40.92 -1.48
N ASP B 396 2.21 -41.22 -1.67
CA ASP B 396 1.56 -41.14 -2.97
C ASP B 396 0.97 -39.77 -3.31
N ASP B 397 0.88 -38.89 -2.32
CA ASP B 397 0.32 -37.56 -2.58
C ASP B 397 1.39 -36.56 -2.97
N PRO B 398 1.37 -36.09 -4.23
CA PRO B 398 2.36 -35.12 -4.71
C PRO B 398 2.17 -33.72 -4.13
N ASN B 399 0.94 -33.39 -3.75
CA ASN B 399 0.62 -32.07 -3.18
C ASN B 399 0.81 -32.00 -1.68
N PHE B 400 1.42 -33.03 -1.10
CA PHE B 400 1.63 -33.05 0.33
C PHE B 400 3.05 -32.66 0.70
N LEU B 401 3.17 -31.73 1.62
CA LEU B 401 4.48 -31.28 2.09
C LEU B 401 4.55 -31.51 3.59
N PRO B 402 5.52 -32.33 4.04
CA PRO B 402 5.68 -32.62 5.46
C PRO B 402 6.14 -31.39 6.24
N VAL B 403 5.67 -31.28 7.48
CA VAL B 403 6.03 -30.18 8.35
C VAL B 403 6.39 -30.77 9.72
N PRO B 404 7.46 -30.24 10.36
CA PRO B 404 7.92 -30.72 11.67
C PRO B 404 7.00 -30.36 12.83
N GLU B 405 7.21 -31.02 13.97
CA GLU B 405 6.40 -30.78 15.15
C GLU B 405 6.98 -29.71 16.06
N LYS B 406 7.41 -28.62 15.45
CA LYS B 406 7.99 -27.49 16.16
C LYS B 406 7.76 -26.27 15.29
N PRO B 407 8.16 -25.08 15.75
CA PRO B 407 7.96 -23.89 14.93
C PRO B 407 8.75 -24.05 13.63
N PHE B 408 8.11 -23.76 12.51
CA PHE B 408 8.79 -23.87 11.22
C PHE B 408 8.47 -22.64 10.41
N TYR B 409 9.23 -22.41 9.34
CA TYR B 409 8.95 -21.31 8.46
C TYR B 409 9.07 -21.84 7.06
N ALA B 410 8.51 -21.13 6.09
CA ALA B 410 8.56 -21.60 4.72
C ALA B 410 9.22 -20.56 3.84
N ILE B 411 10.07 -21.05 2.94
CA ILE B 411 10.75 -20.17 2.01
C ILE B 411 10.27 -20.51 0.61
N MSE B 412 9.78 -19.49 -0.11
CA MSE B 412 9.32 -19.69 -1.47
C MSE B 412 10.35 -19.01 -2.37
O MSE B 412 10.67 -17.84 -2.17
CB MSE B 412 7.94 -19.06 -1.68
CG MSE B 412 7.34 -19.35 -3.06
SE MSE B 412 5.45 -18.89 -3.19
CE MSE B 412 4.90 -19.74 -1.54
N ARG B 413 10.86 -19.76 -3.34
CA ARG B 413 11.86 -19.23 -4.26
C ARG B 413 11.33 -19.13 -5.68
N PHE B 414 11.65 -18.04 -6.35
CA PHE B 414 11.20 -17.83 -7.72
C PHE B 414 12.40 -17.62 -8.65
N TYR B 415 12.48 -18.44 -9.68
CA TYR B 415 13.56 -18.35 -10.66
C TYR B 415 12.99 -17.82 -11.97
N GLY B 416 13.42 -16.63 -12.36
CA GLY B 416 12.91 -16.03 -13.59
C GLY B 416 11.61 -15.29 -13.29
N ALA B 417 11.57 -14.67 -12.12
CA ALA B 417 10.39 -13.94 -11.65
C ALA B 417 10.09 -12.69 -12.46
N ASP B 418 8.81 -12.32 -12.52
CA ASP B 418 8.40 -11.12 -13.24
C ASP B 418 8.64 -9.91 -12.32
N ASP B 419 8.38 -8.70 -12.84
CA ASP B 419 8.61 -7.50 -12.04
C ASP B 419 7.96 -7.46 -10.67
N ALA B 420 6.67 -7.77 -10.60
CA ALA B 420 5.95 -7.72 -9.31
C ALA B 420 6.59 -8.58 -8.25
N ILE B 421 7.10 -9.76 -8.62
CA ILE B 421 7.76 -10.61 -7.64
C ILE B 421 9.11 -9.99 -7.25
N GLN B 422 9.84 -9.50 -8.24
CA GLN B 422 11.16 -8.87 -8.05
C GLN B 422 11.12 -7.65 -7.14
N SER B 423 10.15 -6.77 -7.38
CA SER B 423 10.00 -5.52 -6.64
C SER B 423 9.50 -5.63 -5.20
N GLY B 424 8.99 -6.80 -4.83
CA GLY B 424 8.47 -6.99 -3.48
C GLY B 424 6.96 -6.80 -3.46
N GLU B 425 6.39 -6.42 -4.60
CA GLU B 425 4.95 -6.19 -4.71
C GLU B 425 4.17 -7.50 -4.47
N TYR B 426 4.50 -8.54 -5.23
CA TYR B 426 3.83 -9.83 -5.08
C TYR B 426 3.95 -10.33 -3.65
N GLN B 427 2.83 -10.74 -3.07
CA GLN B 427 2.81 -11.23 -1.70
C GLN B 427 2.73 -12.76 -1.70
N MSE B 428 3.50 -13.37 -0.82
CA MSE B 428 3.49 -14.83 -0.75
C MSE B 428 2.11 -15.33 -0.36
O MSE B 428 1.46 -14.76 0.52
CB MSE B 428 4.50 -15.29 0.31
CG MSE B 428 4.68 -16.79 0.34
SE MSE B 428 6.06 -17.33 1.53
CE MSE B 428 5.50 -19.16 1.81
N PRO B 429 1.62 -16.39 -1.03
CA PRO B 429 0.29 -16.90 -0.70
C PRO B 429 0.24 -17.20 0.81
N GLU B 430 -0.91 -17.00 1.42
CA GLU B 430 -1.05 -17.23 2.85
C GLU B 430 -1.12 -18.71 3.21
N ILE B 431 -0.66 -19.02 4.41
CA ILE B 431 -0.67 -20.39 4.91
C ILE B 431 -1.80 -20.42 5.95
N LYS B 432 -2.83 -21.21 5.65
CA LYS B 432 -4.00 -21.30 6.52
C LYS B 432 -4.12 -22.55 7.37
N VAL B 433 -4.58 -22.36 8.60
CA VAL B 433 -4.80 -23.48 9.51
C VAL B 433 -5.95 -24.32 8.94
N VAL B 434 -5.79 -25.64 8.95
CA VAL B 434 -6.83 -26.54 8.48
C VAL B 434 -7.66 -26.87 9.73
N LYS B 435 -8.98 -26.70 9.64
CA LYS B 435 -9.87 -26.95 10.78
C LYS B 435 -9.73 -28.37 11.33
N THR C 25 -8.41 27.82 21.50
CA THR C 25 -7.13 28.59 21.53
C THR C 25 -7.09 29.64 20.41
N ASN C 26 -6.73 30.87 20.75
CA ASN C 26 -6.67 31.94 19.76
C ASN C 26 -5.53 31.72 18.78
N VAL C 27 -4.42 31.16 19.26
CA VAL C 27 -3.30 30.91 18.37
C VAL C 27 -3.74 29.82 17.38
N ASP C 28 -4.51 28.84 17.86
CA ASP C 28 -4.99 27.78 16.99
C ASP C 28 -5.97 28.35 15.97
N LEU C 29 -6.84 29.24 16.43
CA LEU C 29 -7.83 29.88 15.56
C LEU C 29 -7.08 30.66 14.48
N ALA C 30 -5.98 31.30 14.88
CA ALA C 30 -5.16 32.09 13.96
C ALA C 30 -4.57 31.21 12.87
N GLU C 31 -4.02 30.06 13.26
CA GLU C 31 -3.42 29.13 12.32
C GLU C 31 -4.49 28.67 11.33
N ASP C 32 -5.66 28.35 11.86
CA ASP C 32 -6.75 27.89 11.01
C ASP C 32 -7.20 29.00 10.08
N ALA C 33 -7.27 30.22 10.60
CA ALA C 33 -7.68 31.35 9.78
C ALA C 33 -6.70 31.51 8.64
N TYR C 34 -5.40 31.44 8.93
CA TYR C 34 -4.41 31.58 7.87
C TYR C 34 -4.55 30.47 6.83
N ILE C 35 -4.72 29.22 7.27
CA ILE C 35 -4.85 28.13 6.31
C ILE C 35 -6.08 28.31 5.42
N TYR C 36 -7.18 28.82 5.97
CA TYR C 36 -8.38 29.07 5.18
C TYR C 36 -8.04 30.11 4.11
N GLY C 37 -7.32 31.16 4.52
CA GLY C 37 -7.00 32.23 3.59
C GLY C 37 -5.82 32.03 2.68
N TYR C 38 -5.05 30.97 2.94
CA TYR C 38 -3.86 30.66 2.15
C TYR C 38 -4.06 30.59 0.63
N SER C 39 -5.08 29.86 0.19
CA SER C 39 -5.32 29.73 -1.25
C SER C 39 -5.63 31.07 -1.89
N ILE C 40 -6.43 31.89 -1.22
CA ILE C 40 -6.78 33.20 -1.74
C ILE C 40 -5.54 34.09 -1.79
N ASP C 41 -4.77 34.07 -0.71
CA ASP C 41 -3.56 34.89 -0.62
C ASP C 41 -2.55 34.56 -1.72
N GLU C 42 -2.30 33.28 -1.92
CA GLU C 42 -1.35 32.84 -2.95
C GLU C 42 -1.89 33.10 -4.35
N ALA C 43 -3.22 33.00 -4.51
CA ALA C 43 -3.83 33.27 -5.81
C ALA C 43 -3.58 34.75 -6.10
N TYR C 44 -3.76 35.59 -5.09
CA TYR C 44 -3.55 37.03 -5.25
C TYR C 44 -2.08 37.37 -5.55
N LYS C 45 -1.16 36.78 -4.78
CA LYS C 45 0.26 37.05 -4.98
C LYS C 45 0.64 36.72 -6.42
N PHE C 46 0.15 35.58 -6.91
CA PHE C 46 0.43 35.15 -8.27
C PHE C 46 -0.11 36.19 -9.26
N PHE C 47 -1.36 36.61 -9.05
CA PHE C 47 -1.98 37.61 -9.91
C PHE C 47 -1.19 38.91 -9.89
N TYR C 48 -0.70 39.29 -8.72
CA TYR C 48 0.07 40.54 -8.60
C TYR C 48 1.38 40.46 -9.37
N HIS C 49 2.12 39.37 -9.17
CA HIS C 49 3.42 39.22 -9.82
C HIS C 49 3.36 38.98 -11.31
N THR C 50 2.18 38.63 -11.82
CA THR C 50 2.01 38.40 -13.24
C THR C 50 1.25 39.57 -13.87
N ALA C 51 -0.07 39.54 -13.76
CA ALA C 51 -0.92 40.57 -14.33
C ALA C 51 -0.68 42.00 -13.85
N VAL C 52 -0.46 42.19 -12.55
CA VAL C 52 -0.28 43.56 -12.08
C VAL C 52 1.06 44.21 -12.38
N GLU C 53 2.18 43.63 -11.98
CA GLU C 53 3.44 44.30 -12.26
C GLU C 53 3.94 44.21 -13.70
N ASN C 54 3.16 43.60 -14.57
CA ASN C 54 3.52 43.52 -15.98
C ASN C 54 2.44 44.24 -16.77
N ASN C 55 1.45 44.74 -16.04
CA ASN C 55 0.37 45.50 -16.62
C ASN C 55 -0.36 44.78 -17.75
N TYR C 56 -0.71 43.51 -17.53
CA TYR C 56 -1.44 42.77 -18.55
C TYR C 56 -2.87 43.29 -18.60
N PRO C 57 -3.38 43.57 -19.80
CA PRO C 57 -4.76 44.05 -19.88
C PRO C 57 -5.69 42.91 -19.47
N LEU C 58 -6.77 43.23 -18.77
CA LEU C 58 -7.73 42.22 -18.35
C LEU C 58 -8.75 41.98 -19.46
N ASN C 59 -9.39 40.81 -19.42
CA ASN C 59 -10.38 40.44 -20.43
C ASN C 59 -9.76 40.38 -21.83
N GLU C 60 -8.53 39.91 -21.88
CA GLU C 60 -7.76 39.75 -23.12
C GLU C 60 -6.83 38.55 -22.97
N PHE C 61 -6.51 37.90 -24.08
CA PHE C 61 -5.56 36.80 -24.04
C PHE C 61 -4.19 37.48 -23.97
N GLN C 62 -3.25 36.90 -23.23
CA GLN C 62 -1.94 37.52 -23.05
C GLN C 62 -1.11 37.88 -24.29
N ASN C 63 -1.51 37.39 -25.46
CA ASN C 63 -0.80 37.70 -26.71
C ASN C 63 -1.34 36.90 -27.90
N PRO C 76 9.22 25.71 -16.09
CA PRO C 76 7.76 25.58 -16.14
C PRO C 76 7.25 24.14 -16.23
N THR C 77 7.98 23.30 -16.97
CA THR C 77 7.56 21.92 -17.21
C THR C 77 6.23 22.12 -17.93
N ILE C 78 6.32 22.66 -19.15
CA ILE C 78 5.15 22.96 -19.96
C ILE C 78 4.83 21.87 -20.98
N ASN C 79 3.60 21.90 -21.50
CA ASN C 79 3.12 20.91 -22.46
C ASN C 79 3.64 20.97 -23.88
N ASN C 80 3.93 19.80 -24.42
CA ASN C 80 4.37 19.70 -25.82
C ASN C 80 3.15 19.03 -26.47
N ASP C 81 2.10 18.85 -25.66
CA ASP C 81 0.86 18.24 -26.12
C ASP C 81 -0.09 19.26 -26.72
N THR C 82 -0.18 20.40 -26.06
CA THR C 82 -1.10 21.44 -26.48
C THR C 82 -0.51 22.83 -26.60
N LEU C 83 -1.19 23.66 -27.39
CA LEU C 83 -0.81 25.05 -27.56
C LEU C 83 -1.66 25.70 -26.47
N HIS C 84 -1.28 26.88 -26.01
CA HIS C 84 -2.02 27.51 -24.93
C HIS C 84 -2.40 28.95 -25.13
N LEU C 85 -3.47 29.34 -24.44
CA LEU C 85 -3.98 30.70 -24.44
C LEU C 85 -4.31 30.95 -22.98
N MSE C 86 -3.85 32.09 -22.45
CA MSE C 86 -4.14 32.39 -21.07
C MSE C 86 -4.50 33.85 -20.88
O MSE C 86 -4.18 34.69 -21.71
CB MSE C 86 -2.95 31.99 -20.20
CG MSE C 86 -1.60 32.45 -20.71
SE MSE C 86 -0.20 31.52 -19.75
CE MSE C 86 -0.84 31.78 -17.96
N GLY C 87 -5.22 34.12 -19.79
CA GLY C 87 -5.61 35.50 -19.52
C GLY C 87 -6.39 35.59 -18.23
N TRP C 88 -6.83 36.79 -17.92
CA TRP C 88 -7.61 37.03 -16.72
C TRP C 88 -8.90 37.75 -17.06
N LEU C 89 -10.01 37.19 -16.61
CA LEU C 89 -11.32 37.80 -16.83
C LEU C 89 -11.61 38.71 -15.64
N ASP C 90 -12.34 39.78 -15.89
CA ASP C 90 -12.77 40.69 -14.83
C ASP C 90 -14.23 40.94 -15.10
N VAL C 91 -15.11 40.35 -14.30
CA VAL C 91 -16.54 40.53 -14.50
C VAL C 91 -17.17 41.57 -13.57
N ALA C 92 -16.35 42.38 -12.92
CA ALA C 92 -16.86 43.38 -11.98
C ALA C 92 -17.85 44.37 -12.58
N ALA C 93 -17.46 45.02 -13.67
CA ALA C 93 -18.32 46.01 -14.30
C ALA C 93 -19.49 45.42 -15.06
N GLU C 94 -19.30 44.24 -15.64
CA GLU C 94 -20.33 43.56 -16.40
C GLU C 94 -19.83 42.17 -16.77
N PRO C 95 -20.74 41.27 -17.20
CA PRO C 95 -20.33 39.93 -17.58
C PRO C 95 -19.34 39.94 -18.74
N VAL C 96 -18.68 38.81 -18.94
CA VAL C 96 -17.69 38.67 -20.00
C VAL C 96 -17.97 37.36 -20.73
N ILE C 97 -17.93 37.43 -22.05
CA ILE C 97 -18.20 36.26 -22.87
C ILE C 97 -16.95 35.77 -23.56
N VAL C 98 -16.67 34.47 -23.44
CA VAL C 98 -15.53 33.88 -24.10
C VAL C 98 -16.12 33.08 -25.27
N SER C 99 -15.61 33.33 -26.47
CA SER C 99 -16.09 32.64 -27.65
C SER C 99 -15.14 31.51 -28.07
N VAL C 100 -15.69 30.30 -28.16
CA VAL C 100 -14.91 29.14 -28.57
C VAL C 100 -15.58 28.57 -29.82
N PRO C 101 -14.86 28.55 -30.95
CA PRO C 101 -15.42 28.03 -32.19
C PRO C 101 -15.54 26.52 -32.13
N ASP C 102 -16.44 25.95 -32.94
CA ASP C 102 -16.56 24.50 -32.97
C ASP C 102 -15.19 24.04 -33.51
N MSE C 103 -14.69 22.93 -32.99
CA MSE C 103 -13.38 22.44 -33.40
C MSE C 103 -13.52 21.21 -34.30
O MSE C 103 -14.61 20.68 -34.46
CB MSE C 103 -12.56 22.08 -32.16
CG MSE C 103 -12.61 23.12 -31.04
SE MSE C 103 -11.28 24.51 -31.19
CE MSE C 103 -9.74 23.48 -30.70
N ASP C 104 -12.40 20.78 -34.89
CA ASP C 104 -12.42 19.62 -35.77
C ASP C 104 -12.45 18.32 -34.97
N GLU C 105 -13.15 17.33 -35.51
CA GLU C 105 -13.30 16.03 -34.86
C GLU C 105 -12.00 15.43 -34.36
N GLY C 106 -12.03 14.89 -33.15
CA GLY C 106 -10.85 14.26 -32.58
C GLY C 106 -9.85 15.15 -31.86
N ARG C 107 -9.83 16.44 -32.19
CA ARG C 107 -8.88 17.36 -31.54
C ARG C 107 -9.24 17.72 -30.11
N TYR C 108 -8.35 17.44 -29.18
CA TYR C 108 -8.58 17.76 -27.77
C TYR C 108 -8.48 19.25 -27.53
N TRP C 109 -9.38 19.76 -26.69
CA TRP C 109 -9.37 21.18 -26.33
C TRP C 109 -10.07 21.38 -25.00
N ILE C 110 -9.68 22.43 -24.28
CA ILE C 110 -10.31 22.72 -23.00
C ILE C 110 -10.20 24.20 -22.64
N LEU C 111 -11.28 24.73 -22.08
CA LEU C 111 -11.35 26.11 -21.60
C LEU C 111 -11.50 25.91 -20.10
N HIS C 112 -10.48 26.30 -19.35
CA HIS C 112 -10.45 26.12 -17.91
C HIS C 112 -10.38 27.43 -17.17
N THR C 113 -11.33 27.66 -16.27
CA THR C 113 -11.34 28.88 -15.49
C THR C 113 -11.39 28.55 -14.00
N MSE C 114 -10.74 29.41 -13.20
CA MSE C 114 -10.67 29.23 -11.76
C MSE C 114 -10.82 30.57 -11.07
O MSE C 114 -10.32 31.60 -11.56
CB MSE C 114 -9.34 28.60 -11.37
CG MSE C 114 -9.19 27.15 -11.81
SE MSE C 114 -7.50 26.36 -11.26
CE MSE C 114 -6.41 27.29 -12.49
N ASP C 115 -11.52 30.58 -9.93
CA ASP C 115 -11.70 31.82 -9.22
C ASP C 115 -10.53 32.08 -8.25
N MSE C 116 -10.56 33.23 -7.60
CA MSE C 116 -9.51 33.63 -6.68
C MSE C 116 -9.45 32.83 -5.37
O MSE C 116 -8.57 33.05 -4.54
CB MSE C 116 -9.62 35.13 -6.40
CG MSE C 116 -9.44 35.98 -7.65
SE MSE C 116 -7.69 35.72 -8.48
CE MSE C 116 -6.66 36.81 -7.26
N GLY C 117 -10.40 31.91 -5.19
CA GLY C 117 -10.39 31.06 -4.01
C GLY C 117 -9.71 29.74 -4.36
N HIS C 118 -9.24 29.67 -5.60
CA HIS C 118 -8.55 28.52 -6.19
C HIS C 118 -9.46 27.33 -6.47
N TYR C 119 -10.70 27.62 -6.85
CA TYR C 119 -11.66 26.58 -7.23
C TYR C 119 -11.88 26.65 -8.72
N THR C 120 -11.93 25.49 -9.37
CA THR C 120 -12.21 25.47 -10.79
C THR C 120 -13.71 25.77 -10.89
N ASN C 121 -14.08 26.77 -11.68
CA ASN C 121 -15.50 27.07 -11.84
C ASN C 121 -15.99 26.76 -13.25
N ALA C 122 -15.08 26.36 -14.12
CA ALA C 122 -15.46 25.97 -15.47
C ALA C 122 -14.40 25.13 -16.16
N ALA C 123 -14.86 24.13 -16.90
CA ALA C 123 -13.98 23.24 -17.64
C ALA C 123 -14.74 22.73 -18.86
N PHE C 124 -14.88 23.60 -19.87
CA PHE C 124 -15.56 23.22 -21.10
C PHE C 124 -14.50 22.47 -21.91
N SER C 125 -14.83 21.27 -22.35
CA SER C 125 -13.84 20.47 -23.03
C SER C 125 -14.36 19.48 -24.05
N SER C 126 -13.48 19.09 -24.97
CA SER C 126 -13.84 18.12 -25.99
C SER C 126 -14.18 16.82 -25.26
N ARG C 127 -13.62 16.64 -24.06
CA ARG C 127 -13.87 15.44 -23.28
C ARG C 127 -15.35 15.21 -23.03
N THR C 128 -16.10 16.29 -22.82
CA THR C 128 -17.53 16.16 -22.55
C THR C 128 -18.41 16.87 -23.57
N ARG C 129 -17.80 17.51 -24.57
CA ARG C 129 -18.56 18.22 -25.59
C ARG C 129 -18.25 17.81 -27.02
N GLY C 130 -17.08 17.21 -27.23
CA GLY C 130 -16.70 16.85 -28.58
C GLY C 130 -16.24 18.11 -29.30
N THR C 131 -16.68 18.27 -30.53
CA THR C 131 -16.31 19.42 -31.36
C THR C 131 -17.07 20.70 -31.02
N LYS C 132 -18.12 20.57 -30.23
CA LYS C 132 -18.98 21.70 -29.90
C LYS C 132 -18.42 22.76 -28.97
N GLY C 133 -18.16 23.95 -29.51
CA GLY C 133 -17.66 25.05 -28.71
C GLY C 133 -18.88 25.87 -28.30
N GLY C 134 -18.77 27.19 -28.33
CA GLY C 134 -19.92 28.01 -27.97
C GLY C 134 -19.57 29.39 -27.42
N GLN C 135 -20.60 30.09 -26.96
CA GLN C 135 -20.45 31.41 -26.38
C GLN C 135 -20.67 31.20 -24.89
N PHE C 136 -19.59 31.32 -24.11
CA PHE C 136 -19.64 31.08 -22.68
C PHE C 136 -19.56 32.39 -21.91
N MSE C 137 -20.63 32.72 -21.19
CA MSE C 137 -20.61 33.95 -20.42
C MSE C 137 -20.27 33.73 -18.96
O MSE C 137 -20.77 32.79 -18.33
CB MSE C 137 -21.97 34.65 -20.53
CG MSE C 137 -21.89 36.13 -20.20
SE MSE C 137 -23.57 37.05 -20.45
CE MSE C 137 -24.31 36.51 -18.77
N PHE C 138 -19.41 34.60 -18.43
CA PHE C 138 -19.01 34.53 -17.04
C PHE C 138 -19.62 35.76 -16.38
N ALA C 139 -20.37 35.55 -15.31
CA ALA C 139 -21.02 36.67 -14.63
C ALA C 139 -20.98 36.54 -13.12
N ALA C 140 -21.03 37.69 -12.44
CA ALA C 140 -21.01 37.70 -10.98
C ALA C 140 -22.32 37.09 -10.47
N GLN C 141 -22.29 36.54 -9.26
CA GLN C 141 -23.47 35.92 -8.66
C GLN C 141 -24.68 36.84 -8.59
N ASP C 142 -24.44 38.12 -8.30
CA ASP C 142 -25.51 39.10 -8.16
C ASP C 142 -25.87 39.87 -9.43
N TRP C 143 -25.28 39.51 -10.56
CA TRP C 143 -25.60 40.23 -11.79
C TRP C 143 -26.98 39.80 -12.29
N GLN C 144 -27.91 40.74 -12.36
CA GLN C 144 -29.28 40.45 -12.75
C GLN C 144 -29.68 40.97 -14.13
N GLY C 145 -28.70 41.26 -14.97
CA GLY C 145 -28.99 41.76 -16.30
C GLY C 145 -29.56 40.70 -17.21
N GLU C 146 -29.73 41.05 -18.48
CA GLU C 146 -30.26 40.12 -19.47
C GLU C 146 -29.18 39.29 -20.16
N VAL C 147 -29.42 37.99 -20.25
CA VAL C 147 -28.50 37.06 -20.89
C VAL C 147 -28.90 36.93 -22.36
N PRO C 148 -28.00 37.31 -23.28
CA PRO C 148 -28.30 37.22 -24.73
C PRO C 148 -28.69 35.80 -25.11
N ALA C 149 -29.66 35.67 -26.01
CA ALA C 149 -30.10 34.34 -26.43
C ALA C 149 -28.99 33.58 -27.14
N SER C 150 -28.00 34.30 -27.67
CA SER C 150 -26.90 33.65 -28.38
C SER C 150 -25.91 33.00 -27.42
N VAL C 151 -26.01 33.32 -26.13
CA VAL C 151 -25.12 32.72 -25.16
C VAL C 151 -25.51 31.25 -24.90
N ASP C 152 -24.52 30.37 -24.96
CA ASP C 152 -24.74 28.94 -24.75
C ASP C 152 -24.88 28.55 -23.30
N GLU C 153 -23.94 29.02 -22.47
CA GLU C 153 -23.97 28.71 -21.06
C GLU C 153 -23.45 29.87 -20.24
N VAL C 154 -23.99 30.04 -19.05
CA VAL C 154 -23.55 31.09 -18.15
C VAL C 154 -22.86 30.44 -16.97
N VAL C 155 -21.67 30.96 -16.65
CA VAL C 155 -20.90 30.47 -15.51
C VAL C 155 -21.00 31.59 -14.47
N ARG C 156 -21.59 31.29 -13.32
CA ARG C 156 -21.73 32.28 -12.25
C ARG C 156 -20.46 32.15 -11.40
N VAL C 157 -19.69 33.23 -11.32
CA VAL C 157 -18.43 33.21 -10.59
C VAL C 157 -18.45 33.98 -9.28
N ASP C 158 -17.73 33.47 -8.30
CA ASP C 158 -17.68 34.08 -6.98
C ASP C 158 -16.67 35.21 -6.78
N SER C 159 -15.68 35.29 -7.66
CA SER C 159 -14.70 36.38 -7.59
C SER C 159 -14.81 37.15 -8.90
N ASN C 160 -14.65 38.46 -8.85
CA ASN C 160 -14.74 39.25 -10.07
C ASN C 160 -13.56 38.92 -11.00
N LEU C 161 -12.42 38.59 -10.41
CA LEU C 161 -11.25 38.22 -11.21
C LEU C 161 -11.25 36.71 -11.37
N VAL C 162 -11.08 36.24 -12.60
CA VAL C 162 -11.08 34.79 -12.89
C VAL C 162 -9.92 34.45 -13.80
N LYS C 163 -9.14 33.42 -13.44
CA LYS C 163 -8.00 33.02 -14.27
C LYS C 163 -8.46 32.10 -15.39
N LEU C 164 -8.06 32.43 -16.61
CA LEU C 164 -8.45 31.66 -17.77
C LEU C 164 -7.28 31.02 -18.49
N MSE C 165 -7.46 29.75 -18.83
CA MSE C 165 -6.46 28.97 -19.55
C MSE C 165 -7.16 28.14 -20.61
O MSE C 165 -8.13 27.43 -20.32
CB MSE C 165 -5.72 28.03 -18.58
CG MSE C 165 -4.77 27.05 -19.27
SE MSE C 165 -3.20 27.89 -20.05
CE MSE C 165 -2.17 28.06 -18.44
N GLY C 166 -6.69 28.26 -21.85
CA GLY C 166 -7.25 27.49 -22.93
C GLY C 166 -6.16 26.62 -23.51
N ARG C 167 -6.49 25.37 -23.83
CA ARG C 167 -5.50 24.45 -24.40
C ARG C 167 -6.08 23.76 -25.62
N ILE C 168 -5.24 23.62 -26.65
CA ILE C 168 -5.63 22.95 -27.90
C ILE C 168 -4.55 21.97 -28.30
N MSE C 169 -4.94 20.71 -28.48
CA MSE C 169 -4.02 19.67 -28.90
C MSE C 169 -3.44 19.97 -30.28
O MSE C 169 -4.16 20.47 -31.16
CB MSE C 169 -4.74 18.32 -28.94
CG MSE C 169 -4.15 17.32 -29.93
SE MSE C 169 -5.30 15.80 -30.23
CE MSE C 169 -4.89 14.81 -28.63
N ALA C 170 -2.15 19.70 -30.45
CA ALA C 170 -1.43 19.90 -31.71
C ALA C 170 -0.47 18.72 -31.74
N VAL C 171 -0.69 17.80 -32.68
CA VAL C 171 0.11 16.58 -32.78
C VAL C 171 1.50 16.65 -33.42
N ASN C 172 1.67 17.53 -34.39
CA ASN C 172 2.96 17.73 -35.03
C ASN C 172 2.99 19.17 -35.54
N ASP C 173 3.98 19.53 -36.35
CA ASP C 173 4.08 20.92 -36.82
C ASP C 173 2.99 21.35 -37.79
N GLU C 174 2.59 20.45 -38.69
CA GLU C 174 1.57 20.78 -39.67
C GLU C 174 0.22 20.88 -38.96
N ASP C 175 -0.04 19.92 -38.09
CA ASP C 175 -1.28 19.87 -37.33
C ASP C 175 -1.43 21.13 -36.49
N ALA C 176 -0.30 21.60 -35.94
CA ALA C 176 -0.28 22.81 -35.14
C ALA C 176 -0.79 24.01 -35.91
N LYS C 177 -0.59 24.00 -37.22
CA LYS C 177 -1.06 25.11 -38.06
C LYS C 177 -2.59 25.11 -38.03
N VAL C 178 -3.18 23.93 -38.08
CA VAL C 178 -4.64 23.80 -38.05
C VAL C 178 -5.13 24.27 -36.69
N ALA C 179 -4.48 23.79 -35.64
CA ALA C 179 -4.85 24.17 -34.28
C ALA C 179 -4.82 25.68 -34.10
N LEU C 180 -3.76 26.32 -34.61
CA LEU C 180 -3.61 27.75 -34.50
C LEU C 180 -4.75 28.50 -35.20
N ASN C 181 -5.22 27.98 -36.33
CA ASN C 181 -6.31 28.62 -37.05
C ASN C 181 -7.52 28.71 -36.13
N TYR C 182 -7.84 27.59 -35.49
CA TYR C 182 -8.98 27.55 -34.57
C TYR C 182 -8.75 28.52 -33.41
N MSE C 183 -7.58 28.40 -32.78
CA MSE C 183 -7.22 29.24 -31.64
C MSE C 183 -7.34 30.74 -31.92
O MSE C 183 -7.73 31.49 -31.03
CB MSE C 183 -5.80 28.91 -31.20
CG MSE C 183 -5.65 27.45 -30.83
SE MSE C 183 -3.89 27.06 -30.23
CE MSE C 183 -3.75 28.47 -28.91
N ASP C 184 -7.00 31.16 -33.13
CA ASP C 184 -7.10 32.58 -33.44
C ASP C 184 -8.54 33.02 -33.43
N GLN C 185 -9.47 32.05 -33.44
CA GLN C 185 -10.88 32.39 -33.41
C GLN C 185 -11.46 32.49 -31.99
N TRP C 186 -10.72 31.98 -30.99
CA TRP C 186 -11.18 32.10 -29.61
C TRP C 186 -11.21 33.60 -29.34
N ASN C 187 -12.14 34.06 -28.53
CA ASN C 187 -12.24 35.49 -28.27
C ASN C 187 -12.75 35.76 -26.86
N ILE C 188 -12.52 36.98 -26.38
CA ILE C 188 -12.97 37.42 -25.07
C ILE C 188 -13.57 38.79 -25.28
N ARG C 189 -14.81 38.97 -24.85
CA ARG C 189 -15.48 40.26 -25.00
C ARG C 189 -16.39 40.54 -23.82
N THR C 190 -16.46 41.78 -23.38
CA THR C 190 -17.36 42.15 -22.31
C THR C 190 -18.75 42.10 -22.95
N LEU C 191 -19.79 41.98 -22.13
CA LEU C 191 -21.15 41.93 -22.66
C LEU C 191 -21.44 43.11 -23.60
N SER C 192 -21.11 44.32 -23.16
CA SER C 192 -21.37 45.50 -23.98
C SER C 192 -20.66 45.43 -25.34
N GLU C 193 -19.41 44.99 -25.31
CA GLU C 193 -18.60 44.85 -26.53
C GLU C 193 -19.29 43.80 -27.41
N TYR C 194 -19.66 42.69 -26.79
CA TYR C 194 -20.33 41.59 -27.45
C TYR C 194 -21.59 42.07 -28.17
N LEU C 195 -22.35 42.95 -27.51
CA LEU C 195 -23.60 43.46 -28.08
C LEU C 195 -23.41 44.71 -28.94
N GLY C 196 -22.23 45.31 -28.89
CA GLY C 196 -21.99 46.53 -29.65
C GLY C 196 -22.78 47.68 -29.05
N LYS C 197 -22.86 47.70 -27.72
CA LYS C 197 -23.60 48.74 -26.99
C LYS C 197 -22.68 49.53 -26.07
N ASN C 198 -23.16 50.69 -25.61
CA ASN C 198 -22.42 51.52 -24.68
C ASN C 198 -22.23 50.67 -23.40
N GLY C 199 -21.00 50.61 -22.91
CA GLY C 199 -20.75 49.80 -21.73
C GLY C 199 -20.37 50.57 -20.49
N PRO C 200 -20.22 49.88 -19.35
CA PRO C 200 -19.86 50.53 -18.09
C PRO C 200 -18.38 50.86 -18.07
N LYS C 201 -18.01 51.75 -17.16
CA LYS C 201 -16.61 52.09 -17.00
C LYS C 201 -15.97 50.85 -16.36
N PRO C 202 -14.79 50.43 -16.85
CA PRO C 202 -14.14 49.26 -16.26
C PRO C 202 -13.75 49.60 -14.83
N VAL C 203 -13.85 48.62 -13.94
CA VAL C 203 -13.49 48.86 -12.54
C VAL C 203 -11.97 49.04 -12.43
N GLN C 204 -11.54 50.02 -11.67
CA GLN C 204 -10.11 50.27 -11.48
C GLN C 204 -9.76 50.00 -10.01
N ARG C 205 -8.83 49.08 -9.81
CA ARG C 205 -8.42 48.67 -8.49
C ARG C 205 -7.12 49.28 -8.00
N THR C 206 -6.98 49.36 -6.69
CA THR C 206 -5.76 49.85 -6.06
C THR C 206 -5.27 48.58 -5.37
N TYR C 207 -4.24 47.96 -5.93
CA TYR C 207 -3.73 46.71 -5.41
C TYR C 207 -2.75 46.77 -4.26
N PRO C 208 -2.98 45.97 -3.20
CA PRO C 208 -2.06 45.95 -2.05
C PRO C 208 -0.76 45.29 -2.53
N ASP C 209 0.38 45.85 -2.14
CA ASP C 209 1.67 45.30 -2.53
C ASP C 209 1.98 44.11 -1.61
N PRO C 210 2.07 42.90 -2.18
CA PRO C 210 2.37 41.76 -1.30
C PRO C 210 3.68 41.86 -0.51
N LYS C 211 4.62 42.69 -0.96
CA LYS C 211 5.89 42.77 -0.24
C LYS C 211 5.85 43.65 1.01
N LYS C 212 4.78 44.43 1.18
CA LYS C 212 4.66 45.29 2.35
C LYS C 212 3.27 45.32 2.96
N SER C 213 2.55 44.21 2.87
CA SER C 213 1.22 44.12 3.44
C SER C 213 1.12 42.84 4.26
N THR C 214 0.01 42.66 4.96
CA THR C 214 -0.21 41.45 5.76
C THR C 214 -1.13 40.54 4.95
N TRP C 215 -1.17 39.25 5.27
CA TRP C 215 -2.05 38.37 4.53
C TRP C 215 -3.50 38.79 4.81
N LEU C 216 -3.75 39.38 5.97
CA LEU C 216 -5.10 39.84 6.30
C LEU C 216 -5.58 40.89 5.30
N GLU C 217 -4.75 41.89 5.00
CA GLU C 217 -5.21 42.91 4.05
C GLU C 217 -5.39 42.36 2.65
N ARG C 218 -4.52 41.44 2.25
CA ARG C 218 -4.60 40.86 0.91
C ARG C 218 -5.86 40.00 0.77
N VAL C 219 -6.09 39.08 1.71
CA VAL C 219 -7.27 38.23 1.65
C VAL C 219 -8.54 39.06 1.74
N ASN C 220 -8.58 40.02 2.67
CA ASN C 220 -9.77 40.86 2.81
C ASN C 220 -10.00 41.67 1.55
N PHE C 221 -8.92 42.05 0.86
CA PHE C 221 -9.05 42.81 -0.37
C PHE C 221 -9.72 41.97 -1.46
N VAL C 222 -9.22 40.75 -1.65
CA VAL C 222 -9.78 39.86 -2.65
C VAL C 222 -11.24 39.48 -2.29
N LEU C 223 -11.47 39.20 -1.01
CA LEU C 223 -12.80 38.82 -0.53
C LEU C 223 -13.83 39.90 -0.89
N CYS C 224 -13.41 41.16 -0.78
CA CYS C 224 -14.29 42.29 -1.09
C CYS C 224 -14.71 42.33 -2.56
N ASP C 225 -13.79 41.95 -3.44
CA ASP C 225 -14.00 41.98 -4.89
C ASP C 225 -14.76 40.78 -5.48
N GLY C 226 -16.00 40.60 -5.02
CA GLY C 226 -16.84 39.50 -5.48
C GLY C 226 -17.79 39.10 -4.37
N SER C 227 -18.28 37.86 -4.40
CA SER C 227 -19.18 37.41 -3.36
C SER C 227 -18.65 36.19 -2.62
N MSE C 228 -17.33 36.01 -2.58
CA MSE C 228 -16.79 34.86 -1.88
C MSE C 228 -17.08 34.92 -0.38
O MSE C 228 -17.05 33.89 0.30
CB MSE C 228 -15.29 34.70 -2.14
CG MSE C 228 -14.99 34.14 -3.52
SE MSE C 228 -13.17 33.52 -3.80
CE MSE C 228 -12.26 35.10 -3.19
N GLY C 229 -17.34 36.12 0.12
CA GLY C 229 -17.66 36.25 1.52
C GLY C 229 -18.90 35.42 1.84
N ASN C 230 -19.84 35.39 0.90
CA ASN C 230 -21.07 34.62 1.09
C ASN C 230 -20.81 33.13 0.87
N ALA C 231 -20.01 32.79 -0.14
CA ALA C 231 -19.69 31.40 -0.42
C ALA C 231 -18.85 30.75 0.69
N ASP C 232 -18.02 31.55 1.35
CA ASP C 232 -17.15 31.06 2.43
C ASP C 232 -17.68 31.38 3.82
N LYS C 233 -18.96 31.71 3.92
CA LYS C 233 -19.55 32.08 5.19
C LYS C 233 -19.23 31.12 6.33
N GLN C 234 -19.22 29.82 6.06
CA GLN C 234 -18.94 28.86 7.12
C GLN C 234 -17.54 29.07 7.71
N TRP C 235 -16.58 29.46 6.87
CA TRP C 235 -15.22 29.68 7.35
C TRP C 235 -15.06 31.08 7.93
N LEU C 236 -15.57 32.09 7.21
CA LEU C 236 -15.45 33.47 7.66
C LEU C 236 -16.12 33.74 9.01
N ASP C 237 -17.22 33.04 9.32
CA ASP C 237 -17.87 33.24 10.61
C ASP C 237 -16.94 32.81 11.74
N LYS C 238 -16.18 31.76 11.49
CA LYS C 238 -15.24 31.23 12.48
C LYS C 238 -14.03 32.11 12.74
N TYR C 239 -13.55 32.79 11.70
CA TYR C 239 -12.34 33.58 11.83
C TYR C 239 -12.49 35.09 11.93
N GLN C 240 -13.69 35.57 12.22
CA GLN C 240 -13.89 37.01 12.31
C GLN C 240 -13.00 37.70 13.34
N SER C 241 -12.86 37.10 14.51
CA SER C 241 -12.04 37.69 15.55
C SER C 241 -10.59 37.86 15.11
N ILE C 242 -10.14 37.02 14.18
CA ILE C 242 -8.76 37.12 13.70
C ILE C 242 -8.56 38.33 12.79
N GLY C 243 -9.65 38.82 12.19
CA GLY C 243 -9.53 39.97 11.31
C GLY C 243 -9.84 39.66 9.86
N VAL C 244 -10.06 38.38 9.55
CA VAL C 244 -10.38 37.97 8.18
C VAL C 244 -11.84 38.33 7.94
N GLU C 245 -12.06 39.26 7.00
CA GLU C 245 -13.41 39.71 6.71
C GLU C 245 -13.39 40.55 5.44
N PRO C 246 -14.38 40.35 4.53
CA PRO C 246 -14.41 41.10 3.27
C PRO C 246 -14.37 42.61 3.45
N CYS C 247 -13.44 43.26 2.77
CA CYS C 247 -13.28 44.72 2.79
C CYS C 247 -12.69 45.34 4.07
N LYS C 248 -12.34 44.52 5.06
CA LYS C 248 -11.80 45.08 6.31
C LYS C 248 -10.34 45.53 6.17
N THR C 249 -10.06 46.76 6.60
CA THR C 249 -8.72 47.33 6.52
C THR C 249 -8.21 47.86 7.86
N ASP C 250 -9.09 47.93 8.86
CA ASP C 250 -8.67 48.40 10.18
C ASP C 250 -8.54 47.22 11.14
N PHE C 251 -7.38 47.10 11.76
CA PHE C 251 -7.11 46.00 12.66
C PHE C 251 -6.62 46.44 14.03
N THR C 252 -6.83 45.59 15.04
CA THR C 252 -6.35 45.87 16.38
C THR C 252 -4.94 45.28 16.43
N PRO C 253 -4.14 45.70 17.43
CA PRO C 253 -2.78 45.18 17.57
C PRO C 253 -2.82 43.66 17.73
N GLU C 254 -3.79 43.18 18.51
CA GLU C 254 -3.94 41.75 18.75
C GLU C 254 -4.17 40.98 17.44
N GLN C 255 -4.95 41.55 16.53
CA GLN C 255 -5.20 40.88 15.26
C GLN C 255 -3.91 40.83 14.42
N LEU C 256 -3.17 41.94 14.40
CA LEU C 256 -1.90 41.99 13.66
C LEU C 256 -0.98 40.91 14.22
N LYS C 257 -1.02 40.74 15.54
CA LYS C 257 -0.20 39.75 16.22
C LYS C 257 -0.63 38.33 15.85
N LEU C 258 -1.92 38.05 15.96
CA LEU C 258 -2.44 36.73 15.63
C LEU C 258 -2.20 36.42 14.14
N ALA C 259 -2.22 37.46 13.32
CA ALA C 259 -1.99 37.26 11.89
C ALA C 259 -0.59 36.72 11.63
N LYS C 260 0.41 37.32 12.27
CA LYS C 260 1.80 36.87 12.09
C LYS C 260 1.98 35.45 12.63
N VAL C 261 1.45 35.20 13.83
CA VAL C 261 1.54 33.88 14.46
C VAL C 261 0.83 32.82 13.62
N GLY C 262 -0.40 33.12 13.20
CA GLY C 262 -1.16 32.19 12.40
C GLY C 262 -0.45 31.84 11.11
N GLU C 263 0.19 32.81 10.48
CA GLU C 263 0.90 32.54 9.24
C GLU C 263 2.09 31.62 9.49
N LYS C 264 2.86 31.90 10.54
CA LYS C 264 4.03 31.07 10.85
C LYS C 264 3.61 29.63 11.09
N LYS C 265 2.67 29.40 12.02
CA LYS C 265 2.20 28.06 12.32
C LYS C 265 1.50 27.43 11.12
N GLY C 266 0.69 28.22 10.43
CA GLY C 266 -0.02 27.72 9.26
C GLY C 266 0.92 27.18 8.21
N MSE C 267 1.91 27.98 7.82
CA MSE C 267 2.87 27.54 6.82
C MSE C 267 3.61 26.28 7.26
O MSE C 267 3.80 25.37 6.45
CB MSE C 267 3.89 28.64 6.51
CG MSE C 267 3.46 29.59 5.41
SE MSE C 267 2.82 28.67 3.81
CE MSE C 267 4.35 27.55 3.42
N GLU C 268 4.03 26.23 8.51
CA GLU C 268 4.74 25.05 9.00
C GLU C 268 3.84 23.83 8.85
N HIS C 269 2.56 23.98 9.20
CA HIS C 269 1.63 22.87 9.09
C HIS C 269 1.48 22.38 7.65
N LEU C 270 1.44 23.31 6.70
CA LEU C 270 1.30 22.95 5.29
C LEU C 270 2.54 22.24 4.75
N VAL C 271 3.71 22.70 5.17
CA VAL C 271 4.95 22.08 4.74
C VAL C 271 5.00 20.65 5.28
N GLU C 272 4.65 20.48 6.55
CA GLU C 272 4.67 19.18 7.19
C GLU C 272 3.69 18.21 6.51
N LEU C 273 2.50 18.69 6.19
CA LEU C 273 1.45 17.88 5.57
C LEU C 273 1.67 17.52 4.10
N ALA C 274 2.31 18.41 3.34
CA ALA C 274 2.55 18.21 1.92
C ALA C 274 2.94 16.80 1.45
N PRO C 275 4.01 16.22 2.02
CA PRO C 275 4.41 14.87 1.56
C PRO C 275 3.42 13.74 1.76
N LYS C 276 2.40 13.95 2.60
CA LYS C 276 1.42 12.89 2.83
C LYS C 276 0.27 12.91 1.83
N MSE C 277 0.24 13.93 0.96
CA MSE C 277 -0.82 14.08 -0.04
C MSE C 277 -0.60 13.17 -1.24
O MSE C 277 0.42 13.28 -1.91
CB MSE C 277 -0.90 15.54 -0.50
CG MSE C 277 -1.08 16.56 0.63
SE MSE C 277 -2.76 16.42 1.59
CE MSE C 277 -2.19 15.17 2.97
N THR C 278 -1.56 12.30 -1.53
CA THR C 278 -1.41 11.38 -2.65
C THR C 278 -2.59 11.33 -3.63
N ASP C 279 -3.77 11.75 -3.17
CA ASP C 279 -4.99 11.74 -3.98
C ASP C 279 -5.31 13.13 -4.53
N ALA C 280 -4.94 13.38 -5.78
CA ALA C 280 -5.17 14.68 -6.41
C ALA C 280 -6.63 15.15 -6.36
N ARG C 281 -7.57 14.23 -6.26
CA ARG C 281 -8.99 14.58 -6.22
C ARG C 281 -9.40 15.31 -4.95
N THR C 282 -8.58 15.17 -3.91
CA THR C 282 -8.87 15.84 -2.65
C THR C 282 -8.19 17.20 -2.65
N LEU C 283 -7.39 17.47 -3.68
CA LEU C 283 -6.64 18.71 -3.77
C LEU C 283 -7.06 19.72 -4.83
N LEU C 284 -7.59 19.23 -5.94
CA LEU C 284 -8.01 20.11 -7.03
C LEU C 284 -9.43 19.77 -7.45
N GLY C 285 -10.28 20.78 -7.51
CA GLY C 285 -11.66 20.54 -7.90
C GLY C 285 -12.51 21.78 -7.90
N THR C 286 -13.81 21.61 -7.73
CA THR C 286 -14.75 22.71 -7.73
C THR C 286 -15.35 22.92 -6.35
N ARG C 287 -16.13 24.00 -6.21
CA ARG C 287 -16.77 24.29 -4.93
C ARG C 287 -17.72 23.16 -4.55
N ASP C 288 -18.22 22.44 -5.55
CA ASP C 288 -19.15 21.35 -5.28
C ASP C 288 -18.45 20.11 -4.75
N THR C 289 -17.20 19.93 -5.15
CA THR C 289 -16.43 18.78 -4.69
C THR C 289 -15.46 19.10 -3.56
N LEU C 290 -15.06 20.36 -3.43
CA LEU C 290 -14.12 20.74 -2.36
C LEU C 290 -14.56 21.89 -1.47
N GLY C 291 -15.72 22.47 -1.77
CA GLY C 291 -16.21 23.58 -0.97
C GLY C 291 -16.30 23.27 0.51
N ASP C 292 -16.58 22.02 0.83
CA ASP C 292 -16.71 21.60 2.23
C ASP C 292 -15.53 20.75 2.68
N ALA C 293 -14.48 20.68 1.88
CA ALA C 293 -13.31 19.89 2.23
C ALA C 293 -12.44 20.59 3.27
N PRO C 294 -11.64 19.81 4.02
CA PRO C 294 -10.74 20.35 5.06
C PRO C 294 -9.85 21.43 4.43
N ARG C 295 -9.74 22.58 5.10
CA ARG C 295 -8.94 23.67 4.57
C ARG C 295 -7.45 23.35 4.39
N ASP C 296 -6.84 22.60 5.31
CA ASP C 296 -5.42 22.32 5.12
C ASP C 296 -5.18 21.44 3.91
N ILE C 297 -6.09 20.50 3.67
CA ILE C 297 -5.97 19.64 2.50
C ILE C 297 -6.27 20.44 1.23
N PHE C 298 -7.33 21.24 1.25
CA PHE C 298 -7.65 22.06 0.09
C PHE C 298 -6.47 22.95 -0.26
N ALA C 299 -5.85 23.52 0.77
CA ALA C 299 -4.70 24.41 0.60
C ALA C 299 -3.50 23.73 -0.04
N GLU C 300 -3.36 22.42 0.14
CA GLU C 300 -2.24 21.69 -0.45
C GLU C 300 -2.37 21.67 -1.99
N GLY C 301 -3.58 21.85 -2.50
CA GLY C 301 -3.75 21.87 -3.94
C GLY C 301 -2.94 23.04 -4.49
N THR C 302 -2.98 24.16 -3.77
CA THR C 302 -2.23 25.35 -4.16
C THR C 302 -0.74 25.16 -3.89
N TYR C 303 -0.41 24.63 -2.71
CA TYR C 303 0.98 24.40 -2.34
C TYR C 303 1.68 23.44 -3.30
N LEU C 304 1.01 22.35 -3.64
CA LEU C 304 1.58 21.34 -4.53
C LEU C 304 1.34 21.52 -6.03
N GLY C 305 0.26 22.20 -6.41
CA GLY C 305 0.01 22.36 -7.83
C GLY C 305 -0.97 23.46 -8.19
N GLN C 306 -0.60 24.69 -7.86
CA GLN C 306 -1.46 25.85 -8.12
C GLN C 306 -1.92 25.94 -9.56
N TRP C 307 -3.20 26.26 -9.71
CA TRP C 307 -3.86 26.40 -11.02
C TRP C 307 -4.06 25.08 -11.78
N GLY C 308 -3.78 23.97 -11.10
CA GLY C 308 -3.93 22.67 -11.73
C GLY C 308 -5.37 22.29 -12.00
N LEU C 309 -5.56 21.45 -13.01
CA LEU C 309 -6.88 20.99 -13.42
C LEU C 309 -7.41 19.89 -12.50
N PRO C 310 -8.74 19.77 -12.40
CA PRO C 310 -9.24 18.69 -11.55
C PRO C 310 -8.74 17.41 -12.25
N PRO C 311 -8.36 16.38 -11.48
CA PRO C 311 -7.85 15.11 -12.02
C PRO C 311 -8.64 14.46 -13.13
N ILE C 312 -9.97 14.57 -13.08
CA ILE C 312 -10.79 13.97 -14.12
C ILE C 312 -10.54 14.60 -15.49
N GLU C 313 -10.10 15.84 -15.50
CA GLU C 313 -9.81 16.51 -16.77
C GLU C 313 -8.40 16.15 -17.19
N ALA C 314 -7.47 16.21 -16.24
CA ALA C 314 -6.07 15.91 -16.50
C ALA C 314 -5.34 15.49 -15.24
N SER C 315 -4.64 14.36 -15.31
CA SER C 315 -3.87 13.84 -14.20
C SER C 315 -2.45 13.67 -14.70
N TYR C 316 -1.50 13.47 -13.80
CA TYR C 316 -0.13 13.28 -14.23
C TYR C 316 0.66 12.43 -13.26
N ARG C 317 1.85 12.04 -13.71
CA ARG C 317 2.77 11.24 -12.92
C ARG C 317 4.15 11.68 -13.38
N LYS C 318 5.11 11.64 -12.46
CA LYS C 318 6.47 12.03 -12.79
C LYS C 318 7.45 10.93 -12.39
N SER C 319 8.46 10.72 -13.23
CA SER C 319 9.47 9.71 -12.97
C SER C 319 10.85 10.33 -13.13
N ASP C 320 11.63 10.27 -12.05
CA ASP C 320 12.99 10.82 -12.00
C ASP C 320 14.06 9.72 -11.94
N PHE C 321 13.66 8.50 -11.59
CA PHE C 321 14.60 7.40 -11.46
C PHE C 321 14.21 6.18 -12.28
N ASP C 322 15.19 5.31 -12.56
CA ASP C 322 14.88 4.09 -13.30
C ASP C 322 14.35 3.04 -12.33
N SER C 323 14.03 1.86 -12.84
CA SER C 323 13.45 0.80 -12.01
C SER C 323 14.30 0.27 -10.86
N ILE C 324 15.58 0.61 -10.83
CA ILE C 324 16.44 0.13 -9.75
C ILE C 324 16.86 1.23 -8.79
N GLY C 325 16.40 2.45 -9.06
CA GLY C 325 16.73 3.55 -8.18
C GLY C 325 17.81 4.52 -8.62
N GLN C 326 18.34 4.34 -9.83
CA GLN C 326 19.37 5.24 -10.32
C GLN C 326 18.73 6.43 -11.03
N LYS C 327 19.32 7.60 -10.88
CA LYS C 327 18.82 8.82 -11.52
C LYS C 327 18.77 8.63 -13.03
N LEU C 328 17.65 9.00 -13.64
CA LEU C 328 17.52 8.89 -15.09
C LEU C 328 18.53 9.86 -15.70
N ASP C 329 19.39 9.36 -16.58
CA ASP C 329 20.42 10.20 -17.19
C ASP C 329 20.78 9.67 -18.57
N GLY C 330 20.48 10.44 -19.62
CA GLY C 330 20.77 10.00 -20.96
C GLY C 330 22.24 9.87 -21.32
N SER C 331 23.12 10.46 -20.51
CA SER C 331 24.54 10.37 -20.78
C SER C 331 25.11 9.06 -20.27
N LYS C 332 24.30 8.32 -19.53
CA LYS C 332 24.74 7.06 -18.95
C LYS C 332 24.06 5.78 -19.44
N HIS C 333 22.81 5.88 -19.86
CA HIS C 333 22.09 4.69 -20.31
C HIS C 333 21.04 4.96 -21.37
N ASP C 334 20.59 3.87 -21.98
CA ASP C 334 19.50 3.90 -22.94
C ASP C 334 18.40 3.35 -22.03
N TYR C 335 17.15 3.72 -22.28
CA TYR C 335 16.06 3.23 -21.44
C TYR C 335 14.88 2.74 -22.27
N VAL C 336 13.99 1.99 -21.63
CA VAL C 336 12.81 1.50 -22.32
C VAL C 336 11.63 1.36 -21.38
N MSE C 337 10.45 1.71 -21.90
CA MSE C 337 9.18 1.61 -21.16
C MSE C 337 8.25 0.76 -22.01
O MSE C 337 8.13 0.98 -23.21
CB MSE C 337 8.50 2.96 -20.99
CG MSE C 337 9.15 3.96 -20.06
SE MSE C 337 8.06 5.58 -20.09
CE MSE C 337 6.63 5.00 -18.95
N ARG C 338 7.60 -0.20 -21.38
CA ARG C 338 6.66 -1.07 -22.07
C ARG C 338 5.45 -1.18 -21.16
N PHE C 339 4.28 -0.85 -21.68
CA PHE C 339 3.09 -0.88 -20.84
C PHE C 339 1.77 -0.96 -21.60
N LYS C 340 0.74 -1.45 -20.92
CA LYS C 340 -0.59 -1.52 -21.50
C LYS C 340 -1.05 -0.07 -21.54
N ALA C 341 -1.98 0.25 -22.42
CA ALA C 341 -2.49 1.62 -22.52
C ALA C 341 -3.20 1.97 -21.23
N PRO C 342 -2.98 3.19 -20.74
CA PRO C 342 -3.65 3.61 -19.50
C PRO C 342 -5.10 3.89 -19.80
N ASN C 343 -5.96 3.69 -18.81
CA ASN C 343 -7.38 3.93 -18.99
C ASN C 343 -7.74 5.40 -18.98
N VAL C 344 -7.78 5.97 -20.18
CA VAL C 344 -8.15 7.38 -20.35
C VAL C 344 -9.14 7.46 -21.51
N SER C 345 -10.02 8.46 -21.44
CA SER C 345 -11.04 8.62 -22.48
C SER C 345 -10.56 9.45 -23.66
N GLU C 346 -9.60 10.34 -23.43
CA GLU C 346 -9.12 11.20 -24.49
C GLU C 346 -7.75 10.79 -25.04
N PHE C 347 -6.69 11.02 -24.26
CA PHE C 347 -5.36 10.63 -24.72
C PHE C 347 -4.34 10.70 -23.59
N TRP C 348 -3.13 10.22 -23.85
CA TRP C 348 -2.06 10.26 -22.86
C TRP C 348 -0.74 10.58 -23.55
N SER C 349 0.25 10.97 -22.76
CA SER C 349 1.56 11.33 -23.30
C SER C 349 2.64 11.22 -22.22
N VAL C 350 3.89 11.15 -22.66
CA VAL C 350 5.03 11.12 -21.74
C VAL C 350 6.01 12.09 -22.38
N THR C 351 6.42 13.08 -21.59
CA THR C 351 7.31 14.13 -22.06
C THR C 351 8.63 14.13 -21.28
N ILE C 352 9.72 14.45 -21.98
CA ILE C 352 11.04 14.47 -21.36
C ILE C 352 11.53 15.87 -21.02
N TYR C 353 11.93 16.08 -19.78
CA TYR C 353 12.45 17.36 -19.30
C TYR C 353 13.81 17.17 -18.66
N GLY C 354 14.69 18.15 -18.81
CA GLY C 354 16.01 18.07 -18.19
C GLY C 354 15.84 18.52 -16.74
N ASN C 355 16.60 17.92 -15.83
CA ASN C 355 16.48 18.32 -14.42
C ASN C 355 17.03 19.70 -14.13
N ASP C 356 18.13 20.05 -14.78
CA ASP C 356 18.77 21.35 -14.57
C ASP C 356 17.84 22.56 -14.70
N ASN C 357 17.21 22.71 -15.86
CA ASN C 357 16.32 23.85 -16.11
C ASN C 357 14.83 23.54 -16.06
N ARG C 358 14.47 22.26 -16.06
CA ARG C 358 13.07 21.85 -16.03
C ARG C 358 12.38 22.22 -17.34
N LEU C 359 13.16 22.27 -18.41
CA LEU C 359 12.63 22.60 -19.74
C LEU C 359 12.85 21.40 -20.65
N MSE C 360 12.16 21.36 -21.77
CA MSE C 360 12.36 20.27 -22.71
C MSE C 360 13.78 20.41 -23.22
O MSE C 360 14.38 21.48 -23.09
CB MSE C 360 11.35 20.36 -23.85
CG MSE C 360 9.99 19.82 -23.45
SE MSE C 360 8.62 19.99 -24.80
CE MSE C 360 7.24 20.78 -23.70
N ALA C 361 14.35 19.35 -23.80
CA ALA C 361 15.73 19.41 -24.24
C ALA C 361 15.96 19.30 -25.74
N LYS C 362 16.88 20.14 -26.24
CA LYS C 362 17.24 20.18 -27.64
C LYS C 362 17.74 18.86 -28.20
N ASN C 363 17.25 18.52 -29.39
CA ASN C 363 17.65 17.31 -30.09
C ASN C 363 17.18 17.48 -31.53
N ASP C 364 18.02 17.05 -32.47
CA ASP C 364 17.74 17.18 -33.89
C ASP C 364 16.32 16.87 -34.38
N LEU C 365 15.70 15.85 -33.81
CA LEU C 365 14.34 15.45 -34.18
C LEU C 365 13.34 16.45 -33.64
N ASN C 366 13.79 17.23 -32.67
CA ASN C 366 12.95 18.21 -31.99
C ASN C 366 11.67 17.49 -31.60
N ARG C 367 11.87 16.32 -31.02
CA ARG C 367 10.79 15.46 -30.53
C ARG C 367 11.00 15.44 -29.03
N HIS C 368 9.93 15.69 -28.27
CA HIS C 368 10.06 15.75 -26.83
C HIS C 368 9.03 14.92 -26.09
N SER C 369 8.09 14.33 -26.82
CA SER C 369 7.05 13.53 -26.21
C SER C 369 6.61 12.41 -27.13
N ARG C 370 5.88 11.45 -26.56
CA ARG C 370 5.34 10.32 -27.30
C ARG C 370 4.03 9.99 -26.60
N GLY C 371 3.05 9.50 -27.36
CA GLY C 371 1.76 9.17 -26.78
C GLY C 371 0.94 8.32 -27.72
N ASP C 372 -0.31 8.05 -27.35
CA ASP C 372 -1.17 7.23 -28.19
C ASP C 372 -1.51 7.88 -29.53
N ARG C 373 -1.28 9.18 -29.67
CA ARG C 373 -1.57 9.87 -30.93
C ARG C 373 -0.37 9.87 -31.87
N THR C 374 0.77 9.35 -31.41
CA THR C 374 1.96 9.28 -32.23
C THR C 374 2.56 7.89 -32.27
N MSE C 375 1.99 6.97 -31.50
CA MSE C 375 2.47 5.59 -31.47
C MSE C 375 1.33 4.59 -31.62
O MSE C 375 0.17 4.92 -31.37
CB MSE C 375 3.15 5.27 -30.13
CG MSE C 375 4.32 6.13 -29.73
SE MSE C 375 5.22 5.33 -28.21
CE MSE C 375 3.92 5.64 -26.84
N LYS C 376 1.67 3.38 -32.03
CA LYS C 376 0.70 2.30 -32.15
C LYS C 376 1.21 1.17 -31.27
N ALA C 377 0.29 0.51 -30.57
CA ALA C 377 0.69 -0.58 -29.70
C ALA C 377 1.20 -1.76 -30.51
N ASP C 378 1.59 -2.82 -29.80
CA ASP C 378 2.08 -4.04 -30.44
C ASP C 378 0.85 -4.94 -30.56
N LYS C 379 1.02 -6.12 -31.15
CA LYS C 379 -0.09 -7.05 -31.30
C LYS C 379 -0.76 -7.38 -29.97
N ASP C 380 0.02 -7.33 -28.89
CA ASP C 380 -0.52 -7.61 -27.57
C ASP C 380 -1.12 -6.34 -26.95
N GLY C 381 -1.13 -5.26 -27.71
CA GLY C 381 -1.69 -4.01 -27.23
C GLY C 381 -0.82 -3.25 -26.24
N TYR C 382 0.47 -3.55 -26.24
CA TYR C 382 1.41 -2.85 -25.37
C TYR C 382 2.11 -1.77 -26.15
N TYR C 383 2.48 -0.69 -25.47
CA TYR C 383 3.22 0.37 -26.13
C TYR C 383 4.65 0.21 -25.64
N THR C 384 5.61 0.53 -26.47
CA THR C 384 7.02 0.43 -26.09
C THR C 384 7.74 1.69 -26.50
N ILE C 385 8.25 2.42 -25.50
CA ILE C 385 8.97 3.65 -25.75
C ILE C 385 10.46 3.38 -25.56
N TYR C 386 11.25 3.64 -26.59
CA TYR C 386 12.69 3.45 -26.47
C TYR C 386 13.33 4.82 -26.38
N MSE C 387 14.18 5.00 -25.38
CA MSE C 387 14.83 6.28 -25.16
C MSE C 387 16.35 6.20 -25.26
O MSE C 387 16.97 5.26 -24.76
CB MSE C 387 14.45 6.82 -23.79
CG MSE C 387 12.98 7.20 -23.67
SE MSE C 387 12.44 7.34 -21.83
CE MSE C 387 11.96 5.50 -21.54
N SER C 388 16.93 7.22 -25.89
CA SER C 388 18.37 7.31 -26.05
C SER C 388 18.78 8.70 -26.51
N ALA C 389 20.05 9.02 -26.33
CA ALA C 389 20.57 10.31 -26.78
C ALA C 389 21.08 10.12 -28.21
N ASN C 390 21.19 8.86 -28.63
CA ASN C 390 21.65 8.56 -29.98
C ASN C 390 20.41 8.39 -30.87
N GLU C 391 20.09 9.44 -31.61
CA GLU C 391 18.93 9.47 -32.47
C GLU C 391 19.18 9.21 -33.96
N LYS C 392 20.24 8.48 -34.28
CA LYS C 392 20.55 8.22 -35.69
C LYS C 392 19.71 7.13 -36.34
N GLY C 393 19.05 7.49 -37.45
CA GLY C 393 18.19 6.57 -38.17
C GLY C 393 16.87 6.37 -37.44
N ARG C 394 16.60 7.28 -36.51
CA ARG C 394 15.39 7.22 -35.70
C ARG C 394 14.30 8.21 -36.08
N ALA C 395 14.32 8.71 -37.31
CA ALA C 395 13.29 9.63 -37.73
C ALA C 395 12.02 8.84 -38.03
N ASP C 396 12.19 7.65 -38.59
CA ASP C 396 11.07 6.80 -38.94
C ASP C 396 10.57 5.91 -37.81
N ASP C 397 11.20 5.99 -36.64
CA ASP C 397 10.75 5.19 -35.51
C ASP C 397 9.77 6.02 -34.70
N PRO C 398 8.47 5.72 -34.81
CA PRO C 398 7.44 6.46 -34.07
C PRO C 398 7.49 6.19 -32.57
N ASN C 399 8.20 5.14 -32.18
CA ASN C 399 8.32 4.77 -30.77
C ASN C 399 9.64 5.20 -30.14
N PHE C 400 10.43 5.97 -30.86
CA PHE C 400 11.68 6.45 -30.31
C PHE C 400 11.48 7.83 -29.70
N LEU C 401 11.92 7.98 -28.45
CA LEU C 401 11.80 9.27 -27.78
C LEU C 401 13.19 9.69 -27.36
N PRO C 402 13.71 10.78 -27.95
CA PRO C 402 15.04 11.29 -27.64
C PRO C 402 15.15 11.66 -26.17
N VAL C 403 16.35 11.49 -25.62
CA VAL C 403 16.61 11.82 -24.22
C VAL C 403 17.98 12.50 -24.18
N PRO C 404 18.09 13.63 -23.44
CA PRO C 404 19.31 14.41 -23.31
C PRO C 404 20.49 13.71 -22.63
N GLU C 405 21.70 14.15 -22.97
CA GLU C 405 22.90 13.56 -22.37
C GLU C 405 23.14 14.19 -21.00
N LYS C 406 22.13 14.09 -20.15
CA LYS C 406 22.18 14.64 -18.80
C LYS C 406 21.01 14.11 -18.00
N PRO C 407 20.99 14.37 -16.69
CA PRO C 407 19.88 13.89 -15.85
C PRO C 407 18.57 14.48 -16.38
N PHE C 408 17.57 13.63 -16.54
CA PHE C 408 16.28 14.09 -17.05
C PHE C 408 15.16 13.41 -16.27
N TYR C 409 13.94 13.88 -16.48
CA TYR C 409 12.80 13.25 -15.84
C TYR C 409 11.69 13.17 -16.87
N ALA C 410 10.70 12.32 -16.61
CA ALA C 410 9.61 12.13 -17.54
C ALA C 410 8.28 12.40 -16.86
N ILE C 411 7.40 13.08 -17.58
CA ILE C 411 6.08 13.42 -17.07
C ILE C 411 5.03 12.74 -17.94
N MSE C 412 4.21 11.89 -17.35
CA MSE C 412 3.16 11.22 -18.09
C MSE C 412 1.87 11.97 -17.78
O MSE C 412 1.55 12.22 -16.61
CB MSE C 412 3.05 9.76 -17.68
CG MSE C 412 2.14 8.93 -18.57
SE MSE C 412 2.38 7.02 -18.31
CE MSE C 412 1.89 6.40 -20.07
N ARG C 413 1.13 12.34 -18.82
CA ARG C 413 -0.12 13.06 -18.63
C ARG C 413 -1.29 12.22 -19.10
N PHE C 414 -2.39 12.32 -18.36
CA PHE C 414 -3.60 11.56 -18.65
C PHE C 414 -4.80 12.47 -18.77
N TYR C 415 -5.44 12.47 -19.93
CA TYR C 415 -6.61 13.29 -20.16
C TYR C 415 -7.85 12.40 -20.22
N GLY C 416 -8.75 12.57 -19.26
CA GLY C 416 -9.95 11.76 -19.22
C GLY C 416 -9.66 10.45 -18.49
N ALA C 417 -8.77 10.54 -17.51
CA ALA C 417 -8.36 9.38 -16.72
C ALA C 417 -9.47 8.79 -15.88
N ASP C 418 -9.37 7.50 -15.58
CA ASP C 418 -10.37 6.83 -14.76
C ASP C 418 -10.05 7.05 -13.28
N ASP C 419 -10.90 6.54 -12.40
CA ASP C 419 -10.70 6.71 -10.96
C ASP C 419 -9.33 6.36 -10.42
N ALA C 420 -8.81 5.21 -10.82
CA ALA C 420 -7.51 4.75 -10.34
C ALA C 420 -6.37 5.71 -10.64
N ILE C 421 -6.41 6.32 -11.83
CA ILE C 421 -5.37 7.27 -12.18
C ILE C 421 -5.57 8.56 -11.38
N GLN C 422 -6.80 9.07 -11.37
CA GLN C 422 -7.15 10.29 -10.64
C GLN C 422 -6.74 10.27 -9.17
N SER C 423 -7.03 9.15 -8.51
CA SER C 423 -6.77 8.96 -7.09
C SER C 423 -5.33 8.75 -6.68
N GLY C 424 -4.44 8.56 -7.65
CA GLY C 424 -3.05 8.33 -7.31
C GLY C 424 -2.72 6.83 -7.17
N GLU C 425 -3.75 5.98 -7.26
CA GLU C 425 -3.57 4.53 -7.14
C GLU C 425 -2.70 3.97 -8.28
N TYR C 426 -3.07 4.31 -9.52
CA TYR C 426 -2.33 3.85 -10.68
C TYR C 426 -0.88 4.32 -10.62
N GLN C 427 0.05 3.41 -10.87
CA GLN C 427 1.46 3.74 -10.84
C GLN C 427 2.00 3.87 -12.26
N MSE C 428 2.86 4.86 -12.46
CA MSE C 428 3.44 5.09 -13.77
C MSE C 428 4.33 3.90 -14.17
O MSE C 428 5.06 3.36 -13.33
CB MSE C 428 4.30 6.35 -13.74
CG MSE C 428 4.76 6.78 -15.11
SE MSE C 428 5.76 8.39 -14.95
CE MSE C 428 6.92 8.18 -16.48
N PRO C 429 4.29 3.48 -15.44
CA PRO C 429 5.11 2.35 -15.91
C PRO C 429 6.57 2.63 -15.56
N GLU C 430 7.31 1.59 -15.19
CA GLU C 430 8.70 1.75 -14.84
C GLU C 430 9.56 2.03 -16.05
N ILE C 431 10.69 2.69 -15.83
CA ILE C 431 11.64 3.01 -16.88
C ILE C 431 12.86 2.15 -16.59
N LYS C 432 13.15 1.22 -17.50
CA LYS C 432 14.25 0.30 -17.33
C LYS C 432 15.48 0.60 -18.16
N VAL C 433 16.65 0.34 -17.58
CA VAL C 433 17.90 0.53 -18.28
C VAL C 433 17.95 -0.59 -19.34
N VAL C 434 18.42 -0.25 -20.53
CA VAL C 434 18.56 -1.23 -21.60
C VAL C 434 19.98 -1.79 -21.57
N LYS C 435 20.10 -3.09 -21.37
CA LYS C 435 21.41 -3.74 -21.31
C LYS C 435 22.01 -3.92 -22.71
#